data_2OIL
# 
_entry.id   2OIL 
# 
_audit_conform.dict_name       mmcif_pdbx.dic 
_audit_conform.dict_version    5.377 
_audit_conform.dict_location   http://mmcif.pdb.org/dictionaries/ascii/mmcif_pdbx.dic 
# 
loop_
_database_2.database_id 
_database_2.database_code 
_database_2.pdbx_database_accession 
_database_2.pdbx_DOI 
PDB   2OIL         pdb_00002oil 10.2210/pdb2oil/pdb 
RCSB  RCSB041180   ?            ?                   
WWPDB D_1000041180 ?            ?                   
# 
_pdbx_database_status.entry_id                        2OIL 
_pdbx_database_status.deposit_site                    RCSB 
_pdbx_database_status.process_site                    RCSB 
_pdbx_database_status.recvd_initial_deposition_date   2007-01-11 
_pdbx_database_status.status_code                     REL 
_pdbx_database_status.status_code_sf                  REL 
_pdbx_database_status.status_code_mr                  ? 
_pdbx_database_status.SG_entry                        Y 
_pdbx_database_status.pdb_format_compatible           Y 
_pdbx_database_status.status_code_cs                  ? 
_pdbx_database_status.methods_development_category    ? 
_pdbx_database_status.status_code_nmr_data            ? 
# 
loop_
_audit_author.name 
_audit_author.pdbx_ordinal 
'Zhu, H.'                              1  
'Wang, J.'                             2  
'Shen, Y.'                             3  
'Tempel, W.'                           4  
'Landry, R.'                           5  
'Arrowsmith, C.H.'                     6  
'Edwards, A.M.'                        7  
'Sundstrom, M.'                        8  
'Weigelt, J.'                          9  
'Bochkarev, A.'                        10 
'Park, H.'                             11 
'Structural Genomics Consortium (SGC)' 12 
# 
_citation.id                        primary 
_citation.title                     'Crystal structure of human RAB25 in complex with GDP' 
_citation.journal_abbrev            'To be Published' 
_citation.journal_volume            ? 
_citation.page_first                ? 
_citation.page_last                 ? 
_citation.year                      ? 
_citation.journal_id_ASTM           ? 
_citation.country                   ? 
_citation.journal_id_ISSN           ? 
_citation.journal_id_CSD            0353 
_citation.book_publisher            ? 
_citation.pdbx_database_id_PubMed   ? 
_citation.pdbx_database_id_DOI      ? 
# 
loop_
_citation_author.citation_id 
_citation_author.name 
_citation_author.ordinal 
_citation_author.identifier_ORCID 
primary 'Zhu, H.'          1  ? 
primary 'Wang, J.'         2  ? 
primary 'Shen, Y.'         3  ? 
primary 'Tempel, W.'       4  ? 
primary 'Landry, R.'       5  ? 
primary 'Arrowsmith, C.H.' 6  ? 
primary 'Edwards, A.M.'    7  ? 
primary 'Sundstrom, M.'    8  ? 
primary 'Weigelt, J.'      9  ? 
primary 'Bochkarev, A.'    10 ? 
primary 'Park, H.'         11 ? 
# 
_cell.length_a           90.250 
_cell.length_b           90.250 
_cell.length_c           45.598 
_cell.angle_alpha        90.00 
_cell.angle_beta         90.00 
_cell.angle_gamma        90.00 
_cell.entry_id           2OIL 
_cell.pdbx_unique_axis   ? 
_cell.Z_PDB              8 
_cell.length_a_esd       ? 
_cell.length_b_esd       ? 
_cell.length_c_esd       ? 
_cell.angle_alpha_esd    ? 
_cell.angle_beta_esd     ? 
_cell.angle_gamma_esd    ? 
# 
_symmetry.space_group_name_H-M             'P 43 21 2' 
_symmetry.Int_Tables_number                96 
_symmetry.entry_id                         2OIL 
_symmetry.pdbx_full_space_group_name_H-M   ? 
_symmetry.cell_setting                     ? 
_symmetry.space_group_name_Hall            ? 
# 
loop_
_entity.id 
_entity.type 
_entity.src_method 
_entity.pdbx_description 
_entity.formula_weight 
_entity.pdbx_number_of_molecules 
_entity.pdbx_ec 
_entity.pdbx_mutation 
_entity.pdbx_fragment 
_entity.details 
1 polymer     man 'Ras-related protein Rab-25' 21551.324 1  ? ? ? ? 
2 non-polymer syn 'MAGNESIUM ION'              24.305    1  ? ? ? ? 
3 non-polymer syn "GUANOSINE-5'-DIPHOSPHATE"   443.201   1  ? ? ? ? 
4 non-polymer syn 'UNKNOWN ATOM OR ION'        ?         1  ? ? ? ? 
5 water       nat water                        18.015    18 ? ? ? ? 
# 
_entity_name_com.entity_id   1 
_entity_name_com.name        CATX-8 
# 
_entity_poly.entity_id                      1 
_entity_poly.type                           'polypeptide(L)' 
_entity_poly.nstd_linkage                   no 
_entity_poly.nstd_monomer                   no 
_entity_poly.pdbx_seq_one_letter_code       
;MGSSHHHHHHSSGLVPRGSEDYNFVFKVVLIGESGVGKTNLLSRFTRNEFSHDSRTTIGVEFSTRTVMLGTAAVKAQIWD
TAGLERYRAITSAYYRGAVGALLVFDLTKHQTYAVVERWLKELYDHAEATIVVMLVGNKSDLSQAREVPTEEARMFAENN
GLLFLETSALDSTNVELAFETVLKEIFAKVSKQ
;
_entity_poly.pdbx_seq_one_letter_code_can   
;MGSSHHHHHHSSGLVPRGSEDYNFVFKVVLIGESGVGKTNLLSRFTRNEFSHDSRTTIGVEFSTRTVMLGTAAVKAQIWD
TAGLERYRAITSAYYRGAVGALLVFDLTKHQTYAVVERWLKELYDHAEATIVVMLVGNKSDLSQAREVPTEEARMFAENN
GLLFLETSALDSTNVELAFETVLKEIFAKVSKQ
;
_entity_poly.pdbx_strand_id                 A 
_entity_poly.pdbx_target_identifier         ? 
# 
loop_
_entity_poly_seq.entity_id 
_entity_poly_seq.num 
_entity_poly_seq.mon_id 
_entity_poly_seq.hetero 
1 1   MET n 
1 2   GLY n 
1 3   SER n 
1 4   SER n 
1 5   HIS n 
1 6   HIS n 
1 7   HIS n 
1 8   HIS n 
1 9   HIS n 
1 10  HIS n 
1 11  SER n 
1 12  SER n 
1 13  GLY n 
1 14  LEU n 
1 15  VAL n 
1 16  PRO n 
1 17  ARG n 
1 18  GLY n 
1 19  SER n 
1 20  GLU n 
1 21  ASP n 
1 22  TYR n 
1 23  ASN n 
1 24  PHE n 
1 25  VAL n 
1 26  PHE n 
1 27  LYS n 
1 28  VAL n 
1 29  VAL n 
1 30  LEU n 
1 31  ILE n 
1 32  GLY n 
1 33  GLU n 
1 34  SER n 
1 35  GLY n 
1 36  VAL n 
1 37  GLY n 
1 38  LYS n 
1 39  THR n 
1 40  ASN n 
1 41  LEU n 
1 42  LEU n 
1 43  SER n 
1 44  ARG n 
1 45  PHE n 
1 46  THR n 
1 47  ARG n 
1 48  ASN n 
1 49  GLU n 
1 50  PHE n 
1 51  SER n 
1 52  HIS n 
1 53  ASP n 
1 54  SER n 
1 55  ARG n 
1 56  THR n 
1 57  THR n 
1 58  ILE n 
1 59  GLY n 
1 60  VAL n 
1 61  GLU n 
1 62  PHE n 
1 63  SER n 
1 64  THR n 
1 65  ARG n 
1 66  THR n 
1 67  VAL n 
1 68  MET n 
1 69  LEU n 
1 70  GLY n 
1 71  THR n 
1 72  ALA n 
1 73  ALA n 
1 74  VAL n 
1 75  LYS n 
1 76  ALA n 
1 77  GLN n 
1 78  ILE n 
1 79  TRP n 
1 80  ASP n 
1 81  THR n 
1 82  ALA n 
1 83  GLY n 
1 84  LEU n 
1 85  GLU n 
1 86  ARG n 
1 87  TYR n 
1 88  ARG n 
1 89  ALA n 
1 90  ILE n 
1 91  THR n 
1 92  SER n 
1 93  ALA n 
1 94  TYR n 
1 95  TYR n 
1 96  ARG n 
1 97  GLY n 
1 98  ALA n 
1 99  VAL n 
1 100 GLY n 
1 101 ALA n 
1 102 LEU n 
1 103 LEU n 
1 104 VAL n 
1 105 PHE n 
1 106 ASP n 
1 107 LEU n 
1 108 THR n 
1 109 LYS n 
1 110 HIS n 
1 111 GLN n 
1 112 THR n 
1 113 TYR n 
1 114 ALA n 
1 115 VAL n 
1 116 VAL n 
1 117 GLU n 
1 118 ARG n 
1 119 TRP n 
1 120 LEU n 
1 121 LYS n 
1 122 GLU n 
1 123 LEU n 
1 124 TYR n 
1 125 ASP n 
1 126 HIS n 
1 127 ALA n 
1 128 GLU n 
1 129 ALA n 
1 130 THR n 
1 131 ILE n 
1 132 VAL n 
1 133 VAL n 
1 134 MET n 
1 135 LEU n 
1 136 VAL n 
1 137 GLY n 
1 138 ASN n 
1 139 LYS n 
1 140 SER n 
1 141 ASP n 
1 142 LEU n 
1 143 SER n 
1 144 GLN n 
1 145 ALA n 
1 146 ARG n 
1 147 GLU n 
1 148 VAL n 
1 149 PRO n 
1 150 THR n 
1 151 GLU n 
1 152 GLU n 
1 153 ALA n 
1 154 ARG n 
1 155 MET n 
1 156 PHE n 
1 157 ALA n 
1 158 GLU n 
1 159 ASN n 
1 160 ASN n 
1 161 GLY n 
1 162 LEU n 
1 163 LEU n 
1 164 PHE n 
1 165 LEU n 
1 166 GLU n 
1 167 THR n 
1 168 SER n 
1 169 ALA n 
1 170 LEU n 
1 171 ASP n 
1 172 SER n 
1 173 THR n 
1 174 ASN n 
1 175 VAL n 
1 176 GLU n 
1 177 LEU n 
1 178 ALA n 
1 179 PHE n 
1 180 GLU n 
1 181 THR n 
1 182 VAL n 
1 183 LEU n 
1 184 LYS n 
1 185 GLU n 
1 186 ILE n 
1 187 PHE n 
1 188 ALA n 
1 189 LYS n 
1 190 VAL n 
1 191 SER n 
1 192 LYS n 
1 193 GLN n 
# 
_entity_src_gen.entity_id                          1 
_entity_src_gen.pdbx_src_id                        1 
_entity_src_gen.pdbx_alt_source_flag               sample 
_entity_src_gen.pdbx_seq_type                      ? 
_entity_src_gen.pdbx_beg_seq_num                   ? 
_entity_src_gen.pdbx_end_seq_num                   ? 
_entity_src_gen.gene_src_common_name               human 
_entity_src_gen.gene_src_genus                     Homo 
_entity_src_gen.pdbx_gene_src_gene                 'RAB25, CATX8' 
_entity_src_gen.gene_src_species                   ? 
_entity_src_gen.gene_src_strain                    ? 
_entity_src_gen.gene_src_tissue                    ? 
_entity_src_gen.gene_src_tissue_fraction           ? 
_entity_src_gen.gene_src_details                   ? 
_entity_src_gen.pdbx_gene_src_fragment             ? 
_entity_src_gen.pdbx_gene_src_scientific_name      'Homo sapiens' 
_entity_src_gen.pdbx_gene_src_ncbi_taxonomy_id     9606 
_entity_src_gen.pdbx_gene_src_variant              ? 
_entity_src_gen.pdbx_gene_src_cell_line            ? 
_entity_src_gen.pdbx_gene_src_atcc                 ? 
_entity_src_gen.pdbx_gene_src_organ                ? 
_entity_src_gen.pdbx_gene_src_organelle            ? 
_entity_src_gen.pdbx_gene_src_cell                 ? 
_entity_src_gen.pdbx_gene_src_cellular_location    ? 
_entity_src_gen.host_org_common_name               ? 
_entity_src_gen.pdbx_host_org_scientific_name      'Escherichia coli' 
_entity_src_gen.pdbx_host_org_ncbi_taxonomy_id     562 
_entity_src_gen.host_org_genus                     Escherichia 
_entity_src_gen.pdbx_host_org_gene                 ? 
_entity_src_gen.pdbx_host_org_organ                ? 
_entity_src_gen.host_org_species                   ? 
_entity_src_gen.pdbx_host_org_tissue               ? 
_entity_src_gen.pdbx_host_org_tissue_fraction      ? 
_entity_src_gen.pdbx_host_org_strain               'BL21-CodonPlus (DE-3)-RIL' 
_entity_src_gen.pdbx_host_org_variant              ? 
_entity_src_gen.pdbx_host_org_cell_line            ? 
_entity_src_gen.pdbx_host_org_atcc                 ? 
_entity_src_gen.pdbx_host_org_culture_collection   ? 
_entity_src_gen.pdbx_host_org_cell                 ? 
_entity_src_gen.pdbx_host_org_organelle            ? 
_entity_src_gen.pdbx_host_org_cellular_location    ? 
_entity_src_gen.pdbx_host_org_vector_type          plasmid 
_entity_src_gen.pdbx_host_org_vector               ? 
_entity_src_gen.host_org_details                   ? 
_entity_src_gen.expression_system_id               ? 
_entity_src_gen.plasmid_name                       p28a-thrombin-LIC 
_entity_src_gen.plasmid_details                    ? 
_entity_src_gen.pdbx_description                   ? 
# 
_struct_ref.id                         1 
_struct_ref.db_name                    UNP 
_struct_ref.db_code                    RAB25_HUMAN 
_struct_ref.pdbx_db_accession          P57735 
_struct_ref.entity_id                  1 
_struct_ref.pdbx_seq_one_letter_code   
;EDYNFVFKVVLIGESGVGKTNLLSRFTRNEFSHDSRTTIGVEFSTRTVMLGTAAVKAQIWDTAGLERYRAITSAYYRGAV
GALLVFDLTKHQTYAVVERWLKELYDHAEATIVVMLVGNKSDLSQAREVPTEEARMFAENNGLLFLETSALDSTNVELAF
ETVLKEIFAKVSKQ
;
_struct_ref.pdbx_align_begin           7 
_struct_ref.pdbx_db_isoform            ? 
# 
_struct_ref_seq.align_id                      1 
_struct_ref_seq.ref_id                        1 
_struct_ref_seq.pdbx_PDB_id_code              2OIL 
_struct_ref_seq.pdbx_strand_id                A 
_struct_ref_seq.seq_align_beg                 20 
_struct_ref_seq.pdbx_seq_align_beg_ins_code   ? 
_struct_ref_seq.seq_align_end                 193 
_struct_ref_seq.pdbx_seq_align_end_ins_code   ? 
_struct_ref_seq.pdbx_db_accession             P57735 
_struct_ref_seq.db_align_beg                  7 
_struct_ref_seq.pdbx_db_align_beg_ins_code    ? 
_struct_ref_seq.db_align_end                  180 
_struct_ref_seq.pdbx_db_align_end_ins_code    ? 
_struct_ref_seq.pdbx_auth_seq_align_beg       7 
_struct_ref_seq.pdbx_auth_seq_align_end       180 
# 
loop_
_struct_ref_seq_dif.align_id 
_struct_ref_seq_dif.pdbx_pdb_id_code 
_struct_ref_seq_dif.mon_id 
_struct_ref_seq_dif.pdbx_pdb_strand_id 
_struct_ref_seq_dif.seq_num 
_struct_ref_seq_dif.pdbx_pdb_ins_code 
_struct_ref_seq_dif.pdbx_seq_db_name 
_struct_ref_seq_dif.pdbx_seq_db_accession_code 
_struct_ref_seq_dif.db_mon_id 
_struct_ref_seq_dif.pdbx_seq_db_seq_num 
_struct_ref_seq_dif.details 
_struct_ref_seq_dif.pdbx_auth_seq_num 
_struct_ref_seq_dif.pdbx_ordinal 
1 2OIL MET A 1  ? UNP P57735 ? ? 'cloning artifact' -12 1  
1 2OIL GLY A 2  ? UNP P57735 ? ? 'cloning artifact' -11 2  
1 2OIL SER A 3  ? UNP P57735 ? ? 'cloning artifact' -10 3  
1 2OIL SER A 4  ? UNP P57735 ? ? 'cloning artifact' -9  4  
1 2OIL HIS A 5  ? UNP P57735 ? ? 'expression tag'   -8  5  
1 2OIL HIS A 6  ? UNP P57735 ? ? 'expression tag'   -7  6  
1 2OIL HIS A 7  ? UNP P57735 ? ? 'expression tag'   -6  7  
1 2OIL HIS A 8  ? UNP P57735 ? ? 'expression tag'   -5  8  
1 2OIL HIS A 9  ? UNP P57735 ? ? 'expression tag'   -4  9  
1 2OIL HIS A 10 ? UNP P57735 ? ? 'expression tag'   -3  10 
1 2OIL SER A 11 ? UNP P57735 ? ? 'cloning artifact' -2  11 
1 2OIL SER A 12 ? UNP P57735 ? ? 'cloning artifact' -1  12 
1 2OIL GLY A 13 ? UNP P57735 ? ? 'cloning artifact' 0   13 
1 2OIL LEU A 14 ? UNP P57735 ? ? 'cloning artifact' 1   14 
1 2OIL VAL A 15 ? UNP P57735 ? ? 'cloning artifact' 2   15 
1 2OIL PRO A 16 ? UNP P57735 ? ? 'cloning artifact' 3   16 
1 2OIL ARG A 17 ? UNP P57735 ? ? 'cloning artifact' 4   17 
1 2OIL GLY A 18 ? UNP P57735 ? ? 'cloning artifact' 5   18 
1 2OIL SER A 19 ? UNP P57735 ? ? 'cloning artifact' 6   19 
# 
loop_
_chem_comp.id 
_chem_comp.type 
_chem_comp.mon_nstd_flag 
_chem_comp.name 
_chem_comp.pdbx_synonyms 
_chem_comp.formula 
_chem_comp.formula_weight 
ALA 'L-peptide linking' y ALANINE                    ? 'C3 H7 N O2'        89.093  
ARG 'L-peptide linking' y ARGININE                   ? 'C6 H15 N4 O2 1'    175.209 
ASN 'L-peptide linking' y ASPARAGINE                 ? 'C4 H8 N2 O3'       132.118 
ASP 'L-peptide linking' y 'ASPARTIC ACID'            ? 'C4 H7 N O4'        133.103 
GDP 'RNA linking'       n "GUANOSINE-5'-DIPHOSPHATE" ? 'C10 H15 N5 O11 P2' 443.201 
GLN 'L-peptide linking' y GLUTAMINE                  ? 'C5 H10 N2 O3'      146.144 
GLU 'L-peptide linking' y 'GLUTAMIC ACID'            ? 'C5 H9 N O4'        147.129 
GLY 'peptide linking'   y GLYCINE                    ? 'C2 H5 N O2'        75.067  
HIS 'L-peptide linking' y HISTIDINE                  ? 'C6 H10 N3 O2 1'    156.162 
HOH non-polymer         . WATER                      ? 'H2 O'              18.015  
ILE 'L-peptide linking' y ISOLEUCINE                 ? 'C6 H13 N O2'       131.173 
LEU 'L-peptide linking' y LEUCINE                    ? 'C6 H13 N O2'       131.173 
LYS 'L-peptide linking' y LYSINE                     ? 'C6 H15 N2 O2 1'    147.195 
MET 'L-peptide linking' y METHIONINE                 ? 'C5 H11 N O2 S'     149.211 
MG  non-polymer         . 'MAGNESIUM ION'            ? 'Mg 2'              24.305  
PHE 'L-peptide linking' y PHENYLALANINE              ? 'C9 H11 N O2'       165.189 
PRO 'L-peptide linking' y PROLINE                    ? 'C5 H9 N O2'        115.130 
SER 'L-peptide linking' y SERINE                     ? 'C3 H7 N O3'        105.093 
THR 'L-peptide linking' y THREONINE                  ? 'C4 H9 N O3'        119.119 
TRP 'L-peptide linking' y TRYPTOPHAN                 ? 'C11 H12 N2 O2'     204.225 
TYR 'L-peptide linking' y TYROSINE                   ? 'C9 H11 N O3'       181.189 
UNX non-polymer         . 'UNKNOWN ATOM OR ION'      ? ?                   ?       
VAL 'L-peptide linking' y VALINE                     ? 'C5 H11 N O2'       117.146 
# 
_exptl.crystals_number   1 
_exptl.method            'X-RAY DIFFRACTION' 
_exptl.entry_id          2OIL 
# 
_exptl_crystal.id                    1 
_exptl_crystal.density_percent_sol   42.90 
_exptl_crystal.density_Matthews      2.15 
_exptl_crystal.density_meas          ? 
_exptl_crystal.description           ? 
_exptl_crystal.F_000                 ? 
_exptl_crystal.preparation           ? 
# 
_exptl_crystal_grow.crystal_id      1 
_exptl_crystal_grow.method          'VAPOR DIFFUSION, SITTING DROP' 
_exptl_crystal_grow.pH              ? 
_exptl_crystal_grow.temp            291 
_exptl_crystal_grow.pdbx_details    
'20% peg-3350, 0.2M ammonium chloride, vapor diffusion, sitting drop, temperature 291K, VAPOR DIFFUSION, SITTING DROP' 
_exptl_crystal_grow.temp_details    ? 
_exptl_crystal_grow.pdbx_pH_range   . 
# 
_diffrn.id                     1 
_diffrn.ambient_temp           100 
_diffrn.ambient_temp_details   ? 
_diffrn.crystal_id             1 
# 
_diffrn_detector.diffrn_id              1 
_diffrn_detector.detector               'IMAGE PLATE' 
_diffrn_detector.type                   'RIGAKU RAXIS' 
_diffrn_detector.pdbx_collection_date   2006-10-03 
_diffrn_detector.details                ? 
# 
_diffrn_radiation.diffrn_id                        1 
_diffrn_radiation.pdbx_diffrn_protocol             'SINGLE WAVELENGTH' 
_diffrn_radiation.monochromator                    ? 
_diffrn_radiation.wavelength_id                    1 
_diffrn_radiation.pdbx_monochromatic_or_laue_m_l   M 
_diffrn_radiation.pdbx_scattering_type             x-ray 
# 
_diffrn_radiation_wavelength.id           1 
_diffrn_radiation_wavelength.wavelength   1.5418 
_diffrn_radiation_wavelength.wt           1.0 
# 
_diffrn_source.diffrn_id                   1 
_diffrn_source.source                      'ROTATING ANODE' 
_diffrn_source.type                        ? 
_diffrn_source.pdbx_wavelength_list        ? 
_diffrn_source.pdbx_wavelength             1.5418 
_diffrn_source.pdbx_synchrotron_site       ? 
_diffrn_source.pdbx_synchrotron_beamline   ? 
# 
_reflns.entry_id                     2OIL 
_reflns.d_resolution_high            2.300 
_reflns.d_resolution_low             30.000 
_reflns.number_obs                   8824 
_reflns.pdbx_Rmerge_I_obs            0.146 
_reflns.pdbx_netI_over_sigmaI        6.900 
_reflns.pdbx_chi_squared             1.954 
_reflns.pdbx_redundancy              12.800 
_reflns.percent_possible_obs         100.000 
_reflns.observed_criterion_sigma_F   ? 
_reflns.observed_criterion_sigma_I   ? 
_reflns.number_all                   ? 
_reflns.pdbx_Rsym_value              ? 
_reflns.B_iso_Wilson_estimate        ? 
_reflns.R_free_details               ? 
_reflns.limit_h_max                  ? 
_reflns.limit_h_min                  ? 
_reflns.limit_k_max                  ? 
_reflns.limit_k_min                  ? 
_reflns.limit_l_max                  ? 
_reflns.limit_l_min                  ? 
_reflns.observed_criterion_F_max     ? 
_reflns.observed_criterion_F_min     ? 
_reflns.pdbx_scaling_rejects         ? 
_reflns.pdbx_diffrn_id               1 
_reflns.pdbx_ordinal                 1 
# 
loop_
_reflns_shell.d_res_high 
_reflns_shell.d_res_low 
_reflns_shell.number_measured_obs 
_reflns_shell.number_measured_all 
_reflns_shell.number_unique_obs 
_reflns_shell.Rmerge_I_obs 
_reflns_shell.meanI_over_sigI_obs 
_reflns_shell.pdbx_Rsym_value 
_reflns_shell.pdbx_chi_squared 
_reflns_shell.pdbx_redundancy 
_reflns_shell.percent_possible_obs 
_reflns_shell.number_unique_all 
_reflns_shell.percent_possible_all 
_reflns_shell.pdbx_diffrn_id 
_reflns_shell.pdbx_ordinal 
2.30 2.38  ? ? 860 0.754 ? ? 0.961 13.00 100.00 ? ? ? 1  
2.38 2.48  ? ? 844 0.629 ? ? 0.990 13.00 100.00 ? ? ? 2  
2.48 2.59  ? ? 869 0.54  ? ? 1.114 13.10 100.00 ? ? ? 3  
2.59 2.73  ? ? 858 0.414 ? ? 1.222 13.10 100.00 ? ? ? 4  
2.73 2.90  ? ? 866 0.313 ? ? 1.391 13.20 100.00 ? ? ? 5  
2.90 3.12  ? ? 871 0.236 ? ? 1.677 13.10 100.00 ? ? ? 6  
3.12 3.43  ? ? 877 0.17  ? ? 2.251 13.00 100.00 ? ? ? 7  
3.43 3.93  ? ? 893 0.125 ? ? 2.909 12.70 100.00 ? ? ? 8  
3.93 4.95  ? ? 906 0.094 ? ? 3.425 12.30 100.00 ? ? ? 9  
4.95 30.00 ? ? 980 0.079 ? ? 3.588 11.70 99.90  ? ? ? 10 
# 
_refine.details                                  'HYDROGENS HAVE BEEN ADDED IN THE RIDING POSITIONS' 
_refine.B_iso_mean                               36.904 
_refine.aniso_B[1][1]                            -0.426 
_refine.aniso_B[2][2]                            -0.426 
_refine.aniso_B[3][3]                            0.851 
_refine.aniso_B[1][2]                            0.000 
_refine.aniso_B[1][3]                            0.000 
_refine.aniso_B[2][3]                            0.000 
_refine.solvent_model_details                    'MASK BULK SOLVENT' 
_refine.pdbx_solvent_vdw_probe_radii             1.400 
_refine.pdbx_solvent_ion_probe_radii             0.800 
_refine.pdbx_solvent_shrinkage_radii             0.800 
_refine.ls_d_res_high                            2.300 
_refine.ls_d_res_low                             28.537 
_refine.ls_number_reflns_R_free                  418 
_refine.ls_number_reflns_obs                     8778 
_refine.ls_R_factor_R_work                       0.2082 
_refine.ls_R_factor_R_free                       0.2575 
_refine.ls_R_factor_all                          0.21 
_refine.ls_wR_factor_R_work                      0.189 
_refine.ls_wR_factor_R_free                      0.228 
_refine.ls_percent_reflns_obs                    99.943 
_refine.ls_percent_reflns_R_free                 4.762 
_refine.correlation_coeff_Fo_to_Fc               0.939 
_refine.correlation_coeff_Fo_to_Fc_free          0.929 
_refine.pdbx_overall_ESU_R                       0.341 
_refine.pdbx_overall_ESU_R_Free                  0.245 
_refine.overall_SU_ML                            0.170 
_refine.overall_SU_B                             6.853 
_refine.entry_id                                 2OIL 
_refine.pdbx_ls_sigma_F                          ? 
_refine.pdbx_ls_sigma_I                          ? 
_refine.ls_number_reflns_all                     ? 
_refine.ls_R_factor_obs                          ? 
_refine.ls_redundancy_reflns_obs                 ? 
_refine.pdbx_data_cutoff_high_absF               ? 
_refine.pdbx_data_cutoff_low_absF                ? 
_refine.ls_number_parameters                     ? 
_refine.ls_number_restraints                     ? 
_refine.ls_R_factor_R_free_error                 ? 
_refine.ls_R_factor_R_free_error_details         ? 
_refine.pdbx_method_to_determine_struct          'MOLECULAR REPLACEMENT' 
_refine.pdbx_starting_model                      'pdb entry 1OIX' 
_refine.pdbx_ls_cross_valid_method               ? 
_refine.pdbx_R_Free_selection_details            ? 
_refine.pdbx_stereochem_target_val_spec_case     ? 
_refine.pdbx_stereochemistry_target_values       ? 
_refine.solvent_model_param_bsol                 ? 
_refine.solvent_model_param_ksol                 ? 
_refine.occupancy_max                            ? 
_refine.occupancy_min                            ? 
_refine.pdbx_isotropic_thermal_model             ? 
_refine.B_iso_min                                ? 
_refine.B_iso_max                                ? 
_refine.overall_SU_R_Cruickshank_DPI             ? 
_refine.overall_SU_R_free                        ? 
_refine.pdbx_data_cutoff_high_rms_absF           ? 
_refine.overall_FOM_free_R_set                   ? 
_refine.overall_FOM_work_R_set                   ? 
_refine.pdbx_refine_id                           'X-RAY DIFFRACTION' 
_refine.pdbx_diffrn_id                           1 
_refine.pdbx_TLS_residual_ADP_flag               ? 
_refine.pdbx_overall_phase_error                 ? 
_refine.pdbx_overall_SU_R_free_Cruickshank_DPI   ? 
_refine.pdbx_overall_SU_R_Blow_DPI               ? 
_refine.pdbx_overall_SU_R_free_Blow_DPI          ? 
# 
_refine_hist.pdbx_refine_id                   'X-RAY DIFFRACTION' 
_refine_hist.cycle_id                         LAST 
_refine_hist.pdbx_number_atoms_protein        1336 
_refine_hist.pdbx_number_atoms_nucleic_acid   0 
_refine_hist.pdbx_number_atoms_ligand         30 
_refine_hist.number_atoms_solvent             18 
_refine_hist.number_atoms_total               1384 
_refine_hist.d_res_high                       2.300 
_refine_hist.d_res_low                        28.537 
# 
loop_
_refine_ls_restr.type 
_refine_ls_restr.number 
_refine_ls_restr.dev_ideal 
_refine_ls_restr.dev_ideal_target 
_refine_ls_restr.weight 
_refine_ls_restr.pdbx_refine_id 
_refine_ls_restr.pdbx_restraint_function 
r_bond_refined_d         1389 0.017  0.022  ? 'X-RAY DIFFRACTION' ? 
r_angle_refined_deg      1892 1.474  1.970  ? 'X-RAY DIFFRACTION' ? 
r_dihedral_angle_1_deg   173  6.504  5.000  ? 'X-RAY DIFFRACTION' ? 
r_dihedral_angle_2_deg   57   34.243 23.860 ? 'X-RAY DIFFRACTION' ? 
r_dihedral_angle_3_deg   223  13.333 15.000 ? 'X-RAY DIFFRACTION' ? 
r_dihedral_angle_4_deg   7    18.108 15.000 ? 'X-RAY DIFFRACTION' ? 
r_chiral_restr           225  0.094  0.200  ? 'X-RAY DIFFRACTION' ? 
r_gen_planes_refined     1019 0.005  0.020  ? 'X-RAY DIFFRACTION' ? 
r_nbd_refined            557  0.208  0.200  ? 'X-RAY DIFFRACTION' ? 
r_nbtor_refined          950  0.298  0.200  ? 'X-RAY DIFFRACTION' ? 
r_xyhbond_nbd_refined    68   0.128  0.200  ? 'X-RAY DIFFRACTION' ? 
r_metal_ion_refined      2    0.038  0.200  ? 'X-RAY DIFFRACTION' ? 
r_symmetry_vdw_refined   28   0.176  0.200  ? 'X-RAY DIFFRACTION' ? 
r_symmetry_hbond_refined 4    0.144  0.200  ? 'X-RAY DIFFRACTION' ? 
r_mcbond_it              889  2.756  2.000  ? 'X-RAY DIFFRACTION' ? 
r_mcangle_it             1382 4.087  3.000  ? 'X-RAY DIFFRACTION' ? 
r_scbond_it              587  2.877  2.000  ? 'X-RAY DIFFRACTION' ? 
r_scangle_it             510  3.971  3.000  ? 'X-RAY DIFFRACTION' ? 
# 
loop_
_refine_ls_shell.pdbx_total_number_of_bins_used 
_refine_ls_shell.d_res_low 
_refine_ls_shell.d_res_high 
_refine_ls_shell.number_reflns_all 
_refine_ls_shell.percent_reflns_obs 
_refine_ls_shell.number_reflns_R_work 
_refine_ls_shell.R_factor_R_work 
_refine_ls_shell.R_factor_all 
_refine_ls_shell.number_reflns_R_free 
_refine_ls_shell.R_factor_R_free 
_refine_ls_shell.number_reflns_obs 
_refine_ls_shell.R_factor_R_free_error 
_refine_ls_shell.percent_reflns_R_free 
_refine_ls_shell.redundancy_reflns_obs 
_refine_ls_shell.pdbx_refine_id 
20 2.360  2.300 620 99.839  584 0.233 0.239 35 0.348 . . . . 'X-RAY DIFFRACTION' 
20 2.424  2.360 615 100.000 584 0.216 0.221 31 0.314 . . . . 'X-RAY DIFFRACTION' 
20 2.494  2.424 595 99.832  554 0.21  0.216 40 0.288 . . . . 'X-RAY DIFFRACTION' 
20 2.570  2.494 582 100.000 549 0.212 0.218 33 0.325 . . . . 'X-RAY DIFFRACTION' 
20 2.654  2.570 574 100.000 547 0.232 0.237 27 0.338 . . . . 'X-RAY DIFFRACTION' 
20 2.746  2.654 541 100.000 516 0.207 0.210 25 0.263 . . . . 'X-RAY DIFFRACTION' 
20 2.848  2.746 529 100.000 507 0.224 0.227 22 0.284 . . . . 'X-RAY DIFFRACTION' 
20 2.964  2.848 510 100.000 489 0.212 0.215 21 0.267 . . . . 'X-RAY DIFFRACTION' 
20 3.094  2.964 494 100.000 470 0.187 0.191 24 0.274 . . . . 'X-RAY DIFFRACTION' 
20 3.243  3.094 477 99.790  458 0.223 0.225 18 0.27  . . . . 'X-RAY DIFFRACTION' 
20 3.416  3.243 441 100.000 427 0.197 0.201 14 0.306 . . . . 'X-RAY DIFFRACTION' 
20 3.620  3.416 437 100.000 415 0.186 0.189 22 0.254 . . . . 'X-RAY DIFFRACTION' 
20 3.865  3.620 407 99.754  391 0.186 0.191 15 0.34  . . . . 'X-RAY DIFFRACTION' 
20 4.169  3.865 382 100.000 372 0.191 0.190 10 0.182 . . . . 'X-RAY DIFFRACTION' 
20 4.557  4.169 359 100.000 344 0.174 0.177 15 0.273 . . . . 'X-RAY DIFFRACTION' 
20 5.078  4.557 328 100.000 310 0.178 0.179 18 0.198 . . . . 'X-RAY DIFFRACTION' 
20 5.833  5.078 292 99.658  277 0.223 0.224 14 0.249 . . . . 'X-RAY DIFFRACTION' 
20 7.071  5.833 250 100.000 236 0.245 0.246 14 0.257 . . . . 'X-RAY DIFFRACTION' 
20 9.706  7.071 209 100.000 196 0.233 0.229 13 0.169 . . . . 'X-RAY DIFFRACTION' 
20 28.537 9.706 141 100.000 134 0.287 0.282 7  0.176 . . . . 'X-RAY DIFFRACTION' 
# 
_struct.entry_id                  2OIL 
_struct.title                     'Crystal structure of human RAB25 in complex with GDP' 
_struct.pdbx_model_details        ? 
_struct.pdbx_CASP_flag            ? 
_struct.pdbx_model_type_details   ? 
# 
_struct_keywords.text            'G-PROTEIN, RAB, GDP, STRUCTURAL GENOMICS, STRUCTURAL GENOMICS CONSORTIUM, SGC, PROTEIN TRANSPORT' 
_struct_keywords.entry_id        2OIL 
_struct_keywords.pdbx_keywords   'PROTEIN TRANSPORT' 
# 
loop_
_struct_asym.id 
_struct_asym.pdbx_blank_PDB_chainid_flag 
_struct_asym.pdbx_modified 
_struct_asym.entity_id 
_struct_asym.details 
A N N 1 ? 
B N N 2 ? 
C N N 3 ? 
D N N 4 ? 
E N N 5 ? 
# 
_struct_biol.id                    1 
_struct_biol.details               'not known' 
_struct_biol.pdbx_parent_biol_id   ? 
# 
loop_
_struct_conf.conf_type_id 
_struct_conf.id 
_struct_conf.pdbx_PDB_helix_id 
_struct_conf.beg_label_comp_id 
_struct_conf.beg_label_asym_id 
_struct_conf.beg_label_seq_id 
_struct_conf.pdbx_beg_PDB_ins_code 
_struct_conf.end_label_comp_id 
_struct_conf.end_label_asym_id 
_struct_conf.end_label_seq_id 
_struct_conf.pdbx_end_PDB_ins_code 
_struct_conf.beg_auth_comp_id 
_struct_conf.beg_auth_asym_id 
_struct_conf.beg_auth_seq_id 
_struct_conf.end_auth_comp_id 
_struct_conf.end_auth_asym_id 
_struct_conf.end_auth_seq_id 
_struct_conf.pdbx_PDB_helix_class 
_struct_conf.details 
_struct_conf.pdbx_PDB_helix_length 
HELX_P HELX_P1 1 GLY A 37  ? ASN A 48  ? GLY A 24  ASN A 35  1 ? 12 
HELX_P HELX_P2 2 ILE A 90  ? ARG A 96  ? ILE A 77  ARG A 83  1 ? 7  
HELX_P HELX_P3 3 LYS A 109 ? VAL A 115 ? LYS A 96  VAL A 102 1 ? 7  
HELX_P HELX_P4 4 VAL A 115 ? ASP A 125 ? VAL A 102 ASP A 112 1 ? 11 
HELX_P HELX_P5 5 SER A 140 ? ARG A 146 ? SER A 127 ARG A 133 5 ? 7  
HELX_P HELX_P6 6 PRO A 149 ? ASN A 160 ? PRO A 136 ASN A 147 1 ? 12 
HELX_P HELX_P7 7 ASN A 174 ? LYS A 192 ? ASN A 161 LYS A 179 1 ? 19 
# 
_struct_conf_type.id          HELX_P 
_struct_conf_type.criteria    ? 
_struct_conf_type.reference   ? 
# 
loop_
_struct_conn.id 
_struct_conn.conn_type_id 
_struct_conn.pdbx_leaving_atom_flag 
_struct_conn.pdbx_PDB_id 
_struct_conn.ptnr1_label_asym_id 
_struct_conn.ptnr1_label_comp_id 
_struct_conn.ptnr1_label_seq_id 
_struct_conn.ptnr1_label_atom_id 
_struct_conn.pdbx_ptnr1_label_alt_id 
_struct_conn.pdbx_ptnr1_PDB_ins_code 
_struct_conn.pdbx_ptnr1_standard_comp_id 
_struct_conn.ptnr1_symmetry 
_struct_conn.ptnr2_label_asym_id 
_struct_conn.ptnr2_label_comp_id 
_struct_conn.ptnr2_label_seq_id 
_struct_conn.ptnr2_label_atom_id 
_struct_conn.pdbx_ptnr2_label_alt_id 
_struct_conn.pdbx_ptnr2_PDB_ins_code 
_struct_conn.ptnr1_auth_asym_id 
_struct_conn.ptnr1_auth_comp_id 
_struct_conn.ptnr1_auth_seq_id 
_struct_conn.ptnr2_auth_asym_id 
_struct_conn.ptnr2_auth_comp_id 
_struct_conn.ptnr2_auth_seq_id 
_struct_conn.ptnr2_symmetry 
_struct_conn.pdbx_ptnr3_label_atom_id 
_struct_conn.pdbx_ptnr3_label_seq_id 
_struct_conn.pdbx_ptnr3_label_comp_id 
_struct_conn.pdbx_ptnr3_label_asym_id 
_struct_conn.pdbx_ptnr3_label_alt_id 
_struct_conn.pdbx_ptnr3_PDB_ins_code 
_struct_conn.details 
_struct_conn.pdbx_dist_value 
_struct_conn.pdbx_value_order 
_struct_conn.pdbx_role 
metalc1 metalc ? ? A THR 39 OG1 ? ? ? 1_555 B MG  . MG ? ? A THR 26  A MG  301 1_555 ? ? ? ? ? ? ? 2.045 ? ? 
metalc2 metalc ? ? C GDP .  O3B ? ? ? 1_555 B MG  . MG ? ? A GDP 201 A MG  301 1_555 ? ? ? ? ? ? ? 1.960 ? ? 
metalc3 metalc ? ? B MG  .  MG  ? ? ? 1_555 E HOH . O  ? ? A MG  301 A HOH 401 1_555 ? ? ? ? ? ? ? 2.014 ? ? 
metalc4 metalc ? ? B MG  .  MG  ? ? ? 1_555 E HOH . O  ? ? A MG  301 A HOH 405 1_555 ? ? ? ? ? ? ? 2.217 ? ? 
metalc5 metalc ? ? B MG  .  MG  ? ? ? 1_555 E HOH . O  ? ? A MG  301 A HOH 406 1_555 ? ? ? ? ? ? ? 1.946 ? ? 
metalc6 metalc ? ? B MG  .  MG  ? ? ? 1_555 E HOH . O  ? ? A MG  301 A HOH 410 1_555 ? ? ? ? ? ? ? 2.328 ? ? 
# 
_struct_conn_type.id          metalc 
_struct_conn_type.criteria    ? 
_struct_conn_type.reference   ? 
# 
_struct_sheet.id               A 
_struct_sheet.type             ? 
_struct_sheet.number_strands   6 
_struct_sheet.details          ? 
# 
loop_
_struct_sheet_order.sheet_id 
_struct_sheet_order.range_id_1 
_struct_sheet_order.range_id_2 
_struct_sheet_order.offset 
_struct_sheet_order.sense 
A 1 2 ? anti-parallel 
A 2 3 ? parallel      
A 3 4 ? parallel      
A 4 5 ? parallel      
A 5 6 ? parallel      
# 
loop_
_struct_sheet_range.sheet_id 
_struct_sheet_range.id 
_struct_sheet_range.beg_label_comp_id 
_struct_sheet_range.beg_label_asym_id 
_struct_sheet_range.beg_label_seq_id 
_struct_sheet_range.pdbx_beg_PDB_ins_code 
_struct_sheet_range.end_label_comp_id 
_struct_sheet_range.end_label_asym_id 
_struct_sheet_range.end_label_seq_id 
_struct_sheet_range.pdbx_end_PDB_ins_code 
_struct_sheet_range.beg_auth_comp_id 
_struct_sheet_range.beg_auth_asym_id 
_struct_sheet_range.beg_auth_seq_id 
_struct_sheet_range.end_auth_comp_id 
_struct_sheet_range.end_auth_asym_id 
_struct_sheet_range.end_auth_seq_id 
A 1 VAL A 60  ? LEU A 69  ? VAL A 47  LEU A 56  
A 2 ALA A 72  ? THR A 81  ? ALA A 59  THR A 68  
A 3 PHE A 24  ? ILE A 31  ? PHE A 11  ILE A 18  
A 4 GLY A 100 ? ASP A 106 ? GLY A 87  ASP A 93  
A 5 VAL A 132 ? ASN A 138 ? VAL A 119 ASN A 125 
A 6 LEU A 163 ? THR A 167 ? LEU A 150 THR A 154 
# 
loop_
_pdbx_struct_sheet_hbond.sheet_id 
_pdbx_struct_sheet_hbond.range_id_1 
_pdbx_struct_sheet_hbond.range_id_2 
_pdbx_struct_sheet_hbond.range_1_label_atom_id 
_pdbx_struct_sheet_hbond.range_1_label_comp_id 
_pdbx_struct_sheet_hbond.range_1_label_asym_id 
_pdbx_struct_sheet_hbond.range_1_label_seq_id 
_pdbx_struct_sheet_hbond.range_1_PDB_ins_code 
_pdbx_struct_sheet_hbond.range_1_auth_atom_id 
_pdbx_struct_sheet_hbond.range_1_auth_comp_id 
_pdbx_struct_sheet_hbond.range_1_auth_asym_id 
_pdbx_struct_sheet_hbond.range_1_auth_seq_id 
_pdbx_struct_sheet_hbond.range_2_label_atom_id 
_pdbx_struct_sheet_hbond.range_2_label_comp_id 
_pdbx_struct_sheet_hbond.range_2_label_asym_id 
_pdbx_struct_sheet_hbond.range_2_label_seq_id 
_pdbx_struct_sheet_hbond.range_2_PDB_ins_code 
_pdbx_struct_sheet_hbond.range_2_auth_atom_id 
_pdbx_struct_sheet_hbond.range_2_auth_comp_id 
_pdbx_struct_sheet_hbond.range_2_auth_asym_id 
_pdbx_struct_sheet_hbond.range_2_auth_seq_id 
A 1 2 N LEU A 69  ? N LEU A 56  O ALA A 72  ? O ALA A 59  
A 2 3 O GLN A 77  ? O GLN A 64  N PHE A 26  ? N PHE A 13  
A 3 4 N ILE A 31  ? N ILE A 18  O VAL A 104 ? O VAL A 91  
A 4 5 N PHE A 105 ? N PHE A 92  O ASN A 138 ? O ASN A 125 
A 5 6 N LEU A 135 ? N LEU A 122 O LEU A 163 ? O LEU A 150 
# 
_atom_sites.entry_id                    2OIL 
_atom_sites.fract_transf_matrix[1][1]   0.00393659 
_atom_sites.fract_transf_matrix[1][2]   -0.00629238 
_atom_sites.fract_transf_matrix[1][3]   0.00822652 
_atom_sites.fract_transf_matrix[2][1]   0.00536083 
_atom_sites.fract_transf_matrix[2][2]   -0.00629218 
_atom_sites.fract_transf_matrix[2][3]   -0.00737810 
_atom_sites.fract_transf_matrix[3][1]   0.01753961 
_atom_sites.fract_transf_matrix[3][2]   0.01306613 
_atom_sites.fract_transf_matrix[3][3]   0.00160101 
_atom_sites.fract_transf_vector[1]      0.238438 
_atom_sites.fract_transf_vector[2]      0.512817 
_atom_sites.fract_transf_vector[3]      0.315602 
# 
loop_
_atom_type.symbol 
C  
MG 
N  
O  
P  
S  
X  
# 
loop_
_atom_site.group_PDB 
_atom_site.id 
_atom_site.type_symbol 
_atom_site.label_atom_id 
_atom_site.label_alt_id 
_atom_site.label_comp_id 
_atom_site.label_asym_id 
_atom_site.label_entity_id 
_atom_site.label_seq_id 
_atom_site.pdbx_PDB_ins_code 
_atom_site.Cartn_x 
_atom_site.Cartn_y 
_atom_site.Cartn_z 
_atom_site.occupancy 
_atom_site.B_iso_or_equiv 
_atom_site.pdbx_formal_charge 
_atom_site.auth_seq_id 
_atom_site.auth_comp_id 
_atom_site.auth_asym_id 
_atom_site.auth_atom_id 
_atom_site.pdbx_PDB_model_num 
ATOM   1    N  N     . GLU A 1 20  ? 18.572  14.632  -4.069  1.00 66.29 ? 7    GLU A N     1 
ATOM   2    C  CA    . GLU A 1 20  ? 17.599  14.774  -5.209  1.00 66.72 ? 7    GLU A CA    1 
ATOM   3    C  C     . GLU A 1 20  ? 18.023  14.016  -6.492  1.00 65.55 ? 7    GLU A C     1 
ATOM   4    O  O     . GLU A 1 20  ? 17.688  14.433  -7.619  1.00 63.51 ? 7    GLU A O     1 
ATOM   5    C  CB    . GLU A 1 20  ? 17.335  16.255  -5.526  1.00 70.26 ? 7    GLU A CB    1 
ATOM   6    N  N     . ASP A 1 21  ? 18.753  12.911  -6.305  1.00 64.07 ? 8    ASP A N     1 
ATOM   7    C  CA    . ASP A 1 21  ? 19.079  11.973  -7.389  1.00 62.73 ? 8    ASP A CA    1 
ATOM   8    C  C     . ASP A 1 21  ? 17.967  10.943  -7.607  1.00 63.65 ? 8    ASP A C     1 
ATOM   9    O  O     . ASP A 1 21  ? 17.842  9.960   -6.840  1.00 62.97 ? 8    ASP A O     1 
ATOM   10   C  CB    . ASP A 1 21  ? 20.400  11.253  -7.115  1.00 62.58 ? 8    ASP A CB    1 
ATOM   11   C  CG    . ASP A 1 21  ? 20.854  10.372  -8.288  1.00 61.93 ? 8    ASP A CG    1 
ATOM   12   O  OD1   . ASP A 1 21  ? 20.603  10.732  -9.463  1.00 60.70 ? 8    ASP A OD1   1 
ATOM   13   O  OD2   . ASP A 1 21  ? 21.477  9.319   -8.023  1.00 59.74 ? 8    ASP A OD2   1 
ATOM   14   N  N     . TYR A 1 22  ? 17.167  11.178  -8.651  1.00 61.35 ? 9    TYR A N     1 
ATOM   15   C  CA    . TYR A 1 22  ? 16.092  10.263  -9.056  1.00 60.46 ? 9    TYR A CA    1 
ATOM   16   C  C     . TYR A 1 22  ? 15.678  10.465  -10.516 1.00 61.63 ? 9    TYR A C     1 
ATOM   17   O  O     . TYR A 1 22  ? 15.761  11.582  -11.073 1.00 61.99 ? 9    TYR A O     1 
ATOM   18   C  CB    . TYR A 1 22  ? 14.885  10.371  -8.129  1.00 55.63 ? 9    TYR A CB    1 
ATOM   19   C  CG    . TYR A 1 22  ? 14.246  11.748  -8.036  1.00 54.38 ? 9    TYR A CG    1 
ATOM   20   C  CD1   . TYR A 1 22  ? 14.655  12.665  -7.060  1.00 52.74 ? 9    TYR A CD1   1 
ATOM   21   C  CD2   . TYR A 1 22  ? 13.201  12.114  -8.896  1.00 54.42 ? 9    TYR A CD2   1 
ATOM   22   C  CE1   . TYR A 1 22  ? 14.051  13.914  -6.946  1.00 53.52 ? 9    TYR A CE1   1 
ATOM   23   C  CE2   . TYR A 1 22  ? 12.591  13.366  -8.799  1.00 55.23 ? 9    TYR A CE2   1 
ATOM   24   C  CZ    . TYR A 1 22  ? 13.017  14.259  -7.820  1.00 54.72 ? 9    TYR A CZ    1 
ATOM   25   O  OH    . TYR A 1 22  ? 12.418  15.489  -7.725  1.00 54.27 ? 9    TYR A OH    1 
ATOM   26   N  N     . ASN A 1 23  ? 15.232  9.380   -11.126 1.00 60.89 ? 10   ASN A N     1 
ATOM   27   C  CA    . ASN A 1 23  ? 14.914  9.374   -12.551 1.00 61.67 ? 10   ASN A CA    1 
ATOM   28   C  C     . ASN A 1 23  ? 13.402  9.234   -12.809 1.00 57.32 ? 10   ASN A C     1 
ATOM   29   O  O     . ASN A 1 23  ? 12.876  9.733   -13.812 1.00 57.18 ? 10   ASN A O     1 
ATOM   30   C  CB    . ASN A 1 23  ? 15.762  8.292   -13.262 1.00 64.85 ? 10   ASN A CB    1 
ATOM   31   C  CG    . ASN A 1 23  ? 17.299  8.579   -13.163 1.00 66.56 ? 10   ASN A CG    1 
ATOM   32   O  OD1   . ASN A 1 23  ? 17.780  9.597   -13.680 1.00 66.87 ? 10   ASN A OD1   1 
ATOM   33   N  ND2   . ASN A 1 23  ? 18.050  7.682   -12.492 1.00 63.99 ? 10   ASN A ND2   1 
ATOM   34   N  N     . PHE A 1 24  ? 12.721  8.586   -11.864 1.00 53.98 ? 11   PHE A N     1 
ATOM   35   C  CA    . PHE A 1 24  ? 11.276  8.391   -11.884 1.00 50.40 ? 11   PHE A CA    1 
ATOM   36   C  C     . PHE A 1 24  ? 10.691  8.831   -10.555 1.00 43.62 ? 11   PHE A C     1 
ATOM   37   O  O     . PHE A 1 24  ? 11.342  8.745   -9.528  1.00 39.30 ? 11   PHE A O     1 
ATOM   38   C  CB    . PHE A 1 24  ? 10.958  6.917   -12.131 1.00 56.96 ? 11   PHE A CB    1 
ATOM   39   C  CG    . PHE A 1 24  ? 11.666  6.340   -13.335 1.00 61.12 ? 11   PHE A CG    1 
ATOM   40   C  CD1   . PHE A 1 24  ? 10.983  6.169   -14.547 1.00 62.31 ? 11   PHE A CD1   1 
ATOM   41   C  CD2   . PHE A 1 24  ? 13.033  5.987   -13.263 1.00 62.37 ? 11   PHE A CD2   1 
ATOM   42   C  CE1   . PHE A 1 24  ? 11.636  5.645   -15.675 1.00 62.53 ? 11   PHE A CE1   1 
ATOM   43   C  CE2   . PHE A 1 24  ? 13.702  5.472   -14.376 1.00 63.10 ? 11   PHE A CE2   1 
ATOM   44   C  CZ    . PHE A 1 24  ? 13.002  5.299   -15.590 1.00 62.75 ? 11   PHE A CZ    1 
ATOM   45   N  N     . VAL A 1 25  ? 9.472   9.347   -10.592 1.00 41.20 ? 12   VAL A N     1 
ATOM   46   C  CA    . VAL A 1 25  ? 8.693   9.619   -9.392  1.00 39.37 ? 12   VAL A CA    1 
ATOM   47   C  C     . VAL A 1 25  ? 7.452   8.733   -9.479  1.00 37.26 ? 12   VAL A C     1 
ATOM   48   O  O     . VAL A 1 25  ? 6.621   8.907   -10.390 1.00 36.63 ? 12   VAL A O     1 
ATOM   49   C  CB    . VAL A 1 25  ? 8.277   11.115  -9.295  1.00 42.13 ? 12   VAL A CB    1 
ATOM   50   C  CG1   . VAL A 1 25  ? 7.698   11.436  -7.906  1.00 39.41 ? 12   VAL A CG1   1 
ATOM   51   C  CG2   . VAL A 1 25  ? 9.465   12.021  -9.608  1.00 46.14 ? 12   VAL A CG2   1 
ATOM   52   N  N     . PHE A 1 26  ? 7.341   7.775   -8.559  1.00 32.74 ? 13   PHE A N     1 
ATOM   53   C  CA    . PHE A 1 26  ? 6.182   6.849   -8.532  1.00 28.33 ? 13   PHE A CA    1 
ATOM   54   C  C     . PHE A 1 26  ? 5.212   7.146   -7.386  1.00 28.37 ? 13   PHE A C     1 
ATOM   55   O  O     . PHE A 1 26  ? 5.549   6.957   -6.212  1.00 26.05 ? 13   PHE A O     1 
ATOM   56   C  CB    . PHE A 1 26  ? 6.621   5.358   -8.457  1.00 27.12 ? 13   PHE A CB    1 
ATOM   57   C  CG    . PHE A 1 26  ? 7.383   4.855   -9.689  1.00 27.64 ? 13   PHE A CG    1 
ATOM   58   C  CD1   . PHE A 1 26  ? 7.298   5.516   -10.930 1.00 31.01 ? 13   PHE A CD1   1 
ATOM   59   C  CD2   . PHE A 1 26  ? 8.150   3.700   -9.611  1.00 26.56 ? 13   PHE A CD2   1 
ATOM   60   C  CE1   . PHE A 1 26  ? 8.001   5.020   -12.071 1.00 28.60 ? 13   PHE A CE1   1 
ATOM   61   C  CE2   . PHE A 1 26  ? 8.875   3.202   -10.744 1.00 25.62 ? 13   PHE A CE2   1 
ATOM   62   C  CZ    . PHE A 1 26  ? 8.797   3.863   -11.962 1.00 25.88 ? 13   PHE A CZ    1 
ATOM   63   N  N     . LYS A 1 27  ? 4.005   7.588   -7.742  1.00 25.92 ? 14   LYS A N     1 
ATOM   64   C  CA    . LYS A 1 27  ? 2.944   7.807   -6.772  1.00 27.90 ? 14   LYS A CA    1 
ATOM   65   C  C     . LYS A 1 27  ? 2.283   6.459   -6.422  1.00 26.31 ? 14   LYS A C     1 
ATOM   66   O  O     . LYS A 1 27  ? 1.800   5.748   -7.297  1.00 30.82 ? 14   LYS A O     1 
ATOM   67   C  CB    . LYS A 1 27  ? 1.916   8.847   -7.284  1.00 24.43 ? 14   LYS A CB    1 
ATOM   68   C  CG    . LYS A 1 27  ? 0.731   9.060   -6.357  1.00 22.65 ? 14   LYS A CG    1 
ATOM   69   C  CD    . LYS A 1 27  ? -0.156  10.258  -6.780  1.00 23.52 ? 14   LYS A CD    1 
ATOM   70   C  CE    . LYS A 1 27  ? -1.462  10.217  -6.016  1.00 24.23 ? 14   LYS A CE    1 
ATOM   71   N  NZ    . LYS A 1 27  ? -2.437  11.211  -6.453  1.00 25.57 ? 14   LYS A NZ    1 
ATOM   72   N  N     . VAL A 1 28  ? 2.322   6.126   -5.129  1.00 28.50 ? 15   VAL A N     1 
ATOM   73   C  CA    . VAL A 1 28  ? 1.853   4.856   -4.566  1.00 23.94 ? 15   VAL A CA    1 
ATOM   74   C  C     . VAL A 1 28  ? 0.921   5.270   -3.459  1.00 25.64 ? 15   VAL A C     1 
ATOM   75   O  O     . VAL A 1 28  ? 1.346   5.974   -2.552  1.00 29.51 ? 15   VAL A O     1 
ATOM   76   C  CB    . VAL A 1 28  ? 3.019   4.009   -3.951  1.00 23.95 ? 15   VAL A CB    1 
ATOM   77   C  CG1   . VAL A 1 28  ? 2.509   2.653   -3.384  1.00 19.86 ? 15   VAL A CG1   1 
ATOM   78   C  CG2   . VAL A 1 28  ? 4.124   3.763   -4.984  1.00 19.52 ? 15   VAL A CG2   1 
ATOM   79   N  N     . VAL A 1 29  ? -0.349  4.855   -3.545  1.00 23.30 ? 16   VAL A N     1 
ATOM   80   C  CA    . VAL A 1 29  ? -1.370  5.215   -2.543  1.00 24.54 ? 16   VAL A CA    1 
ATOM   81   C  C     . VAL A 1 29  ? -1.605  4.067   -1.608  1.00 23.11 ? 16   VAL A C     1 
ATOM   82   O  O     . VAL A 1 29  ? -1.533  2.920   -2.020  1.00 22.94 ? 16   VAL A O     1 
ATOM   83   C  CB    . VAL A 1 29  ? -2.759  5.666   -3.201  1.00 25.21 ? 16   VAL A CB    1 
ATOM   84   C  CG1   . VAL A 1 29  ? -2.589  6.968   -4.064  1.00 25.63 ? 16   VAL A CG1   1 
ATOM   85   C  CG2   . VAL A 1 29  ? -3.441  4.496   -4.008  1.00 22.62 ? 16   VAL A CG2   1 
ATOM   86   N  N     . LEU A 1 30  ? -1.886  4.367   -0.344  1.00 26.31 ? 17   LEU A N     1 
ATOM   87   C  CA    . LEU A 1 30  ? -2.256  3.325   0.630   1.00 25.76 ? 17   LEU A CA    1 
ATOM   88   C  C     . LEU A 1 30  ? -3.752  3.341   0.847   1.00 27.82 ? 17   LEU A C     1 
ATOM   89   O  O     . LEU A 1 30  ? -4.348  4.417   1.042   1.00 24.13 ? 17   LEU A O     1 
ATOM   90   C  CB    . LEU A 1 30  ? -1.559  3.518   1.979   1.00 28.19 ? 17   LEU A CB    1 
ATOM   91   C  CG    . LEU A 1 30  ? -0.032  3.657   1.982   1.00 30.05 ? 17   LEU A CG    1 
ATOM   92   C  CD1   . LEU A 1 30  ? 0.490   3.868   3.414   1.00 24.40 ? 17   LEU A CD1   1 
ATOM   93   C  CD2   . LEU A 1 30  ? 0.627   2.432   1.331   1.00 30.94 ? 17   LEU A CD2   1 
ATOM   94   N  N     . ILE A 1 31  ? -4.353  2.152   0.820   1.00 25.68 ? 18   ILE A N     1 
ATOM   95   C  CA    . ILE A 1 31  ? -5.811  2.008   0.974   1.00 28.04 ? 18   ILE A CA    1 
ATOM   96   C  C     . ILE A 1 31  ? -6.158  0.781   1.842   1.00 25.09 ? 18   ILE A C     1 
ATOM   97   O  O     . ILE A 1 31  ? -5.324  -0.116  2.041   1.00 26.27 ? 18   ILE A O     1 
ATOM   98   C  CB    . ILE A 1 31  ? -6.570  1.948   -0.422  1.00 30.84 ? 18   ILE A CB    1 
ATOM   99   C  CG1   . ILE A 1 31  ? -6.059  0.801   -1.289  1.00 28.31 ? 18   ILE A CG1   1 
ATOM   100  C  CG2   . ILE A 1 31  ? -6.415  3.282   -1.236  1.00 30.00 ? 18   ILE A CG2   1 
ATOM   101  C  CD1   . ILE A 1 31  ? -6.954  0.515   -2.512  1.00 26.63 ? 18   ILE A CD1   1 
ATOM   102  N  N     . GLY A 1 32  ? -7.377  0.766   2.349   1.00 23.56 ? 19   GLY A N     1 
ATOM   103  C  CA    . GLY A 1 32  ? -7.890  -0.307  3.211   1.00 29.40 ? 19   GLY A CA    1 
ATOM   104  C  C     . GLY A 1 32  ? -8.525  0.309   4.450   1.00 25.66 ? 19   GLY A C     1 
ATOM   105  O  O     . GLY A 1 32  ? -8.416  1.485   4.631   1.00 25.36 ? 19   GLY A O     1 
ATOM   106  N  N     . GLU A 1 33  ? -9.162  -0.497  5.298   1.00 27.92 ? 20   GLU A N     1 
ATOM   107  C  CA    . GLU A 1 33  ? -9.933  0.011   6.458   1.00 29.56 ? 20   GLU A CA    1 
ATOM   108  C  C     . GLU A 1 33  ? -9.069  0.780   7.440   1.00 32.19 ? 20   GLU A C     1 
ATOM   109  O  O     . GLU A 1 33  ? -7.855  0.549   7.511   1.00 36.01 ? 20   GLU A O     1 
ATOM   110  C  CB    . GLU A 1 33  ? -10.593 -1.149  7.208   1.00 28.30 ? 20   GLU A CB    1 
ATOM   111  C  CG    . GLU A 1 33  ? -11.626 -1.922  6.373   1.00 31.06 ? 20   GLU A CG    1 
ATOM   112  C  CD    . GLU A 1 33  ? -12.799 -1.039  5.933   1.00 32.85 ? 20   GLU A CD    1 
ATOM   113  O  OE1   . GLU A 1 33  ? -13.756 -0.860  6.734   1.00 36.41 ? 20   GLU A OE1   1 
ATOM   114  O  OE2   . GLU A 1 33  ? -12.775 -0.541  4.802   1.00 29.20 ? 20   GLU A OE2   1 
ATOM   115  N  N     . SER A 1 34  ? -9.667  1.669   8.229   1.00 30.55 ? 21   SER A N     1 
ATOM   116  C  CA    . SER A 1 34  ? -8.864  2.275   9.275   1.00 34.49 ? 21   SER A CA    1 
ATOM   117  C  C     . SER A 1 34  ? -8.426  1.264   10.346  1.00 30.44 ? 21   SER A C     1 
ATOM   118  O  O     . SER A 1 34  ? -9.082  0.229   10.590  1.00 27.30 ? 21   SER A O     1 
ATOM   119  C  CB    . SER A 1 34  ? -9.500  3.543   9.873   1.00 40.42 ? 21   SER A CB    1 
ATOM   120  O  OG    . SER A 1 34  ? -10.742 3.281   10.444  1.00 45.45 ? 21   SER A OG    1 
ATOM   121  N  N     . GLY A 1 35  ? -7.263  1.531   10.920  1.00 27.72 ? 22   GLY A N     1 
ATOM   122  C  CA    . GLY A 1 35  ? -6.695  0.645   11.927  1.00 29.25 ? 22   GLY A CA    1 
ATOM   123  C  C     . GLY A 1 35  ? -5.880  -0.519  11.392  1.00 29.40 ? 22   GLY A C     1 
ATOM   124  O  O     . GLY A 1 35  ? -5.349  -1.331  12.174  1.00 31.02 ? 22   GLY A O     1 
ATOM   125  N  N     . VAL A 1 36  ? -5.773  -0.639  10.078  1.00 26.20 ? 23   VAL A N     1 
ATOM   126  C  CA    . VAL A 1 36  ? -5.013  -1.774  9.554   1.00 28.24 ? 23   VAL A CA    1 
ATOM   127  C  C     . VAL A 1 36  ? -3.466  -1.576  9.544   1.00 28.14 ? 23   VAL A C     1 
ATOM   128  O  O     . VAL A 1 36  ? -2.697  -2.554  9.457   1.00 28.32 ? 23   VAL A O     1 
ATOM   129  C  CB    . VAL A 1 36  ? -5.548  -2.269  8.191   1.00 29.93 ? 23   VAL A CB    1 
ATOM   130  C  CG1   . VAL A 1 36  ? -7.067  -2.700  8.286   1.00 25.27 ? 23   VAL A CG1   1 
ATOM   131  C  CG2   . VAL A 1 36  ? -5.271  -1.254  7.062   1.00 28.89 ? 23   VAL A CG2   1 
ATOM   132  N  N     . GLY A 1 37  ? -3.013  -0.324  9.625   1.00 26.96 ? 24   GLY A N     1 
ATOM   133  C  CA    . GLY A 1 37  ? -1.568  -0.063  9.677   1.00 27.56 ? 24   GLY A CA    1 
ATOM   134  C  C     . GLY A 1 37  ? -0.999  0.725   8.529   1.00 29.11 ? 24   GLY A C     1 
ATOM   135  O  O     . GLY A 1 37  ? 0.225   0.753   8.347   1.00 33.76 ? 24   GLY A O     1 
ATOM   136  N  N     . LYS A 1 38  ? -1.861  1.406   7.773   1.00 28.77 ? 25   LYS A N     1 
ATOM   137  C  CA    . LYS A 1 38  ? -1.413  2.097   6.554   1.00 28.44 ? 25   LYS A CA    1 
ATOM   138  C  C     . LYS A 1 38  ? -0.438  3.223   6.863   1.00 28.79 ? 25   LYS A C     1 
ATOM   139  O  O     . LYS A 1 38  ? 0.610   3.314   6.237   1.00 32.92 ? 25   LYS A O     1 
ATOM   140  C  CB    . LYS A 1 38  ? -2.592  2.653   5.756   1.00 27.03 ? 25   LYS A CB    1 
ATOM   141  C  CG    . LYS A 1 38  ? -3.669  1.651   5.368   1.00 28.49 ? 25   LYS A CG    1 
ATOM   142  C  CD    . LYS A 1 38  ? -4.829  2.398   4.673   1.00 28.23 ? 25   LYS A CD    1 
ATOM   143  C  CE    . LYS A 1 38  ? -5.508  3.396   5.603   1.00 29.27 ? 25   LYS A CE    1 
ATOM   144  N  NZ    . LYS A 1 38  ? -6.395  2.735   6.627   1.00 27.88 ? 25   LYS A NZ    1 
ATOM   145  N  N     . THR A 1 39  ? -0.797  4.088   7.816   1.00 30.44 ? 26   THR A N     1 
ATOM   146  C  CA    . THR A 1 39  ? 0.083   5.191   8.253   1.00 29.65 ? 26   THR A CA    1 
ATOM   147  C  C     . THR A 1 39  ? 1.421   4.689   8.793   1.00 29.35 ? 26   THR A C     1 
ATOM   148  O  O     . THR A 1 39  ? 2.457   5.262   8.536   1.00 34.41 ? 26   THR A O     1 
ATOM   149  C  CB    . THR A 1 39  ? -0.610  6.045   9.290   1.00 31.33 ? 26   THR A CB    1 
ATOM   150  O  OG1   . THR A 1 39  ? -1.830  6.558   8.723   1.00 33.99 ? 26   THR A OG1   1 
ATOM   151  C  CG2   . THR A 1 39  ? 0.298   7.227   9.783   1.00 27.54 ? 26   THR A CG2   1 
ATOM   152  N  N     . ASN A 1 40  ? 1.394   3.595   9.512   1.00 30.43 ? 27   ASN A N     1 
ATOM   153  C  CA    . ASN A 1 40  ? 2.623   3.017   10.041  1.00 30.84 ? 27   ASN A CA    1 
ATOM   154  C  C     . ASN A 1 40  ? 3.498   2.231   9.033   1.00 32.77 ? 27   ASN A C     1 
ATOM   155  O  O     . ASN A 1 40  ? 4.744   2.107   9.205   1.00 32.29 ? 27   ASN A O     1 
ATOM   156  C  CB    . ASN A 1 40  ? 2.289   2.229   11.300  1.00 30.15 ? 27   ASN A CB    1 
ATOM   157  C  CG    . ASN A 1 40  ? 2.223   3.134   12.525  1.00 32.21 ? 27   ASN A CG    1 
ATOM   158  O  OD1   . ASN A 1 40  ? 3.236   3.669   12.923  1.00 32.13 ? 27   ASN A OD1   1 
ATOM   159  N  ND2   . ASN A 1 40  ? 1.025   3.328   13.101  1.00 30.17 ? 27   ASN A ND2   1 
ATOM   160  N  N     . LEU A 1 41  ? 2.877   1.738   7.960   1.00 32.11 ? 28   LEU A N     1 
ATOM   161  C  CA    . LEU A 1 41  ? 3.663   1.187   6.851   1.00 29.77 ? 28   LEU A CA    1 
ATOM   162  C  C     . LEU A 1 41  ? 4.383   2.332   6.132   1.00 29.18 ? 28   LEU A C     1 
ATOM   163  O  O     . LEU A 1 41  ? 5.538   2.205   5.743   1.00 28.02 ? 28   LEU A O     1 
ATOM   164  C  CB    . LEU A 1 41  ? 2.778   0.401   5.904   1.00 27.53 ? 28   LEU A CB    1 
ATOM   165  C  CG    . LEU A 1 41  ? 2.349   -0.960  6.464   1.00 30.11 ? 28   LEU A CG    1 
ATOM   166  C  CD1   . LEU A 1 41  ? 1.108   -1.468  5.747   1.00 26.00 ? 28   LEU A CD1   1 
ATOM   167  C  CD2   . LEU A 1 41  ? 3.528   -2.052  6.444   1.00 25.25 ? 28   LEU A CD2   1 
ATOM   168  N  N     . LEU A 1 42  ? 3.696   3.464   5.986   1.00 27.59 ? 29   LEU A N     1 
ATOM   169  C  CA    . LEU A 1 42  ? 4.320   4.645   5.425   1.00 30.88 ? 29   LEU A CA    1 
ATOM   170  C  C     . LEU A 1 42  ? 5.521   5.100   6.292   1.00 34.91 ? 29   LEU A C     1 
ATOM   171  O  O     . LEU A 1 42  ? 6.639   5.278   5.788   1.00 34.75 ? 29   LEU A O     1 
ATOM   172  C  CB    . LEU A 1 42  ? 3.291   5.761   5.239   1.00 26.80 ? 29   LEU A CB    1 
ATOM   173  C  CG    . LEU A 1 42  ? 3.781   7.078   4.650   1.00 28.74 ? 29   LEU A CG    1 
ATOM   174  C  CD1   . LEU A 1 42  ? 2.619   7.840   4.082   1.00 28.33 ? 29   LEU A CD1   1 
ATOM   175  C  CD2   . LEU A 1 42  ? 4.472   7.942   5.736   1.00 32.17 ? 29   LEU A CD2   1 
ATOM   176  N  N     . SER A 1 43  ? 5.293   5.246   7.596   1.00 34.59 ? 30   SER A N     1 
ATOM   177  C  CA    . SER A 1 43  ? 6.320   5.814   8.477   1.00 35.23 ? 30   SER A CA    1 
ATOM   178  C  C     . SER A 1 43  ? 7.471   4.851   8.621   1.00 32.55 ? 30   SER A C     1 
ATOM   179  O  O     . SER A 1 43  ? 8.639   5.251   8.673   1.00 35.19 ? 30   SER A O     1 
ATOM   180  C  CB    . SER A 1 43  ? 5.727   6.224   9.837   1.00 34.30 ? 30   SER A CB    1 
ATOM   181  O  OG    . SER A 1 43  ? 5.084   5.137   10.480  1.00 36.05 ? 30   SER A OG    1 
ATOM   182  N  N     . ARG A 1 44  ? 7.158   3.574   8.632   1.00 31.90 ? 31   ARG A N     1 
ATOM   183  C  CA    . ARG A 1 44  ? 8.212   2.597   8.736   1.00 32.73 ? 31   ARG A CA    1 
ATOM   184  C  C     . ARG A 1 44  ? 9.091   2.588   7.478   1.00 33.90 ? 31   ARG A C     1 
ATOM   185  O  O     . ARG A 1 44  ? 10.333  2.525   7.563   1.00 32.95 ? 31   ARG A O     1 
ATOM   186  C  CB    . ARG A 1 44  ? 7.636   1.219   9.060   1.00 29.52 ? 31   ARG A CB    1 
ATOM   187  C  CG    . ARG A 1 44  ? 8.625   0.057   8.918   1.00 35.48 ? 31   ARG A CG    1 
ATOM   188  C  CD    . ARG A 1 44  ? 9.678   0.050   10.029  1.00 43.11 ? 31   ARG A CD    1 
ATOM   189  N  NE    . ARG A 1 44  ? 9.075   -0.231  11.335  1.00 52.13 ? 31   ARG A NE    1 
ATOM   190  C  CZ    . ARG A 1 44  ? 9.690   -0.085  12.509  1.00 56.23 ? 31   ARG A CZ    1 
ATOM   191  N  NH1   . ARG A 1 44  ? 10.954  0.349   12.553  1.00 57.80 ? 31   ARG A NH1   1 
ATOM   192  N  NH2   . ARG A 1 44  ? 9.039   -0.370  13.639  1.00 54.79 ? 31   ARG A NH2   1 
ATOM   193  N  N     . PHE A 1 45  ? 8.458   2.670   6.306   1.00 35.29 ? 32   PHE A N     1 
ATOM   194  C  CA    . PHE A 1 45  ? 9.210   2.596   5.065   1.00 32.05 ? 32   PHE A CA    1 
ATOM   195  C  C     . PHE A 1 45  ? 9.999   3.888   4.834   1.00 31.94 ? 32   PHE A C     1 
ATOM   196  O  O     . PHE A 1 45  ? 11.181  3.834   4.514   1.00 32.12 ? 32   PHE A O     1 
ATOM   197  C  CB    . PHE A 1 45  ? 8.288   2.293   3.887   1.00 32.51 ? 32   PHE A CB    1 
ATOM   198  C  CG    . PHE A 1 45  ? 8.983   2.317   2.545   1.00 33.30 ? 32   PHE A CG    1 
ATOM   199  C  CD1   . PHE A 1 45  ? 9.911   1.328   2.207   1.00 33.22 ? 32   PHE A CD1   1 
ATOM   200  C  CD2   . PHE A 1 45  ? 8.677   3.301   1.610   1.00 33.03 ? 32   PHE A CD2   1 
ATOM   201  C  CE1   . PHE A 1 45  ? 10.542  1.331   0.953   1.00 31.75 ? 32   PHE A CE1   1 
ATOM   202  C  CE2   . PHE A 1 45  ? 9.304   3.323   0.377   1.00 32.48 ? 32   PHE A CE2   1 
ATOM   203  C  CZ    . PHE A 1 45  ? 10.249  2.321   0.050   1.00 32.42 ? 32   PHE A CZ    1 
ATOM   204  N  N     . THR A 1 46  ? 9.345   5.036   5.008   1.00 27.16 ? 33   THR A N     1 
ATOM   205  C  CA    . THR A 1 46  ? 9.970   6.313   4.689   1.00 30.61 ? 33   THR A CA    1 
ATOM   206  C  C     . THR A 1 46  ? 10.890  6.870   5.810   1.00 34.56 ? 33   THR A C     1 
ATOM   207  O  O     . THR A 1 46  ? 11.881  7.549   5.518   1.00 36.21 ? 33   THR A O     1 
ATOM   208  C  CB    . THR A 1 46  ? 8.935   7.410   4.264   1.00 28.57 ? 33   THR A CB    1 
ATOM   209  O  OG1   . THR A 1 46  ? 8.177   7.803   5.399   1.00 34.05 ? 33   THR A OG1   1 
ATOM   210  C  CG2   . THR A 1 46  ? 7.974   6.910   3.155   1.00 21.97 ? 33   THR A CG2   1 
ATOM   211  N  N     . ARG A 1 47  ? 10.565  6.593   7.075   1.00 38.04 ? 34   ARG A N     1 
ATOM   212  C  CA    . ARG A 1 47  ? 11.332  7.171   8.194   1.00 39.47 ? 34   ARG A CA    1 
ATOM   213  C  C     . ARG A 1 47  ? 11.889  6.146   9.184   1.00 41.09 ? 34   ARG A C     1 
ATOM   214  O  O     . ARG A 1 47  ? 12.609  6.511   10.110  1.00 39.10 ? 34   ARG A O     1 
ATOM   215  C  CB    . ARG A 1 47  ? 10.488  8.207   8.951   1.00 40.05 ? 34   ARG A CB    1 
ATOM   216  C  CG    . ARG A 1 47  ? 10.182  9.475   8.179   1.00 40.87 ? 34   ARG A CG    1 
ATOM   217  C  CD    . ARG A 1 47  ? 9.347   10.434  9.002   1.00 42.70 ? 34   ARG A CD    1 
ATOM   218  N  NE    . ARG A 1 47  ? 8.046   9.867   9.353   1.00 44.53 ? 34   ARG A NE    1 
ATOM   219  C  CZ    . ARG A 1 47  ? 6.928   10.023  8.636   1.00 46.69 ? 34   ARG A CZ    1 
ATOM   220  N  NH1   . ARG A 1 47  ? 6.920   10.735  7.507   1.00 45.02 ? 34   ARG A NH1   1 
ATOM   221  N  NH2   . ARG A 1 47  ? 5.809   9.462   9.055   1.00 46.32 ? 34   ARG A NH2   1 
ATOM   222  N  N     . ASN A 1 48  ? 11.568  4.869   8.964   1.00 43.97 ? 35   ASN A N     1 
ATOM   223  C  CA    . ASN A 1 48  ? 11.858  3.790   9.906   1.00 45.44 ? 35   ASN A CA    1 
ATOM   224  C  C     . ASN A 1 48  ? 11.260  4.099   11.297  1.00 47.73 ? 35   ASN A C     1 
ATOM   225  O  O     . ASN A 1 48  ? 11.834  3.776   12.338  1.00 51.83 ? 35   ASN A O     1 
ATOM   226  C  CB    . ASN A 1 48  ? 13.362  3.483   9.954   1.00 46.12 ? 35   ASN A CB    1 
ATOM   227  C  CG    . ASN A 1 48  ? 13.675  2.152   10.654  1.00 48.98 ? 35   ASN A CG    1 
ATOM   228  O  OD1   . ASN A 1 48  ? 12.870  1.232   10.657  1.00 51.40 ? 35   ASN A OD1   1 
ATOM   229  N  ND2   . ASN A 1 48  ? 14.863  2.056   11.233  1.00 49.39 ? 35   ASN A ND2   1 
ATOM   230  N  N     . GLU A 1 49  ? 10.096  4.730   11.297  1.00 44.49 ? 36   GLU A N     1 
ATOM   231  C  CA    . GLU A 1 49  ? 9.420   5.065   12.528  1.00 43.67 ? 36   GLU A CA    1 
ATOM   232  C  C     . GLU A 1 49  ? 8.106   4.262   12.680  1.00 46.40 ? 36   GLU A C     1 
ATOM   233  O  O     . GLU A 1 49  ? 7.484   3.879   11.681  1.00 43.31 ? 36   GLU A O     1 
ATOM   234  C  CB    . GLU A 1 49  ? 9.215   6.583   12.619  1.00 40.23 ? 36   GLU A CB    1 
ATOM   235  C  CG    . GLU A 1 49  ? 10.535  7.316   12.941  1.00 39.68 ? 36   GLU A CG    1 
ATOM   236  C  CD    . GLU A 1 49  ? 10.540  8.812   12.651  1.00 42.19 ? 36   GLU A CD    1 
ATOM   237  O  OE1   . GLU A 1 49  ? 9.514   9.393   12.235  1.00 41.39 ? 36   GLU A OE1   1 
ATOM   238  O  OE2   . GLU A 1 49  ? 11.614  9.428   12.844  1.00 47.60 ? 36   GLU A OE2   1 
ATOM   239  N  N     . PHE A 1 50  ? 7.744   3.956   13.937  1.00 47.88 ? 37   PHE A N     1 
ATOM   240  C  CA    . PHE A 1 50  ? 6.471   3.331   14.294  1.00 47.73 ? 37   PHE A CA    1 
ATOM   241  C  C     . PHE A 1 50  ? 5.890   3.984   15.554  1.00 52.11 ? 37   PHE A C     1 
ATOM   242  O  O     . PHE A 1 50  ? 6.499   3.892   16.653  1.00 52.86 ? 37   PHE A O     1 
ATOM   243  C  CB    . PHE A 1 50  ? 6.612   1.812   14.483  1.00 49.94 ? 37   PHE A CB    1 
ATOM   244  C  CG    . PHE A 1 50  ? 5.299   1.112   14.850  1.00 53.43 ? 37   PHE A CG    1 
ATOM   245  C  CD1   . PHE A 1 50  ? 4.363   0.772   13.861  1.00 53.80 ? 37   PHE A CD1   1 
ATOM   246  C  CD2   . PHE A 1 50  ? 4.993   0.803   16.183  1.00 54.45 ? 37   PHE A CD2   1 
ATOM   247  C  CE1   . PHE A 1 50  ? 3.142   0.138   14.193  1.00 52.59 ? 37   PHE A CE1   1 
ATOM   248  C  CE2   . PHE A 1 50  ? 3.780   0.169   16.516  1.00 54.41 ? 37   PHE A CE2   1 
ATOM   249  C  CZ    . PHE A 1 50  ? 2.854   -0.159  15.513  1.00 52.16 ? 37   PHE A CZ    1 
ATOM   250  N  N     . SER A 1 51  ? 4.744   4.669   15.374  1.00 52.16 ? 38   SER A N     1 
ATOM   251  C  CA    . SER A 1 51  ? 3.911   5.216   16.451  1.00 51.50 ? 38   SER A CA    1 
ATOM   252  C  C     . SER A 1 51  ? 2.668   4.339   16.734  1.00 57.44 ? 38   SER A C     1 
ATOM   253  O  O     . SER A 1 51  ? 2.478   3.291   16.084  1.00 62.17 ? 38   SER A O     1 
ATOM   254  C  CB    . SER A 1 51  ? 3.455   6.613   16.105  1.00 51.02 ? 38   SER A CB    1 
ATOM   255  O  OG    . SER A 1 51  ? 4.528   7.426   15.710  1.00 51.88 ? 38   SER A OG    1 
ATOM   256  N  N     . HIS A 1 52  ? 1.846   4.754   17.711  1.00 54.69 ? 39   HIS A N     1 
ATOM   257  C  CA    . HIS A 1 52  ? 0.577   4.083   18.016  1.00 56.20 ? 39   HIS A CA    1 
ATOM   258  C  C     . HIS A 1 52  ? -0.595  5.017   17.725  1.00 58.50 ? 39   HIS A C     1 
ATOM   259  O  O     . HIS A 1 52  ? -1.618  4.591   17.167  1.00 57.42 ? 39   HIS A O     1 
ATOM   260  C  CB    . HIS A 1 52  ? 0.524   3.530   19.464  1.00 55.84 ? 39   HIS A CB    1 
ATOM   261  C  CG    . HIS A 1 52  ? 1.389   2.317   19.685  1.00 57.35 ? 39   HIS A CG    1 
ATOM   262  N  ND1   . HIS A 1 52  ? 0.944   1.025   19.464  1.00 57.43 ? 39   HIS A ND1   1 
ATOM   263  C  CD2   . HIS A 1 52  ? 2.676   2.201   20.103  1.00 57.00 ? 39   HIS A CD2   1 
ATOM   264  C  CE1   . HIS A 1 52  ? 1.917   0.171   19.736  1.00 57.51 ? 39   HIS A CE1   1 
ATOM   265  N  NE2   . HIS A 1 52  ? 2.981   0.858   20.123  1.00 57.63 ? 39   HIS A NE2   1 
ATOM   266  N  N     . ASP A 1 53  ? -0.438  6.283   18.114  1.00 62.53 ? 40   ASP A N     1 
ATOM   267  C  CA    . ASP A 1 53  ? -1.372  7.355   17.747  1.00 68.50 ? 40   ASP A CA    1 
ATOM   268  C  C     . ASP A 1 53  ? -0.598  8.403   16.944  1.00 69.39 ? 40   ASP A C     1 
ATOM   269  O  O     . ASP A 1 53  ? 0.050   9.292   17.506  1.00 71.29 ? 40   ASP A O     1 
ATOM   270  C  CB    . ASP A 1 53  ? -1.998  7.998   18.991  1.00 72.80 ? 40   ASP A CB    1 
ATOM   271  C  CG    . ASP A 1 53  ? -3.268  7.287   19.468  1.00 76.29 ? 40   ASP A CG    1 
ATOM   272  O  OD1   . ASP A 1 53  ? -3.603  6.201   18.941  1.00 79.71 ? 40   ASP A OD1   1 
ATOM   273  O  OD2   . ASP A 1 53  ? -3.932  7.821   20.390  1.00 77.10 ? 40   ASP A OD2   1 
ATOM   274  N  N     . SER A 1 54  ? -0.661  8.285   15.628  1.00 67.42 ? 41   SER A N     1 
ATOM   275  C  CA    . SER A 1 54  ? 0.199   9.054   14.751  1.00 65.60 ? 41   SER A CA    1 
ATOM   276  C  C     . SER A 1 54  ? -0.284  10.506  14.598  1.00 66.64 ? 41   SER A C     1 
ATOM   277  O  O     . SER A 1 54  ? -1.468  10.755  14.300  1.00 65.90 ? 41   SER A O     1 
ATOM   278  C  CB    . SER A 1 54  ? 0.278   8.365   13.385  1.00 63.65 ? 41   SER A CB    1 
ATOM   279  O  OG    . SER A 1 54  ? 0.689   7.007   13.510  1.00 56.85 ? 41   SER A OG    1 
ATOM   280  N  N     . ARG A 1 55  ? 0.621   11.462  14.826  1.00 66.09 ? 42   ARG A N     1 
ATOM   281  C  CA    . ARG A 1 55  ? 0.346   12.855  14.464  1.00 63.75 ? 42   ARG A CA    1 
ATOM   282  C  C     . ARG A 1 55  ? 0.254   12.938  12.937  1.00 62.95 ? 42   ARG A C     1 
ATOM   283  O  O     . ARG A 1 55  ? 1.204   12.623  12.218  1.00 62.97 ? 42   ARG A O     1 
ATOM   284  C  CB    . ARG A 1 55  ? 1.402   13.817  15.014  1.00 63.80 ? 42   ARG A CB    1 
ATOM   285  N  N     . THR A 1 56  ? -0.920  13.327  12.466  1.00 61.13 ? 43   THR A N     1 
ATOM   286  C  CA    . THR A 1 56  ? -1.213  13.435  11.055  1.00 60.51 ? 43   THR A CA    1 
ATOM   287  C  C     . THR A 1 56  ? -1.853  14.804  10.779  1.00 58.07 ? 43   THR A C     1 
ATOM   288  O  O     . THR A 1 56  ? -2.592  15.320  11.614  1.00 60.38 ? 43   THR A O     1 
ATOM   289  C  CB    . THR A 1 56  ? -2.149  12.279  10.594  1.00 62.60 ? 43   THR A CB    1 
ATOM   290  O  OG1   . THR A 1 56  ? -2.445  12.419  9.203   1.00 68.52 ? 43   THR A OG1   1 
ATOM   291  C  CG2   . THR A 1 56  ? -3.472  12.260  11.386  1.00 64.94 ? 43   THR A CG2   1 
ATOM   292  N  N     . THR A 1 57  ? -1.549  15.401  9.629   1.00 55.30 ? 44   THR A N     1 
ATOM   293  C  CA    . THR A 1 57  ? -2.201  16.662  9.211   1.00 50.79 ? 44   THR A CA    1 
ATOM   294  C  C     . THR A 1 57  ? -3.597  16.366  8.662   1.00 48.59 ? 44   THR A C     1 
ATOM   295  O  O     . THR A 1 57  ? -3.913  15.209  8.350   1.00 42.24 ? 44   THR A O     1 
ATOM   296  C  CB    . THR A 1 57  ? -1.369  17.448  8.155   1.00 48.69 ? 44   THR A CB    1 
ATOM   297  O  OG1   . THR A 1 57  ? -1.226  16.666  6.972   1.00 48.16 ? 44   THR A OG1   1 
ATOM   298  C  CG2   . THR A 1 57  ? 0.008   17.812  8.694   1.00 48.28 ? 44   THR A CG2   1 
ATOM   299  N  N     . ILE A 1 58  ? -4.431  17.408  8.573   1.00 47.51 ? 45   ILE A N     1 
ATOM   300  C  CA    . ILE A 1 58  ? -5.799  17.285  8.023   1.00 45.22 ? 45   ILE A CA    1 
ATOM   301  C  C     . ILE A 1 58  ? -5.764  16.796  6.557   1.00 39.65 ? 45   ILE A C     1 
ATOM   302  O  O     . ILE A 1 58  ? -4.952  17.241  5.782   1.00 42.57 ? 45   ILE A O     1 
ATOM   303  C  CB    . ILE A 1 58  ? -6.640  18.640  8.183   1.00 44.58 ? 45   ILE A CB    1 
ATOM   304  C  CG1   . ILE A 1 58  ? -8.108  18.446  7.803   1.00 44.16 ? 45   ILE A CG1   1 
ATOM   305  C  CG2   . ILE A 1 58  ? -6.033  19.787  7.379   1.00 42.54 ? 45   ILE A CG2   1 
ATOM   306  C  CD1   . ILE A 1 58  ? -9.113  19.383  8.590   1.00 45.79 ? 45   ILE A CD1   1 
ATOM   307  N  N     . GLY A 1 59  ? -6.646  15.884  6.208   1.00 36.47 ? 46   GLY A N     1 
ATOM   308  C  CA    . GLY A 1 59  ? -6.760  15.420  4.840   1.00 34.96 ? 46   GLY A CA    1 
ATOM   309  C  C     . GLY A 1 59  ? -5.654  14.458  4.380   1.00 35.20 ? 46   GLY A C     1 
ATOM   310  O  O     . GLY A 1 59  ? -5.415  13.414  4.997   1.00 29.66 ? 46   GLY A O     1 
ATOM   311  N  N     . VAL A 1 60  ? -4.981  14.825  3.285   1.00 32.71 ? 47   VAL A N     1 
ATOM   312  C  CA    . VAL A 1 60  ? -4.154  13.893  2.575   1.00 28.54 ? 47   VAL A CA    1 
ATOM   313  C  C     . VAL A 1 60  ? -2.738  14.315  2.708   1.00 28.27 ? 47   VAL A C     1 
ATOM   314  O  O     . VAL A 1 60  ? -2.440  15.495  2.710   1.00 32.19 ? 47   VAL A O     1 
ATOM   315  C  CB    . VAL A 1 60  ? -4.593  13.781  1.096   1.00 30.32 ? 47   VAL A CB    1 
ATOM   316  C  CG1   . VAL A 1 60  ? -3.616  12.961  0.297   1.00 28.03 ? 47   VAL A CG1   1 
ATOM   317  C  CG2   . VAL A 1 60  ? -6.003  13.131  1.017   1.00 30.96 ? 47   VAL A CG2   1 
ATOM   318  N  N     . GLU A 1 61  ? -1.848  13.346  2.835   1.00 30.24 ? 48   GLU A N     1 
ATOM   319  C  CA    . GLU A 1 61  ? -0.417  13.651  2.837   1.00 34.50 ? 48   GLU A CA    1 
ATOM   320  C  C     . GLU A 1 61  ? 0.412   12.545  2.181   1.00 31.27 ? 48   GLU A C     1 
ATOM   321  O  O     . GLU A 1 61  ? -0.045  11.378  2.022   1.00 28.88 ? 48   GLU A O     1 
ATOM   322  C  CB    . GLU A 1 61  ? 0.073   13.918  4.275   1.00 35.66 ? 48   GLU A CB    1 
ATOM   323  C  CG    . GLU A 1 61  ? -0.185  12.767  5.217   1.00 42.68 ? 48   GLU A CG    1 
ATOM   324  C  CD    . GLU A 1 61  ? 0.216   13.047  6.683   1.00 45.62 ? 48   GLU A CD    1 
ATOM   325  O  OE1   . GLU A 1 61  ? 0.205   14.232  7.122   1.00 47.90 ? 48   GLU A OE1   1 
ATOM   326  O  OE2   . GLU A 1 61  ? 0.531   12.056  7.391   1.00 47.80 ? 48   GLU A OE2   1 
ATOM   327  N  N     . PHE A 1 62  ? 1.638   12.903  1.812   1.00 28.72 ? 49   PHE A N     1 
ATOM   328  C  CA    . PHE A 1 62  ? 2.589   11.913  1.367   1.00 33.02 ? 49   PHE A CA    1 
ATOM   329  C  C     . PHE A 1 62  ? 3.984   12.098  1.961   1.00 33.42 ? 49   PHE A C     1 
ATOM   330  O  O     . PHE A 1 62  ? 4.363   13.195  2.359   1.00 34.21 ? 49   PHE A O     1 
ATOM   331  C  CB    . PHE A 1 62  ? 2.637   11.835  -0.176  1.00 33.15 ? 49   PHE A CB    1 
ATOM   332  C  CG    . PHE A 1 62  ? 3.258   13.029  -0.837  1.00 31.08 ? 49   PHE A CG    1 
ATOM   333  C  CD1   . PHE A 1 62  ? 4.631   13.171  -0.901  1.00 27.81 ? 49   PHE A CD1   1 
ATOM   334  C  CD2   . PHE A 1 62  ? 2.461   13.987  -1.438  1.00 32.91 ? 49   PHE A CD2   1 
ATOM   335  C  CE1   . PHE A 1 62  ? 5.214   14.254  -1.535  1.00 31.32 ? 49   PHE A CE1   1 
ATOM   336  C  CE2   . PHE A 1 62  ? 3.031   15.094  -2.080  1.00 32.56 ? 49   PHE A CE2   1 
ATOM   337  C  CZ    . PHE A 1 62  ? 4.418   15.216  -2.132  1.00 33.71 ? 49   PHE A CZ    1 
ATOM   338  N  N     . SER A 1 63  ? 4.740   11.008  1.998   1.00 30.99 ? 50   SER A N     1 
ATOM   339  C  CA    . SER A 1 63  ? 6.144   11.065  2.326   1.00 32.87 ? 50   SER A CA    1 
ATOM   340  C  C     . SER A 1 63  ? 6.906   10.342  1.224   1.00 33.30 ? 50   SER A C     1 
ATOM   341  O  O     . SER A 1 63  ? 6.364   9.422   0.555   1.00 29.75 ? 50   SER A O     1 
ATOM   342  C  CB    . SER A 1 63  ? 6.417   10.388  3.662   1.00 34.98 ? 50   SER A CB    1 
ATOM   343  O  OG    . SER A 1 63  ? 5.630   10.987  4.666   1.00 41.94 ? 50   SER A OG    1 
ATOM   344  N  N     . THR A 1 64  ? 8.165   10.731  1.050   1.00 32.33 ? 51   THR A N     1 
ATOM   345  C  CA    . THR A 1 64  ? 8.953   10.198  -0.029  1.00 32.46 ? 51   THR A CA    1 
ATOM   346  C  C     . THR A 1 64  ? 10.145  9.391   0.444   1.00 35.99 ? 51   THR A C     1 
ATOM   347  O  O     . THR A 1 64  ? 10.674  9.596   1.540   1.00 36.53 ? 51   THR A O     1 
ATOM   348  C  CB    . THR A 1 64  ? 9.459   11.313  -1.009  1.00 33.85 ? 51   THR A CB    1 
ATOM   349  O  OG1   . THR A 1 64  ? 10.381  12.192  -0.324  1.00 31.93 ? 51   THR A OG1   1 
ATOM   350  C  CG2   . THR A 1 64  ? 8.289   12.096  -1.627  1.00 28.11 ? 51   THR A CG2   1 
ATOM   351  N  N     . ARG A 1 65  ? 10.576  8.489   -0.422  1.00 33.96 ? 52   ARG A N     1 
ATOM   352  C  CA    . ARG A 1 65  ? 11.785  7.751   -0.220  1.00 38.87 ? 52   ARG A CA    1 
ATOM   353  C  C     . ARG A 1 65  ? 12.399  7.350   -1.589  1.00 37.06 ? 52   ARG A C     1 
ATOM   354  O  O     . ARG A 1 65  ? 11.733  6.775   -2.436  1.00 37.50 ? 52   ARG A O     1 
ATOM   355  C  CB    . ARG A 1 65  ? 11.520  6.525   0.675   1.00 37.95 ? 52   ARG A CB    1 
ATOM   356  C  CG    . ARG A 1 65  ? 12.664  5.533   0.643   1.00 40.81 ? 52   ARG A CG    1 
ATOM   357  C  CD    . ARG A 1 65  ? 12.872  4.803   1.928   1.00 39.87 ? 52   ARG A CD    1 
ATOM   358  N  NE    . ARG A 1 65  ? 13.962  3.852   1.785   1.00 43.35 ? 52   ARG A NE    1 
ATOM   359  C  CZ    . ARG A 1 65  ? 14.017  2.677   2.399   1.00 45.63 ? 52   ARG A CZ    1 
ATOM   360  N  NH1   . ARG A 1 65  ? 13.049  2.304   3.223   1.00 46.26 ? 52   ARG A NH1   1 
ATOM   361  N  NH2   . ARG A 1 65  ? 15.050  1.876   2.201   1.00 45.89 ? 52   ARG A NH2   1 
ATOM   362  N  N     . THR A 1 66  ? 13.656  7.700   -1.794  1.00 37.85 ? 53   THR A N     1 
ATOM   363  C  CA    . THR A 1 66  ? 14.387  7.281   -2.989  1.00 40.22 ? 53   THR A CA    1 
ATOM   364  C  C     . THR A 1 66  ? 14.974  5.894   -2.775  1.00 38.63 ? 53   THR A C     1 
ATOM   365  O  O     . THR A 1 66  ? 15.522  5.610   -1.740  1.00 42.56 ? 53   THR A O     1 
ATOM   366  C  CB    . THR A 1 66  ? 15.472  8.304   -3.395  1.00 40.37 ? 53   THR A CB    1 
ATOM   367  O  OG1   . THR A 1 66  ? 14.838  9.550   -3.678  1.00 40.90 ? 53   THR A OG1   1 
ATOM   368  C  CG2   . THR A 1 66  ? 16.225  7.842   -4.649  1.00 41.74 ? 53   THR A CG2   1 
ATOM   369  N  N     . VAL A 1 67  ? 14.818  5.044   -3.781  1.00 39.86 ? 54   VAL A N     1 
ATOM   370  C  CA    . VAL A 1 67  ? 15.170  3.640   -3.739  1.00 41.11 ? 54   VAL A CA    1 
ATOM   371  C  C     . VAL A 1 67  ? 16.023  3.289   -4.981  1.00 44.31 ? 54   VAL A C     1 
ATOM   372  O  O     . VAL A 1 67  ? 15.710  3.694   -6.095  1.00 39.44 ? 54   VAL A O     1 
ATOM   373  C  CB    . VAL A 1 67  ? 13.874  2.760   -3.749  1.00 41.75 ? 54   VAL A CB    1 
ATOM   374  C  CG1   . VAL A 1 67  ? 14.202  1.271   -3.846  1.00 44.88 ? 54   VAL A CG1   1 
ATOM   375  C  CG2   . VAL A 1 67  ? 13.000  3.022   -2.516  1.00 43.62 ? 54   VAL A CG2   1 
ATOM   376  N  N     . MET A 1 68  ? 17.090  2.520   -4.785  1.00 49.17 ? 55   MET A N     1 
ATOM   377  C  CA    . MET A 1 68  ? 17.854  2.008   -5.916  1.00 53.01 ? 55   MET A CA    1 
ATOM   378  C  C     . MET A 1 68  ? 17.247  0.699   -6.458  1.00 53.43 ? 55   MET A C     1 
ATOM   379  O  O     . MET A 1 68  ? 17.112  -0.284  -5.728  1.00 52.96 ? 55   MET A O     1 
ATOM   380  C  CB    . MET A 1 68  ? 19.337  1.827   -5.547  1.00 55.22 ? 55   MET A CB    1 
ATOM   381  C  CG    . MET A 1 68  ? 20.078  3.146   -5.199  1.00 58.53 ? 55   MET A CG    1 
ATOM   382  S  SD    . MET A 1 68  ? 20.013  4.469   -6.468  1.00 63.12 ? 55   MET A SD    1 
ATOM   383  C  CE    . MET A 1 68  ? 20.862  3.695   -7.854  1.00 62.73 ? 55   MET A CE    1 
ATOM   384  N  N     . LEU A 1 69  ? 16.874  0.715   -7.738  1.00 54.42 ? 56   LEU A N     1 
ATOM   385  C  CA    . LEU A 1 69  ? 16.394  -0.480  -8.446  1.00 56.35 ? 56   LEU A CA    1 
ATOM   386  C  C     . LEU A 1 69  ? 17.456  -0.852  -9.477  1.00 60.49 ? 56   LEU A C     1 
ATOM   387  O  O     . LEU A 1 69  ? 17.451  -0.354  -10.615 1.00 60.70 ? 56   LEU A O     1 
ATOM   388  C  CB    . LEU A 1 69  ? 15.021  -0.238  -9.130  1.00 51.07 ? 56   LEU A CB    1 
ATOM   389  C  CG    . LEU A 1 69  ? 13.823  0.359   -8.370  1.00 48.61 ? 56   LEU A CG    1 
ATOM   390  C  CD1   . LEU A 1 69  ? 12.613  0.521   -9.292  1.00 45.68 ? 56   LEU A CD1   1 
ATOM   391  C  CD2   . LEU A 1 69  ? 13.451  -0.472  -7.125  1.00 47.63 ? 56   LEU A CD2   1 
ATOM   392  N  N     . GLY A 1 70  ? 18.381  -1.714  -9.069  1.00 66.55 ? 57   GLY A N     1 
ATOM   393  C  CA    . GLY A 1 70  ? 19.580  -1.967  -9.869  1.00 72.75 ? 57   GLY A CA    1 
ATOM   394  C  C     . GLY A 1 70  ? 20.434  -0.705  -9.893  1.00 75.73 ? 57   GLY A C     1 
ATOM   395  O  O     . GLY A 1 70  ? 21.086  -0.355  -8.881  1.00 77.42 ? 57   GLY A O     1 
ATOM   396  N  N     . THR A 1 71  ? 20.410  -0.007  -11.031 1.00 74.76 ? 58   THR A N     1 
ATOM   397  C  CA    . THR A 1 71  ? 21.154  1.246   -11.175 1.00 74.64 ? 58   THR A CA    1 
ATOM   398  C  C     . THR A 1 71  ? 20.219  2.436   -11.488 1.00 72.96 ? 58   THR A C     1 
ATOM   399  O  O     . THR A 1 71  ? 20.690  3.571   -11.777 1.00 72.88 ? 58   THR A O     1 
ATOM   400  C  CB    . THR A 1 71  ? 22.297  1.118   -12.227 1.00 78.41 ? 58   THR A CB    1 
ATOM   401  O  OG1   . THR A 1 71  ? 22.821  -0.224  -12.221 1.00 79.01 ? 58   THR A OG1   1 
ATOM   402  C  CG2   . THR A 1 71  ? 23.438  2.110   -11.923 1.00 80.62 ? 58   THR A CG2   1 
ATOM   403  N  N     . ALA A 1 72  ? 18.900  2.179   -11.418 1.00 66.19 ? 59   ALA A N     1 
ATOM   404  C  CA    . ALA A 1 72  ? 17.881  3.239   -11.513 1.00 60.31 ? 59   ALA A CA    1 
ATOM   405  C  C     . ALA A 1 72  ? 17.510  3.766   -10.129 1.00 55.57 ? 59   ALA A C     1 
ATOM   406  O  O     . ALA A 1 72  ? 17.264  2.981   -9.207  1.00 53.77 ? 59   ALA A O     1 
ATOM   407  C  CB    . ALA A 1 72  ? 16.641  2.743   -12.233 1.00 60.51 ? 59   ALA A CB    1 
ATOM   408  N  N     . ALA A 1 73  ? 17.499  5.092   -9.999  1.00 48.40 ? 60   ALA A N     1 
ATOM   409  C  CA    . ALA A 1 73  ? 17.039  5.754   -8.797  1.00 46.72 ? 60   ALA A CA    1 
ATOM   410  C  C     . ALA A 1 73  ? 15.554  6.152   -8.949  1.00 45.61 ? 60   ALA A C     1 
ATOM   411  O  O     . ALA A 1 73  ? 15.161  6.935   -9.848  1.00 42.97 ? 60   ALA A O     1 
ATOM   412  C  CB    . ALA A 1 73  ? 17.911  6.972   -8.486  1.00 48.58 ? 60   ALA A CB    1 
ATOM   413  N  N     . VAL A 1 74  ? 14.730  5.603   -8.070  1.00 42.53 ? 61   VAL A N     1 
ATOM   414  C  CA    . VAL A 1 74  ? 13.301  5.850   -8.108  1.00 41.08 ? 61   VAL A CA    1 
ATOM   415  C  C     . VAL A 1 74  ? 12.863  6.549   -6.822  1.00 39.66 ? 61   VAL A C     1 
ATOM   416  O  O     . VAL A 1 74  ? 13.116  6.069   -5.715  1.00 40.06 ? 61   VAL A O     1 
ATOM   417  C  CB    . VAL A 1 74  ? 12.547  4.519   -8.338  1.00 40.57 ? 61   VAL A CB    1 
ATOM   418  C  CG1   . VAL A 1 74  ? 11.077  4.641   -8.023  1.00 40.79 ? 61   VAL A CG1   1 
ATOM   419  C  CG2   . VAL A 1 74  ? 12.769  4.046   -9.777  1.00 39.96 ? 61   VAL A CG2   1 
ATOM   420  N  N     . LYS A 1 75  ? 12.229  7.696   -6.967  1.00 37.98 ? 62   LYS A N     1 
ATOM   421  C  CA    . LYS A 1 75  ? 11.640  8.384   -5.820  1.00 37.65 ? 62   LYS A CA    1 
ATOM   422  C  C     . LYS A 1 75  ? 10.204  7.883   -5.591  1.00 35.67 ? 62   LYS A C     1 
ATOM   423  O  O     . LYS A 1 75  ? 9.293   8.265   -6.318  1.00 34.28 ? 62   LYS A O     1 
ATOM   424  C  CB    . LYS A 1 75  ? 11.643  9.878   -6.075  1.00 39.71 ? 62   LYS A CB    1 
ATOM   425  C  CG    . LYS A 1 75  ? 11.172  10.735  -4.930  1.00 43.66 ? 62   LYS A CG    1 
ATOM   426  C  CD    . LYS A 1 75  ? 10.927  12.122  -5.467  1.00 47.28 ? 62   LYS A CD    1 
ATOM   427  C  CE    . LYS A 1 75  ? 11.032  13.188  -4.414  1.00 51.90 ? 62   LYS A CE    1 
ATOM   428  N  NZ    . LYS A 1 75  ? 10.149  14.343  -4.810  1.00 54.86 ? 62   LYS A NZ    1 
ATOM   429  N  N     . ALA A 1 76  ? 10.015  7.023   -4.585  1.00 32.64 ? 63   ALA A N     1 
ATOM   430  C  CA    . ALA A 1 76  ? 8.689   6.581   -4.192  1.00 29.35 ? 63   ALA A CA    1 
ATOM   431  C  C     . ALA A 1 76  ? 7.931   7.686   -3.441  1.00 33.64 ? 63   ALA A C     1 
ATOM   432  O  O     . ALA A 1 76  ? 8.437   8.233   -2.487  1.00 33.59 ? 63   ALA A O     1 
ATOM   433  C  CB    . ALA A 1 76  ? 8.793   5.373   -3.359  1.00 28.42 ? 63   ALA A CB    1 
ATOM   434  N  N     . GLN A 1 77  ? 6.715   7.998   -3.882  1.00 32.94 ? 64   GLN A N     1 
ATOM   435  C  CA    . GLN A 1 77  ? 5.875   8.999   -3.221  1.00 33.68 ? 64   GLN A CA    1 
ATOM   436  C  C     . GLN A 1 77  ? 4.764   8.238   -2.565  1.00 32.88 ? 64   GLN A C     1 
ATOM   437  O  O     . GLN A 1 77  ? 3.838   7.742   -3.252  1.00 31.73 ? 64   GLN A O     1 
ATOM   438  C  CB    . GLN A 1 77  ? 5.290   9.923   -4.265  1.00 35.33 ? 64   GLN A CB    1 
ATOM   439  C  CG    . GLN A 1 77  ? 5.293   11.372  -3.930  1.00 37.18 ? 64   GLN A CG    1 
ATOM   440  C  CD    . GLN A 1 77  ? 4.729   12.241  -5.081  1.00 39.51 ? 64   GLN A CD    1 
ATOM   441  O  OE1   . GLN A 1 77  ? 3.678   11.933  -5.679  1.00 38.31 ? 64   GLN A OE1   1 
ATOM   442  N  NE2   . GLN A 1 77  ? 5.427   13.348  -5.377  1.00 40.02 ? 64   GLN A NE2   1 
ATOM   443  N  N     . ILE A 1 78  ? 4.841   8.083   -1.249  1.00 31.23 ? 65   ILE A N     1 
ATOM   444  C  CA    . ILE A 1 78  ? 3.811   7.282   -0.563  1.00 29.16 ? 65   ILE A CA    1 
ATOM   445  C  C     . ILE A 1 78  ? 2.694   8.155   -0.025  1.00 27.92 ? 65   ILE A C     1 
ATOM   446  O  O     . ILE A 1 78  ? 2.924   9.003   0.823   1.00 29.58 ? 65   ILE A O     1 
ATOM   447  C  CB    . ILE A 1 78  ? 4.374   6.383   0.573   1.00 31.16 ? 65   ILE A CB    1 
ATOM   448  C  CG1   . ILE A 1 78  ? 5.751   5.756   0.191   1.00 27.53 ? 65   ILE A CG1   1 
ATOM   449  C  CG2   . ILE A 1 78  ? 3.271   5.330   1.023   1.00 28.20 ? 65   ILE A CG2   1 
ATOM   450  C  CD1   . ILE A 1 78  ? 5.732   4.724   -1.000  1.00 24.46 ? 65   ILE A CD1   1 
ATOM   451  N  N     . TRP A 1 79  ? 1.484   7.922   -0.520  1.00 28.30 ? 66   TRP A N     1 
ATOM   452  C  CA    . TRP A 1 79  ? 0.312   8.743   -0.200  1.00 26.32 ? 66   TRP A CA    1 
ATOM   453  C  C     . TRP A 1 79  ? -0.549  8.088   0.849   1.00 29.72 ? 66   TRP A C     1 
ATOM   454  O  O     . TRP A 1 79  ? -0.709  6.866   0.849   1.00 33.04 ? 66   TRP A O     1 
ATOM   455  C  CB    . TRP A 1 79  ? -0.494  8.998   -1.470  1.00 24.07 ? 66   TRP A CB    1 
ATOM   456  C  CG    . TRP A 1 79  ? 0.148   10.029  -2.345  1.00 25.82 ? 66   TRP A CG    1 
ATOM   457  C  CD1   . TRP A 1 79  ? 1.407   9.985   -2.913  1.00 24.74 ? 66   TRP A CD1   1 
ATOM   458  C  CD2   . TRP A 1 79  ? -0.433  11.264  -2.765  1.00 26.90 ? 66   TRP A CD2   1 
ATOM   459  N  NE1   . TRP A 1 79  ? 1.634   11.118  -3.657  1.00 26.21 ? 66   TRP A NE1   1 
ATOM   460  C  CE2   . TRP A 1 79  ? 0.516   11.915  -3.594  1.00 26.38 ? 66   TRP A CE2   1 
ATOM   461  C  CE3   . TRP A 1 79  ? -1.687  11.866  -2.562  1.00 26.74 ? 66   TRP A CE3   1 
ATOM   462  C  CZ2   . TRP A 1 79  ? 0.266   13.155  -4.178  1.00 26.95 ? 66   TRP A CZ2   1 
ATOM   463  C  CZ3   . TRP A 1 79  ? -1.938  13.093  -3.152  1.00 27.44 ? 66   TRP A CZ3   1 
ATOM   464  C  CH2   . TRP A 1 79  ? -0.960  13.730  -3.953  1.00 26.35 ? 66   TRP A CH2   1 
ATOM   465  N  N     . ASP A 1 80  ? -1.125  8.905   1.738   1.00 29.23 ? 67   ASP A N     1 
ATOM   466  C  CA    . ASP A 1 80  ? -1.870  8.388   2.873   1.00 25.90 ? 67   ASP A CA    1 
ATOM   467  C  C     . ASP A 1 80  ? -2.945  9.394   3.300   1.00 26.31 ? 67   ASP A C     1 
ATOM   468  O  O     . ASP A 1 80  ? -2.819  10.596  3.088   1.00 30.17 ? 67   ASP A O     1 
ATOM   469  C  CB    . ASP A 1 80  ? -0.871  8.098   3.994   1.00 28.22 ? 67   ASP A CB    1 
ATOM   470  C  CG    . ASP A 1 80  ? -1.478  7.374   5.203   1.00 27.54 ? 67   ASP A CG    1 
ATOM   471  O  OD1   . ASP A 1 80  ? -2.306  6.421   5.078   1.00 26.86 ? 67   ASP A OD1   1 
ATOM   472  O  OD2   . ASP A 1 80  ? -1.067  7.754   6.302   1.00 29.55 ? 67   ASP A OD2   1 
ATOM   473  N  N     . THR A 1 81  ? -4.032  8.903   3.850   1.00 25.25 ? 68   THR A N     1 
ATOM   474  C  CA    . THR A 1 81  ? -5.036  9.781   4.399   1.00 32.31 ? 68   THR A CA    1 
ATOM   475  C  C     . THR A 1 81  ? -5.819  8.976   5.434   1.00 35.92 ? 68   THR A C     1 
ATOM   476  O  O     . THR A 1 81  ? -5.587  7.769   5.554   1.00 30.07 ? 68   THR A O     1 
ATOM   477  C  CB    . THR A 1 81  ? -5.964  10.346  3.316   1.00 33.29 ? 68   THR A CB    1 
ATOM   478  O  OG1   . THR A 1 81  ? -6.804  11.347  3.908   1.00 37.68 ? 68   THR A OG1   1 
ATOM   479  C  CG2   . THR A 1 81  ? -6.830  9.245   2.672   1.00 29.11 ? 68   THR A CG2   1 
ATOM   480  N  N     . ALA A 1 82  ? -6.711  9.637   6.182   1.00 39.16 ? 69   ALA A N     1 
ATOM   481  C  CA    . ALA A 1 82  ? -7.547  8.950   7.197   1.00 47.34 ? 69   ALA A CA    1 
ATOM   482  C  C     . ALA A 1 82  ? -8.971  8.743   6.732   1.00 53.26 ? 69   ALA A C     1 
ATOM   483  O  O     . ALA A 1 82  ? -9.634  7.767   7.101   1.00 54.82 ? 69   ALA A O     1 
ATOM   484  C  CB    . ALA A 1 82  ? -7.538  9.710   8.522   1.00 49.71 ? 69   ALA A CB    1 
ATOM   485  N  N     . GLY A 1 83  ? -9.452  9.672   5.925   1.00 57.80 ? 70   GLY A N     1 
ATOM   486  C  CA    . GLY A 1 83  ? -10.783 9.560   5.395   1.00 62.37 ? 70   GLY A CA    1 
ATOM   487  C  C     . GLY A 1 83  ? -10.759 9.316   3.914   1.00 63.26 ? 70   GLY A C     1 
ATOM   488  O  O     . GLY A 1 83  ? -10.942 10.249  3.132   1.00 69.57 ? 70   GLY A O     1 
ATOM   489  N  N     . LEU A 1 84  ? -10.495 8.081   3.512   1.00 61.39 ? 71   LEU A N     1 
ATOM   490  C  CA    . LEU A 1 84  ? -10.841 7.672   2.164   1.00 61.91 ? 71   LEU A CA    1 
ATOM   491  C  C     . LEU A 1 84  ? -12.263 7.142   2.309   1.00 63.79 ? 71   LEU A C     1 
ATOM   492  O  O     . LEU A 1 84  ? -12.553 6.334   3.214   1.00 65.20 ? 71   LEU A O     1 
ATOM   493  C  CB    . LEU A 1 84  ? -9.861  6.632   1.599   1.00 59.06 ? 71   LEU A CB    1 
ATOM   494  N  N     . GLU A 1 85  ? -13.158 7.624   1.452   1.00 66.73 ? 72   GLU A N     1 
ATOM   495  C  CA    . GLU A 1 85  ? -14.590 7.413   1.645   1.00 68.81 ? 72   GLU A CA    1 
ATOM   496  C  C     . GLU A 1 85  ? -15.377 7.979   0.486   1.00 67.98 ? 72   GLU A C     1 
ATOM   497  O  O     . GLU A 1 85  ? -15.539 9.194   0.380   1.00 67.84 ? 72   GLU A O     1 
ATOM   498  C  CB    . GLU A 1 85  ? -15.045 8.062   2.950   1.00 70.53 ? 72   GLU A CB    1 
ATOM   499  C  CG    . GLU A 1 85  ? -16.186 7.364   3.622   1.00 71.71 ? 72   GLU A CG    1 
ATOM   500  C  CD    . GLU A 1 85  ? -16.047 7.397   5.128   1.00 73.92 ? 72   GLU A CD    1 
ATOM   501  O  OE1   . GLU A 1 85  ? -17.108 7.484   5.798   1.00 76.46 ? 72   GLU A OE1   1 
ATOM   502  O  OE2   . GLU A 1 85  ? -14.888 7.343   5.639   1.00 71.04 ? 72   GLU A OE2   1 
ATOM   503  N  N     . ARG A 1 86  ? -15.891 7.071   -0.353  1.00 68.50 ? 73   ARG A N     1 
ATOM   504  C  CA    . ARG A 1 86  ? -16.427 7.363   -1.702  1.00 69.16 ? 73   ARG A CA    1 
ATOM   505  C  C     . ARG A 1 86  ? -17.186 8.690   -1.898  1.00 67.76 ? 73   ARG A C     1 
ATOM   506  O  O     . ARG A 1 86  ? -17.142 9.262   -3.001  1.00 67.72 ? 73   ARG A O     1 
ATOM   507  C  CB    . ARG A 1 86  ? -17.284 6.178   -2.200  1.00 70.72 ? 73   ARG A CB    1 
ATOM   508  C  CG    . ARG A 1 86  ? -17.696 6.244   -3.691  1.00 73.44 ? 73   ARG A CG    1 
ATOM   509  C  CD    . ARG A 1 86  ? -18.726 5.162   -4.051  1.00 73.16 ? 73   ARG A CD    1 
ATOM   510  N  NE    . ARG A 1 86  ? -19.658 5.581   -5.113  1.00 76.11 ? 73   ARG A NE    1 
ATOM   511  C  CZ    . ARG A 1 86  ? -20.854 6.158   -4.911  1.00 78.00 ? 73   ARG A CZ    1 
ATOM   512  N  NH1   . ARG A 1 86  ? -21.301 6.419   -3.676  1.00 77.41 ? 73   ARG A NH1   1 
ATOM   513  N  NH2   . ARG A 1 86  ? -21.615 6.477   -5.956  1.00 77.94 ? 73   ARG A NH2   1 
ATOM   514  N  N     . TYR A 1 87  ? -17.881 9.169   -0.856  1.00 64.19 ? 74   TYR A N     1 
ATOM   515  C  CA    . TYR A 1 87  ? -18.636 10.437  -0.950  1.00 61.52 ? 74   TYR A CA    1 
ATOM   516  C  C     . TYR A 1 87  ? -17.730 11.668  -1.136  1.00 57.80 ? 74   TYR A C     1 
ATOM   517  O  O     . TYR A 1 87  ? -18.158 12.681  -1.662  1.00 58.08 ? 74   TYR A O     1 
ATOM   518  C  CB    . TYR A 1 87  ? -19.583 10.645  0.254   1.00 60.90 ? 74   TYR A CB    1 
ATOM   519  C  CG    . TYR A 1 87  ? -18.921 11.118  1.544   1.00 62.08 ? 74   TYR A CG    1 
ATOM   520  C  CD1   . TYR A 1 87  ? -18.696 12.483  1.796   1.00 62.21 ? 74   TYR A CD1   1 
ATOM   521  C  CD2   . TYR A 1 87  ? -18.529 10.199  2.521   1.00 64.01 ? 74   TYR A CD2   1 
ATOM   522  C  CE1   . TYR A 1 87  ? -18.079 12.907  2.980   1.00 60.66 ? 74   TYR A CE1   1 
ATOM   523  C  CE2   . TYR A 1 87  ? -17.917 10.617  3.713   1.00 61.39 ? 74   TYR A CE2   1 
ATOM   524  C  CZ    . TYR A 1 87  ? -17.696 11.958  3.932   1.00 60.82 ? 74   TYR A CZ    1 
ATOM   525  O  OH    . TYR A 1 87  ? -17.108 12.338  5.109   1.00 58.72 ? 74   TYR A OH    1 
ATOM   526  N  N     . ARG A 1 88  ? -16.486 11.561  -0.699  1.00 51.56 ? 75   ARG A N     1 
ATOM   527  C  CA    . ARG A 1 88  ? -15.616 12.722  -0.628  1.00 48.78 ? 75   ARG A CA    1 
ATOM   528  C  C     . ARG A 1 88  ? -15.232 13.235  -1.997  1.00 43.07 ? 75   ARG A C     1 
ATOM   529  O  O     . ARG A 1 88  ? -14.951 12.449  -2.906  1.00 44.94 ? 75   ARG A O     1 
ATOM   530  C  CB    . ARG A 1 88  ? -14.365 12.392  0.181   1.00 47.21 ? 75   ARG A CB    1 
ATOM   531  C  CG    . ARG A 1 88  ? -14.649 12.226  1.637   1.00 53.52 ? 75   ARG A CG    1 
ATOM   532  C  CD    . ARG A 1 88  ? -13.428 11.660  2.332   1.00 59.09 ? 75   ARG A CD    1 
ATOM   533  N  NE    . ARG A 1 88  ? -13.753 11.146  3.651   1.00 61.32 ? 75   ARG A NE    1 
ATOM   534  C  CZ    . ARG A 1 88  ? -13.657 11.848  4.787   1.00 65.67 ? 75   ARG A CZ    1 
ATOM   535  N  NH1   . ARG A 1 88  ? -13.226 13.125  4.773   1.00 62.07 ? 75   ARG A NH1   1 
ATOM   536  N  NH2   . ARG A 1 88  ? -13.999 11.260  5.946   1.00 66.88 ? 75   ARG A NH2   1 
ATOM   537  N  N     . ALA A 1 89  ? -15.223 14.554  -2.129  1.00 34.84 ? 76   ALA A N     1 
ATOM   538  C  CA    . ALA A 1 89  ? -14.744 15.226  -3.330  1.00 31.93 ? 76   ALA A CA    1 
ATOM   539  C  C     . ALA A 1 89  ? -13.274 14.896  -3.644  1.00 32.15 ? 76   ALA A C     1 
ATOM   540  O  O     . ALA A 1 89  ? -12.856 14.906  -4.781  1.00 32.46 ? 76   ALA A O     1 
ATOM   541  C  CB    . ALA A 1 89  ? -14.911 16.712  -3.177  1.00 27.20 ? 76   ALA A CB    1 
ATOM   542  N  N     . ILE A 1 90  ? -12.511 14.576  -2.610  1.00 33.45 ? 77   ILE A N     1 
ATOM   543  C  CA    . ILE A 1 90  ? -11.087 14.491  -2.740  1.00 33.17 ? 77   ILE A CA    1 
ATOM   544  C  C     . ILE A 1 90  ? -10.616 13.168  -3.321  1.00 36.08 ? 77   ILE A C     1 
ATOM   545  O  O     . ILE A 1 90  ? -9.440  13.049  -3.696  1.00 32.50 ? 77   ILE A O     1 
ATOM   546  C  CB    . ILE A 1 90  ? -10.417 14.707  -1.372  1.00 30.88 ? 77   ILE A CB    1 
ATOM   547  C  CG1   . ILE A 1 90  ? -8.927  14.958  -1.559  1.00 28.71 ? 77   ILE A CG1   1 
ATOM   548  C  CG2   . ILE A 1 90  ? -10.751 13.517  -0.398  1.00 30.98 ? 77   ILE A CG2   1 
ATOM   549  C  CD1   . ILE A 1 90  ? -8.281  15.663  -0.448  1.00 26.16 ? 77   ILE A CD1   1 
ATOM   550  N  N     . THR A 1 91  ? -11.512 12.170  -3.384  1.00 38.71 ? 78   THR A N     1 
ATOM   551  C  CA    . THR A 1 91  ? -11.065 10.798  -3.673  1.00 38.66 ? 78   THR A CA    1 
ATOM   552  C  C     . THR A 1 91  ? -10.426 10.729  -5.037  1.00 37.88 ? 78   THR A C     1 
ATOM   553  O  O     . THR A 1 91  ? -9.338  10.181  -5.158  1.00 39.72 ? 78   THR A O     1 
ATOM   554  C  CB    . THR A 1 91  ? -12.152 9.709   -3.465  1.00 40.53 ? 78   THR A CB    1 
ATOM   555  O  OG1   . THR A 1 91  ? -13.363 10.136  -4.044  1.00 46.40 ? 78   THR A OG1   1 
ATOM   556  C  CG2   . THR A 1 91  ? -12.416 9.478   -1.978  1.00 43.53 ? 78   THR A CG2   1 
ATOM   557  N  N     . SER A 1 92  ? -11.068 11.337  -6.042  1.00 36.34 ? 79   SER A N     1 
ATOM   558  C  CA    . SER A 1 92  ? -10.524 11.391  -7.397  1.00 38.25 ? 79   SER A CA    1 
ATOM   559  C  C     . SER A 1 92  ? -9.070  11.886  -7.441  1.00 37.01 ? 79   SER A C     1 
ATOM   560  O  O     . SER A 1 92  ? -8.206  11.193  -7.970  1.00 36.18 ? 79   SER A O     1 
ATOM   561  C  CB    . SER A 1 92  ? -11.428 12.235  -8.316  1.00 44.52 ? 79   SER A CB    1 
ATOM   562  O  OG    . SER A 1 92  ? -11.567 13.557  -7.798  1.00 51.68 ? 79   SER A OG    1 
ATOM   563  N  N     . ALA A 1 93  ? -8.809  13.060  -6.841  1.00 33.13 ? 80   ALA A N     1 
ATOM   564  C  CA    . ALA A 1 93  ? -7.451  13.628  -6.734  1.00 30.91 ? 80   ALA A CA    1 
ATOM   565  C  C     . ALA A 1 93  ? -6.461  12.737  -5.974  1.00 31.37 ? 80   ALA A C     1 
ATOM   566  O  O     . ALA A 1 93  ? -5.267  12.744  -6.258  1.00 30.00 ? 80   ALA A O     1 
ATOM   567  C  CB    . ALA A 1 93  ? -7.506  15.014  -6.063  1.00 30.71 ? 80   ALA A CB    1 
ATOM   568  N  N     . TYR A 1 94  ? -6.965  12.015  -4.976  1.00 28.40 ? 81   TYR A N     1 
ATOM   569  C  CA    . TYR A 1 94  ? -6.146  11.140  -4.180  1.00 29.41 ? 81   TYR A CA    1 
ATOM   570  C  C     . TYR A 1 94  ? -5.550  10.077  -5.082  1.00 28.02 ? 81   TYR A C     1 
ATOM   571  O  O     . TYR A 1 94  ? -4.333  9.936   -5.149  1.00 26.60 ? 81   TYR A O     1 
ATOM   572  C  CB    . TYR A 1 94  ? -6.954  10.508  -3.006  1.00 28.15 ? 81   TYR A CB    1 
ATOM   573  C  CG    . TYR A 1 94  ? -6.114  9.544   -2.158  1.00 29.35 ? 81   TYR A CG    1 
ATOM   574  C  CD1   . TYR A 1 94  ? -5.133  10.033  -1.278  1.00 23.98 ? 81   TYR A CD1   1 
ATOM   575  C  CD2   . TYR A 1 94  ? -6.300  8.125   -2.248  1.00 26.64 ? 81   TYR A CD2   1 
ATOM   576  C  CE1   . TYR A 1 94  ? -4.364  9.162   -0.509  1.00 25.11 ? 81   TYR A CE1   1 
ATOM   577  C  CE2   . TYR A 1 94  ? -5.521  7.245   -1.482  1.00 26.85 ? 81   TYR A CE2   1 
ATOM   578  C  CZ    . TYR A 1 94  ? -4.561  7.768   -0.617  1.00 26.60 ? 81   TYR A CZ    1 
ATOM   579  O  OH    . TYR A 1 94  ? -3.802  6.905   0.148   1.00 29.88 ? 81   TYR A OH    1 
ATOM   580  N  N     . TYR A 1 95  ? -6.418  9.356   -5.802  1.00 32.04 ? 82   TYR A N     1 
ATOM   581  C  CA    . TYR A 1 95  ? -5.979  8.304   -6.763  1.00 30.35 ? 82   TYR A CA    1 
ATOM   582  C  C     . TYR A 1 95  ? -5.304  8.781   -8.049  1.00 32.76 ? 82   TYR A C     1 
ATOM   583  O  O     . TYR A 1 95  ? -4.552  8.013   -8.679  1.00 37.44 ? 82   TYR A O     1 
ATOM   584  C  CB    . TYR A 1 95  ? -7.155  7.464   -7.179  1.00 27.84 ? 82   TYR A CB    1 
ATOM   585  C  CG    . TYR A 1 95  ? -7.719  6.683   -6.073  1.00 27.61 ? 82   TYR A CG    1 
ATOM   586  C  CD1   . TYR A 1 95  ? -7.075  5.549   -5.612  1.00 29.01 ? 82   TYR A CD1   1 
ATOM   587  C  CD2   . TYR A 1 95  ? -8.916  7.057   -5.465  1.00 27.18 ? 82   TYR A CD2   1 
ATOM   588  C  CE1   . TYR A 1 95  ? -7.601  4.805   -4.569  1.00 28.79 ? 82   TYR A CE1   1 
ATOM   589  C  CE2   . TYR A 1 95  ? -9.442  6.312   -4.417  1.00 27.77 ? 82   TYR A CE2   1 
ATOM   590  C  CZ    . TYR A 1 95  ? -8.773  5.193   -3.983  1.00 26.31 ? 82   TYR A CZ    1 
ATOM   591  O  OH    . TYR A 1 95  ? -9.271  4.433   -2.982  1.00 28.17 ? 82   TYR A OH    1 
ATOM   592  N  N     . ARG A 1 96  ? -5.592  10.014  -8.467  1.00 29.38 ? 83   ARG A N     1 
ATOM   593  C  CA    . ARG A 1 96  ? -5.073  10.523  -9.727  1.00 30.85 ? 83   ARG A CA    1 
ATOM   594  C  C     . ARG A 1 96  ? -3.563  10.384  -9.839  1.00 31.01 ? 83   ARG A C     1 
ATOM   595  O  O     . ARG A 1 96  ? -2.818  10.803  -8.943  1.00 32.74 ? 83   ARG A O     1 
ATOM   596  C  CB    . ARG A 1 96  ? -5.516  11.974  -9.996  1.00 31.87 ? 83   ARG A CB    1 
ATOM   597  C  CG    . ARG A 1 96  ? -5.062  12.499  -11.376 1.00 32.57 ? 83   ARG A CG    1 
ATOM   598  C  CD    . ARG A 1 96  ? -5.583  13.894  -11.667 1.00 32.60 ? 83   ARG A CD    1 
ATOM   599  N  NE    . ARG A 1 96  ? -5.117  14.829  -10.658 1.00 35.07 ? 83   ARG A NE    1 
ATOM   600  C  CZ    . ARG A 1 96  ? -5.909  15.534  -9.868  1.00 31.78 ? 83   ARG A CZ    1 
ATOM   601  N  NH1   . ARG A 1 96  ? -7.215  15.433  -9.980  1.00 31.16 ? 83   ARG A NH1   1 
ATOM   602  N  NH2   . ARG A 1 96  ? -5.380  16.333  -8.959  1.00 31.79 ? 83   ARG A NH2   1 
ATOM   603  N  N     . GLY A 1 97  ? -3.133  9.786   -10.947 1.00 28.35 ? 84   GLY A N     1 
ATOM   604  C  CA    . GLY A 1 97  ? -1.736  9.580   -11.260 1.00 26.69 ? 84   GLY A CA    1 
ATOM   605  C  C     . GLY A 1 97  ? -1.025  8.516   -10.459 1.00 27.92 ? 84   GLY A C     1 
ATOM   606  O  O     . GLY A 1 97  ? 0.199   8.364   -10.577 1.00 29.77 ? 84   GLY A O     1 
ATOM   607  N  N     . ALA A 1 98  ? -1.762  7.790   -9.624  1.00 26.11 ? 85   ALA A N     1 
ATOM   608  C  CA    . ALA A 1 98  ? -1.179  6.647   -8.889  1.00 28.18 ? 85   ALA A CA    1 
ATOM   609  C  C     . ALA A 1 98  ? -0.763  5.504   -9.834  1.00 27.33 ? 85   ALA A C     1 
ATOM   610  O  O     . ALA A 1 98  ? -1.556  5.054   -10.707 1.00 26.94 ? 85   ALA A O     1 
ATOM   611  C  CB    . ALA A 1 98  ? -2.125  6.138   -7.801  1.00 23.55 ? 85   ALA A CB    1 
ATOM   612  N  N     . VAL A 1 99  ? 0.484   5.069   -9.677  1.00 22.82 ? 86   VAL A N     1 
ATOM   613  C  CA    . VAL A 1 99  ? 1.011   3.942   -10.464 1.00 22.84 ? 86   VAL A CA    1 
ATOM   614  C  C     . VAL A 1 99  ? 1.150   2.672   -9.618  1.00 22.73 ? 86   VAL A C     1 
ATOM   615  O  O     . VAL A 1 99  ? 1.379   1.606   -10.149 1.00 22.86 ? 86   VAL A O     1 
ATOM   616  C  CB    . VAL A 1 99  ? 2.317   4.301   -11.193 1.00 21.75 ? 86   VAL A CB    1 
ATOM   617  C  CG1   . VAL A 1 99  ? 1.999   5.280   -12.338 1.00 16.72 ? 86   VAL A CG1   1 
ATOM   618  C  CG2   . VAL A 1 99  ? 3.307   4.931   -10.209 1.00 19.63 ? 86   VAL A CG2   1 
ATOM   619  N  N     . GLY A 1 100 ? 0.960   2.815   -8.303  1.00 25.10 ? 87   GLY A N     1 
ATOM   620  C  CA    . GLY A 1 100 ? 1.040   1.718   -7.344  1.00 23.02 ? 87   GLY A CA    1 
ATOM   621  C  C     . GLY A 1 100 ? 0.013   1.895   -6.257  1.00 24.73 ? 87   GLY A C     1 
ATOM   622  O  O     . GLY A 1 100 ? -0.472  2.995   -6.015  1.00 27.40 ? 87   GLY A O     1 
ATOM   623  N  N     . ALA A 1 101 ? -0.350  0.789   -5.627  1.00 28.71 ? 88   ALA A N     1 
ATOM   624  C  CA    . ALA A 1 101 ? -1.252  0.792   -4.476  1.00 27.87 ? 88   ALA A CA    1 
ATOM   625  C  C     . ALA A 1 101 ? -0.912  -0.378  -3.584  1.00 27.29 ? 88   ALA A C     1 
ATOM   626  O  O     . ALA A 1 101 ? -0.638  -1.474  -4.078  1.00 25.83 ? 88   ALA A O     1 
ATOM   627  C  CB    . ALA A 1 101 ? -2.722  0.681   -4.922  1.00 25.28 ? 88   ALA A CB    1 
ATOM   628  N  N     . LEU A 1 102 ? -0.932  -0.132  -2.277  1.00 27.37 ? 89   LEU A N     1 
ATOM   629  C  CA    . LEU A 1 102 ? -0.955  -1.193  -1.286  1.00 27.73 ? 89   LEU A CA    1 
ATOM   630  C  C     . LEU A 1 102 ? -2.343  -1.200  -0.706  1.00 27.89 ? 89   LEU A C     1 
ATOM   631  O  O     . LEU A 1 102 ? -2.781  -0.196  -0.159  1.00 29.39 ? 89   LEU A O     1 
ATOM   632  C  CB    . LEU A 1 102 ? 0.071   -0.960  -0.167  1.00 28.15 ? 89   LEU A CB    1 
ATOM   633  C  CG    . LEU A 1 102 ? 1.540   -1.348  -0.399  1.00 32.95 ? 89   LEU A CG    1 
ATOM   634  C  CD1   . LEU A 1 102 ? 2.175   -0.411  -1.423  1.00 31.05 ? 89   LEU A CD1   1 
ATOM   635  C  CD2   . LEU A 1 102 ? 2.293   -1.268  0.927   1.00 31.14 ? 89   LEU A CD2   1 
ATOM   636  N  N     . LEU A 1 103 ? -3.042  -2.319  -0.886  1.00 25.72 ? 90   LEU A N     1 
ATOM   637  C  CA    . LEU A 1 103 ? -4.349  -2.524  -0.322  1.00 27.21 ? 90   LEU A CA    1 
ATOM   638  C  C     . LEU A 1 103 ? -4.133  -3.337  0.962   1.00 27.56 ? 90   LEU A C     1 
ATOM   639  O  O     . LEU A 1 103 ? -3.911  -4.538  0.937   1.00 25.99 ? 90   LEU A O     1 
ATOM   640  C  CB    . LEU A 1 103 ? -5.285  -3.217  -1.320  1.00 23.32 ? 90   LEU A CB    1 
ATOM   641  C  CG    . LEU A 1 103 ? -6.694  -3.721  -0.903  1.00 26.32 ? 90   LEU A CG    1 
ATOM   642  C  CD1   . LEU A 1 103 ? -7.423  -2.891  0.160   1.00 24.28 ? 90   LEU A CD1   1 
ATOM   643  C  CD2   . LEU A 1 103 ? -7.583  -3.883  -2.136  1.00 23.14 ? 90   LEU A CD2   1 
ATOM   644  N  N     . VAL A 1 104 ? -4.198  -2.643  2.082   1.00 27.63 ? 91   VAL A N     1 
ATOM   645  C  CA    . VAL A 1 104 ? -3.798  -3.216  3.329   1.00 25.73 ? 91   VAL A CA    1 
ATOM   646  C  C     . VAL A 1 104 ? -5.022  -3.748  4.065   1.00 28.02 ? 91   VAL A C     1 
ATOM   647  O  O     . VAL A 1 104 ? -6.073  -3.087  4.085   1.00 29.26 ? 91   VAL A O     1 
ATOM   648  C  CB    . VAL A 1 104 ? -3.062  -2.162  4.163   1.00 25.68 ? 91   VAL A CB    1 
ATOM   649  C  CG1   . VAL A 1 104 ? -2.448  -2.770  5.496   1.00 22.07 ? 91   VAL A CG1   1 
ATOM   650  C  CG2   . VAL A 1 104 ? -1.984  -1.475  3.292   1.00 25.79 ? 91   VAL A CG2   1 
ATOM   651  N  N     . PHE A 1 105 ? -4.900  -4.960  4.626   1.00 25.77 ? 92   PHE A N     1 
ATOM   652  C  CA    . PHE A 1 105 ? -5.812  -5.415  5.678   1.00 26.56 ? 92   PHE A CA    1 
ATOM   653  C  C     . PHE A 1 105 ? -5.020  -5.803  6.976   1.00 27.89 ? 92   PHE A C     1 
ATOM   654  O  O     . PHE A 1 105 ? -3.784  -5.891  6.983   1.00 26.30 ? 92   PHE A O     1 
ATOM   655  C  CB    . PHE A 1 105 ? -6.783  -6.530  5.195   1.00 23.73 ? 92   PHE A CB    1 
ATOM   656  C  CG    . PHE A 1 105 ? -6.100  -7.822  4.838   1.00 25.02 ? 92   PHE A CG    1 
ATOM   657  C  CD1   . PHE A 1 105 ? -5.997  -8.871  5.791   1.00 26.22 ? 92   PHE A CD1   1 
ATOM   658  C  CD2   . PHE A 1 105 ? -5.541  -8.003  3.570   1.00 25.41 ? 92   PHE A CD2   1 
ATOM   659  C  CE1   . PHE A 1 105 ? -5.363  -10.065 5.469   1.00 25.95 ? 92   PHE A CE1   1 
ATOM   660  C  CE2   . PHE A 1 105 ? -4.877  -9.214  3.222   1.00 24.94 ? 92   PHE A CE2   1 
ATOM   661  C  CZ    . PHE A 1 105 ? -4.793  -10.242 4.159   1.00 25.77 ? 92   PHE A CZ    1 
ATOM   662  N  N     . ASP A 1 106 ? -5.763  -5.971  8.058   1.00 29.12 ? 93   ASP A N     1 
ATOM   663  C  CA    . ASP A 1 106 ? -5.257  -6.432  9.360   1.00 30.76 ? 93   ASP A CA    1 
ATOM   664  C  C     . ASP A 1 106 ? -5.538  -7.943  9.406   1.00 32.26 ? 93   ASP A C     1 
ATOM   665  O  O     . ASP A 1 106 ? -6.708  -8.359  9.471   1.00 31.78 ? 93   ASP A O     1 
ATOM   666  C  CB    . ASP A 1 106 ? -6.008  -5.645  10.469  1.00 25.83 ? 93   ASP A CB    1 
ATOM   667  C  CG    . ASP A 1 106 ? -5.596  -6.045  11.911  1.00 28.59 ? 93   ASP A CG    1 
ATOM   668  O  OD1   . ASP A 1 106 ? -4.852  -7.033  12.121  1.00 28.09 ? 93   ASP A OD1   1 
ATOM   669  O  OD2   . ASP A 1 106 ? -6.027  -5.332  12.840  1.00 27.42 ? 93   ASP A OD2   1 
ATOM   670  N  N     . LEU A 1 107 ? -4.489  -8.767  9.322   1.00 31.69 ? 94   LEU A N     1 
ATOM   671  C  CA    . LEU A 1 107 ? -4.683  -10.231 9.275   1.00 31.79 ? 94   LEU A CA    1 
ATOM   672  C  C     . LEU A 1 107 ? -5.365  -10.840 10.567  1.00 33.93 ? 94   LEU A C     1 
ATOM   673  O  O     . LEU A 1 107 ? -5.820  -12.015 10.566  1.00 33.00 ? 94   LEU A O     1 
ATOM   674  C  CB    . LEU A 1 107 ? -3.375  -10.994 8.872   1.00 29.98 ? 94   LEU A CB    1 
ATOM   675  C  CG    . LEU A 1 107 ? -2.083  -10.918 9.731   1.00 31.11 ? 94   LEU A CG    1 
ATOM   676  C  CD1   . LEU A 1 107 ? -2.074  -11.982 10.802  1.00 33.99 ? 94   LEU A CD1   1 
ATOM   677  C  CD2   . LEU A 1 107 ? -0.797  -11.036 8.866   1.00 29.57 ? 94   LEU A CD2   1 
ATOM   678  N  N     . THR A 1 108 ? -5.443  -10.047 11.631  1.00 30.13 ? 95   THR A N     1 
ATOM   679  C  CA    . THR A 1 108 ? -6.096  -10.495 12.866  1.00 31.62 ? 95   THR A CA    1 
ATOM   680  C  C     . THR A 1 108 ? -7.556  -10.012 12.927  1.00 34.79 ? 95   THR A C     1 
ATOM   681  O  O     . THR A 1 108 ? -8.267  -10.232 13.927  1.00 33.91 ? 95   THR A O     1 
ATOM   682  C  CB    . THR A 1 108 ? -5.343  -9.989  14.113  1.00 30.80 ? 95   THR A CB    1 
ATOM   683  O  OG1   . THR A 1 108 ? -5.674  -8.603  14.334  1.00 29.24 ? 95   THR A OG1   1 
ATOM   684  C  CG2   . THR A 1 108 ? -3.788  -10.173 13.963  1.00 26.04 ? 95   THR A CG2   1 
ATOM   685  N  N     . LYS A 1 109 ? -8.011  -9.370  11.853  1.00 36.99 ? 96   LYS A N     1 
ATOM   686  C  CA    . LYS A 1 109 ? -9.405  -8.882  11.764  1.00 38.02 ? 96   LYS A CA    1 
ATOM   687  C  C     . LYS A 1 109 ? -10.024 -9.257  10.419  1.00 38.67 ? 96   LYS A C     1 
ATOM   688  O  O     . LYS A 1 109 ? -9.779  -8.565  9.413   1.00 37.80 ? 96   LYS A O     1 
ATOM   689  C  CB    . LYS A 1 109 ? -9.454  -7.358  11.969  1.00 43.95 ? 96   LYS A CB    1 
ATOM   690  C  CG    . LYS A 1 109 ? -8.761  -6.860  13.244  1.00 49.12 ? 96   LYS A CG    1 
ATOM   691  C  CD    . LYS A 1 109 ? -9.712  -6.825  14.426  1.00 54.27 ? 96   LYS A CD    1 
ATOM   692  C  CE    . LYS A 1 109 ? -8.988  -6.407  15.706  1.00 58.49 ? 96   LYS A CE    1 
ATOM   693  N  NZ    . LYS A 1 109 ? -8.342  -7.580  16.388  1.00 58.67 ? 96   LYS A NZ    1 
ATOM   694  N  N     . HIS A 1 110 ? -10.809 -10.352 10.389  1.00 36.61 ? 97   HIS A N     1 
ATOM   695  C  CA    . HIS A 1 110 ? -11.404 -10.848 9.132   1.00 32.67 ? 97   HIS A CA    1 
ATOM   696  C  C     . HIS A 1 110 ? -12.180 -9.757  8.374   1.00 31.72 ? 97   HIS A C     1 
ATOM   697  O  O     . HIS A 1 110 ? -12.072 -9.660  7.166   1.00 30.74 ? 97   HIS A O     1 
ATOM   698  C  CB    . HIS A 1 110 ? -12.293 -12.094 9.336   1.00 33.27 ? 97   HIS A CB    1 
ATOM   699  C  CG    . HIS A 1 110 ? -12.672 -12.769 8.042   1.00 36.36 ? 97   HIS A CG    1 
ATOM   700  N  ND1   . HIS A 1 110 ? -13.839 -12.482 7.361   1.00 40.15 ? 97   HIS A ND1   1 
ATOM   701  C  CD2   . HIS A 1 110 ? -12.007 -13.665 7.274   1.00 38.54 ? 97   HIS A CD2   1 
ATOM   702  C  CE1   . HIS A 1 110 ? -13.894 -13.196 6.252   1.00 39.33 ? 97   HIS A CE1   1 
ATOM   703  N  NE2   . HIS A 1 110 ? -12.795 -13.919 6.172   1.00 41.70 ? 97   HIS A NE2   1 
ATOM   704  N  N     . GLN A 1 111 ? -12.936 -8.936  9.097   1.00 34.27 ? 98   GLN A N     1 
ATOM   705  C  CA    . GLN A 1 111 ? -13.710 -7.839  8.495   1.00 35.17 ? 98   GLN A CA    1 
ATOM   706  C  C     . GLN A 1 111 ? -12.894 -6.913  7.558   1.00 35.62 ? 98   GLN A C     1 
ATOM   707  O  O     . GLN A 1 111 ? -13.378 -6.508  6.506   1.00 36.88 ? 98   GLN A O     1 
ATOM   708  C  CB    . GLN A 1 111 ? -14.418 -7.018  9.588   1.00 39.41 ? 98   GLN A CB    1 
ATOM   709  C  CG    . GLN A 1 111 ? -15.413 -5.947  9.051   1.00 47.37 ? 98   GLN A CG    1 
ATOM   710  N  N     . THR A 1 112 ? -11.662 -6.585  7.936   1.00 35.72 ? 99   THR A N     1 
ATOM   711  C  CA    . THR A 1 112 ? -10.819 -5.710  7.107   1.00 32.24 ? 99   THR A CA    1 
ATOM   712  C  C     . THR A 1 112 ? -10.408 -6.353  5.767   1.00 34.25 ? 99   THR A C     1 
ATOM   713  O  O     . THR A 1 112 ? -10.061 -5.655  4.804   1.00 32.19 ? 99   THR A O     1 
ATOM   714  C  CB    . THR A 1 112 ? -9.568  -5.236  7.875   1.00 29.68 ? 99   THR A CB    1 
ATOM   715  O  OG1   . THR A 1 112 ? -8.684  -6.340  8.065   1.00 29.46 ? 99   THR A OG1   1 
ATOM   716  C  CG2   . THR A 1 112 ? -9.962  -4.621  9.241   1.00 25.99 ? 99   THR A CG2   1 
ATOM   717  N  N     . TYR A 1 113 ? -10.463 -7.678  5.734   1.00 32.69 ? 100  TYR A N     1 
ATOM   718  C  CA    . TYR A 1 113 ? -10.162 -8.472  4.553   1.00 32.51 ? 100  TYR A CA    1 
ATOM   719  C  C     . TYR A 1 113 ? -11.439 -8.766  3.739   1.00 34.86 ? 100  TYR A C     1 
ATOM   720  O  O     . TYR A 1 113 ? -11.381 -8.926  2.515   1.00 33.39 ? 100  TYR A O     1 
ATOM   721  C  CB    . TYR A 1 113 ? -9.459  -9.786  4.968   1.00 29.64 ? 100  TYR A CB    1 
ATOM   722  C  CG    . TYR A 1 113 ? -9.326  -10.762 3.829   1.00 28.30 ? 100  TYR A CG    1 
ATOM   723  C  CD1   . TYR A 1 113 ? -8.294  -10.618 2.891   1.00 28.17 ? 100  TYR A CD1   1 
ATOM   724  C  CD2   . TYR A 1 113 ? -10.248 -11.819 3.662   1.00 25.60 ? 100  TYR A CD2   1 
ATOM   725  C  CE1   . TYR A 1 113 ? -8.170  -11.493 1.804   1.00 28.74 ? 100  TYR A CE1   1 
ATOM   726  C  CE2   . TYR A 1 113 ? -10.135 -12.710 2.564   1.00 29.27 ? 100  TYR A CE2   1 
ATOM   727  C  CZ    . TYR A 1 113 ? -9.079  -12.525 1.643   1.00 29.77 ? 100  TYR A CZ    1 
ATOM   728  O  OH    . TYR A 1 113 ? -8.928  -13.341 0.556   1.00 32.24 ? 100  TYR A OH    1 
ATOM   729  N  N     . ALA A 1 114 ? -12.584 -8.819  4.425   1.00 34.96 ? 101  ALA A N     1 
ATOM   730  C  CA    . ALA A 1 114 ? -13.870 -9.155  3.795   1.00 33.27 ? 101  ALA A CA    1 
ATOM   731  C  C     . ALA A 1 114 ? -14.290 -8.104  2.797   1.00 33.26 ? 101  ALA A C     1 
ATOM   732  O  O     . ALA A 1 114 ? -14.951 -8.420  1.831   1.00 34.65 ? 101  ALA A O     1 
ATOM   733  C  CB    . ALA A 1 114 ? -14.941 -9.321  4.852   1.00 33.56 ? 101  ALA A CB    1 
ATOM   734  N  N     . VAL A 1 115 ? -13.873 -6.855  3.040   1.00 33.35 ? 102  VAL A N     1 
ATOM   735  C  CA    . VAL A 1 115 ? -14.144 -5.679  2.162   1.00 32.43 ? 102  VAL A CA    1 
ATOM   736  C  C     . VAL A 1 115 ? -13.082 -5.375  1.084   1.00 33.69 ? 102  VAL A C     1 
ATOM   737  O  O     . VAL A 1 115 ? -13.102 -4.283  0.453   1.00 37.78 ? 102  VAL A O     1 
ATOM   738  C  CB    . VAL A 1 115 ? -14.284 -4.363  3.024   1.00 30.90 ? 102  VAL A CB    1 
ATOM   739  C  CG1   . VAL A 1 115 ? -15.623 -4.340  3.788   1.00 29.57 ? 102  VAL A CG1   1 
ATOM   740  C  CG2   . VAL A 1 115 ? -13.118 -4.223  3.981   1.00 26.71 ? 102  VAL A CG2   1 
ATOM   741  N  N     . VAL A 1 116 ? -12.137 -6.296  0.893   1.00 33.40 ? 103  VAL A N     1 
ATOM   742  C  CA    . VAL A 1 116 ? -11.038 -6.089  -0.061  1.00 33.79 ? 103  VAL A CA    1 
ATOM   743  C  C     . VAL A 1 116 ? -11.570 -5.871  -1.503  1.00 34.87 ? 103  VAL A C     1 
ATOM   744  O  O     . VAL A 1 116 ? -11.150 -4.896  -2.195  1.00 31.66 ? 103  VAL A O     1 
ATOM   745  C  CB    . VAL A 1 116 ? -9.922  -7.194  0.076   1.00 33.76 ? 103  VAL A CB    1 
ATOM   746  C  CG1   . VAL A 1 116 ? -9.212  -7.402  -1.194  1.00 34.70 ? 103  VAL A CG1   1 
ATOM   747  C  CG2   . VAL A 1 116 ? -8.917  -6.811  1.197   1.00 31.23 ? 103  VAL A CG2   1 
ATOM   748  N  N     . GLU A 1 117 ? -12.519 -6.727  -1.922  1.00 35.31 ? 104  GLU A N     1 
ATOM   749  C  CA    . GLU A 1 117 ? -13.203 -6.612  -3.236  1.00 36.70 ? 104  GLU A CA    1 
ATOM   750  C  C     . GLU A 1 117 ? -13.819 -5.263  -3.456  1.00 35.12 ? 104  GLU A C     1 
ATOM   751  O  O     . GLU A 1 117 ? -13.694 -4.701  -4.531  1.00 36.19 ? 104  GLU A O     1 
ATOM   752  C  CB    . GLU A 1 117 ? -14.275 -7.691  -3.421  1.00 39.50 ? 104  GLU A CB    1 
ATOM   753  C  CG    . GLU A 1 117 ? -13.688 -9.010  -3.895  1.00 44.92 ? 104  GLU A CG    1 
ATOM   754  C  CD    . GLU A 1 117 ? -14.700 -10.151 -4.038  1.00 46.64 ? 104  GLU A CD    1 
ATOM   755  O  OE1   . GLU A 1 117 ? -15.684 -10.206 -3.248  1.00 51.22 ? 104  GLU A OE1   1 
ATOM   756  O  OE2   . GLU A 1 117 ? -14.487 -11.008 -4.943  1.00 47.28 ? 104  GLU A OE2   1 
ATOM   757  N  N     . ARG A 1 118 ? -14.471 -4.734  -2.419  1.00 37.88 ? 105  ARG A N     1 
ATOM   758  C  CA    . ARG A 1 118 ? -15.077 -3.421  -2.473  1.00 35.88 ? 105  ARG A CA    1 
ATOM   759  C  C     . ARG A 1 118 ? -14.022 -2.334  -2.638  1.00 30.78 ? 105  ARG A C     1 
ATOM   760  O  O     . ARG A 1 118 ? -14.234 -1.389  -3.391  1.00 31.21 ? 105  ARG A O     1 
ATOM   761  C  CB    . ARG A 1 118 ? -15.985 -3.169  -1.242  1.00 38.87 ? 105  ARG A CB    1 
ATOM   762  C  CG    . ARG A 1 118 ? -17.297 -3.976  -1.272  1.00 44.96 ? 105  ARG A CG    1 
ATOM   763  C  CD    . ARG A 1 118 ? -17.925 -4.165  0.127   1.00 43.80 ? 105  ARG A CD    1 
ATOM   764  N  N     . TRP A 1 119 ? -12.872 -2.481  -1.967  1.00 31.81 ? 106  TRP A N     1 
ATOM   765  C  CA    . TRP A 1 119 ? -11.768 -1.505  -2.132  1.00 27.25 ? 106  TRP A CA    1 
ATOM   766  C  C     . TRP A 1 119 ? -11.171 -1.496  -3.516  1.00 27.99 ? 106  TRP A C     1 
ATOM   767  O  O     . TRP A 1 119 ? -10.835 -0.435  -4.034  1.00 29.87 ? 106  TRP A O     1 
ATOM   768  C  CB    . TRP A 1 119 ? -10.665 -1.710  -1.120  1.00 27.87 ? 106  TRP A CB    1 
ATOM   769  C  CG    . TRP A 1 119 ? -10.942 -1.083  0.158   1.00 26.52 ? 106  TRP A CG    1 
ATOM   770  C  CD1   . TRP A 1 119 ? -11.342 -1.711  1.279   1.00 29.54 ? 106  TRP A CD1   1 
ATOM   771  C  CD2   . TRP A 1 119 ? -10.836 0.317   0.485   1.00 24.72 ? 106  TRP A CD2   1 
ATOM   772  N  NE1   . TRP A 1 119 ? -11.520 -0.795  2.302   1.00 29.04 ? 106  TRP A NE1   1 
ATOM   773  C  CE2   . TRP A 1 119 ? -11.207 0.454   1.845   1.00 27.10 ? 106  TRP A CE2   1 
ATOM   774  C  CE3   . TRP A 1 119 ? -10.469 1.463   -0.240  1.00 29.56 ? 106  TRP A CE3   1 
ATOM   775  C  CZ2   . TRP A 1 119 ? -11.228 1.705   2.519   1.00 27.06 ? 106  TRP A CZ2   1 
ATOM   776  C  CZ3   . TRP A 1 119 ? -10.472 2.717   0.420   1.00 29.92 ? 106  TRP A CZ3   1 
ATOM   777  C  CH2   . TRP A 1 119 ? -10.850 2.813   1.803   1.00 30.38 ? 106  TRP A CH2   1 
ATOM   778  N  N     . LEU A 1 120 ? -11.053 -2.677  -4.110  1.00 28.47 ? 107  LEU A N     1 
ATOM   779  C  CA    . LEU A 1 120 ? -10.593 -2.838  -5.496  1.00 30.86 ? 107  LEU A CA    1 
ATOM   780  C  C     . LEU A 1 120 ? -11.471 -2.120  -6.493  1.00 32.54 ? 107  LEU A C     1 
ATOM   781  O  O     . LEU A 1 120 ? -10.979 -1.418  -7.391  1.00 35.86 ? 107  LEU A O     1 
ATOM   782  C  CB    . LEU A 1 120 ? -10.548 -4.311  -5.870  1.00 28.22 ? 107  LEU A CB    1 
ATOM   783  C  CG    . LEU A 1 120 ? -9.358  -5.076  -5.375  1.00 27.69 ? 107  LEU A CG    1 
ATOM   784  C  CD1   . LEU A 1 120 ? -9.455  -6.476  -5.930  1.00 32.39 ? 107  LEU A CD1   1 
ATOM   785  C  CD2   . LEU A 1 120 ? -8.102  -4.436  -5.868  1.00 25.03 ? 107  LEU A CD2   1 
ATOM   786  N  N     . LYS A 1 121 ? -12.771 -2.312  -6.334  1.00 31.66 ? 108  LYS A N     1 
ATOM   787  C  CA    . LYS A 1 121 ? -13.770 -1.639  -7.139  1.00 31.84 ? 108  LYS A CA    1 
ATOM   788  C  C     . LYS A 1 121 ? -13.607 -0.132  -6.984  1.00 31.27 ? 108  LYS A C     1 
ATOM   789  O  O     . LYS A 1 121 ? -13.478 0.578   -7.970  1.00 35.98 ? 108  LYS A O     1 
ATOM   790  C  CB    . LYS A 1 121 ? -15.198 -2.121  -6.759  1.00 28.65 ? 108  LYS A CB    1 
ATOM   791  N  N     . GLU A 1 122 ? -13.571 0.355   -5.750  1.00 32.91 ? 109  GLU A N     1 
ATOM   792  C  CA    . GLU A 1 122 ? -13.342 1.797   -5.510  1.00 30.25 ? 109  GLU A CA    1 
ATOM   793  C  C     . GLU A 1 122 ? -12.055 2.258   -6.185  1.00 30.54 ? 109  GLU A C     1 
ATOM   794  O  O     . GLU A 1 122 ? -12.020 3.318   -6.807  1.00 31.59 ? 109  GLU A O     1 
ATOM   795  C  CB    . GLU A 1 122 ? -13.307 2.117   -4.000  1.00 35.70 ? 109  GLU A CB    1 
ATOM   796  C  CG    . GLU A 1 122 ? -13.398 3.632   -3.631  1.00 38.84 ? 109  GLU A CG    1 
ATOM   797  N  N     . LEU A 1 123 ? -11.000 1.457   -6.083  1.00 29.99 ? 110  LEU A N     1 
ATOM   798  C  CA    . LEU A 1 123 ? -9.723  1.837   -6.646  1.00 29.93 ? 110  LEU A CA    1 
ATOM   799  C  C     . LEU A 1 123 ? -9.765  1.922   -8.168  1.00 30.26 ? 110  LEU A C     1 
ATOM   800  O  O     . LEU A 1 123 ? -9.233  2.861   -8.754  1.00 29.95 ? 110  LEU A O     1 
ATOM   801  C  CB    . LEU A 1 123 ? -8.636  0.871   -6.196  1.00 29.23 ? 110  LEU A CB    1 
ATOM   802  C  CG    . LEU A 1 123 ? -7.280  0.973   -6.906  1.00 32.41 ? 110  LEU A CG    1 
ATOM   803  C  CD1   . LEU A 1 123 ? -6.483  2.233   -6.437  1.00 29.74 ? 110  LEU A CD1   1 
ATOM   804  C  CD2   . LEU A 1 123 ? -6.484  -0.309  -6.704  1.00 30.85 ? 110  LEU A CD2   1 
ATOM   805  N  N     . TYR A 1 124 ? -10.381 0.931   -8.804  1.00 33.16 ? 111  TYR A N     1 
ATOM   806  C  CA    . TYR A 1 124 ? -10.481 0.915   -10.273 1.00 34.15 ? 111  TYR A CA    1 
ATOM   807  C  C     . TYR A 1 124 ? -11.494 1.918   -10.841 1.00 35.11 ? 111  TYR A C     1 
ATOM   808  O  O     . TYR A 1 124 ? -11.443 2.221   -12.038 1.00 33.54 ? 111  TYR A O     1 
ATOM   809  C  CB    . TYR A 1 124 ? -10.696 -0.511  -10.811 1.00 32.37 ? 111  TYR A CB    1 
ATOM   810  C  CG    . TYR A 1 124 ? -9.512  -1.406  -10.510 1.00 32.65 ? 111  TYR A CG    1 
ATOM   811  C  CD1   . TYR A 1 124 ? -8.207  -1.037  -10.911 1.00 34.32 ? 111  TYR A CD1   1 
ATOM   812  C  CD2   . TYR A 1 124 ? -9.675  -2.614  -9.819  1.00 33.70 ? 111  TYR A CD2   1 
ATOM   813  C  CE1   . TYR A 1 124 ? -7.098  -1.862  -10.621 1.00 35.00 ? 111  TYR A CE1   1 
ATOM   814  C  CE2   . TYR A 1 124 ? -8.584  -3.453  -9.534  1.00 29.68 ? 111  TYR A CE2   1 
ATOM   815  C  CZ    . TYR A 1 124 ? -7.304  -3.078  -9.925  1.00 34.53 ? 111  TYR A CZ    1 
ATOM   816  O  OH    . TYR A 1 124 ? -6.215  -3.903  -9.630  1.00 35.25 ? 111  TYR A OH    1 
ATOM   817  N  N     . ASP A 1 125 ? -12.380 2.472   -9.993  1.00 32.36 ? 112  ASP A N     1 
ATOM   818  C  CA    . ASP A 1 125 ? -13.225 3.599   -10.461 1.00 34.07 ? 112  ASP A CA    1 
ATOM   819  C  C     . ASP A 1 125 ? -12.420 4.901   -10.652 1.00 32.70 ? 112  ASP A C     1 
ATOM   820  O  O     . ASP A 1 125 ? -12.933 5.877   -11.221 1.00 33.97 ? 112  ASP A O     1 
ATOM   821  C  CB    . ASP A 1 125 ? -14.433 3.861   -9.525  1.00 38.40 ? 112  ASP A CB    1 
ATOM   822  C  CG    . ASP A 1 125 ? -15.539 2.790   -9.642  1.00 43.07 ? 112  ASP A CG    1 
ATOM   823  O  OD1   . ASP A 1 125 ? -15.575 2.021   -10.637 1.00 44.02 ? 112  ASP A OD1   1 
ATOM   824  O  OD2   . ASP A 1 125 ? -16.379 2.719   -8.726  1.00 44.06 ? 112  ASP A OD2   1 
ATOM   825  N  N     . HIS A 1 126 ? -11.174 4.924   -10.193 1.00 30.32 ? 113  HIS A N     1 
ATOM   826  C  CA    . HIS A 1 126 ? -10.410 6.191   -10.114 1.00 34.41 ? 113  HIS A CA    1 
ATOM   827  C  C     . HIS A 1 126 ? -8.980  6.087   -10.518 1.00 36.03 ? 113  HIS A C     1 
ATOM   828  O  O     . HIS A 1 126 ? -8.348  7.097   -10.824 1.00 43.97 ? 113  HIS A O     1 
ATOM   829  C  CB    . HIS A 1 126 ? -10.394 6.722   -8.698  1.00 38.69 ? 113  HIS A CB    1 
ATOM   830  C  CG    . HIS A 1 126 ? -11.732 7.123   -8.193  1.00 41.94 ? 113  HIS A CG    1 
ATOM   831  N  ND1   . HIS A 1 126 ? -12.493 6.305   -7.391  1.00 42.39 ? 113  HIS A ND1   1 
ATOM   832  C  CD2   . HIS A 1 126 ? -12.449 8.254   -8.379  1.00 39.73 ? 113  HIS A CD2   1 
ATOM   833  C  CE1   . HIS A 1 126 ? -13.624 6.918   -7.104  1.00 43.48 ? 113  HIS A CE1   1 
ATOM   834  N  NE2   . HIS A 1 126 ? -13.620 8.101   -7.694  1.00 42.26 ? 113  HIS A NE2   1 
ATOM   835  N  N     . ALA A 1 127 ? -8.435  4.885   -10.447 1.00 33.64 ? 114  ALA A N     1 
ATOM   836  C  CA    . ALA A 1 127 ? -7.083  4.656   -10.884 1.00 29.24 ? 114  ALA A CA    1 
ATOM   837  C  C     . ALA A 1 127 ? -7.144  3.954   -12.230 1.00 30.70 ? 114  ALA A C     1 
ATOM   838  O  O     . ALA A 1 127 ? -8.143  3.275   -12.535 1.00 29.25 ? 114  ALA A O     1 
ATOM   839  C  CB    . ALA A 1 127 ? -6.312  3.814   -9.840  1.00 25.04 ? 114  ALA A CB    1 
ATOM   840  N  N     . GLU A 1 128 ? -6.085  4.148   -13.026 1.00 31.09 ? 115  GLU A N     1 
ATOM   841  C  CA    . GLU A 1 128 ? -5.840  3.421   -14.263 1.00 32.57 ? 115  GLU A CA    1 
ATOM   842  C  C     . GLU A 1 128 ? -5.495  1.934   -14.047 1.00 35.33 ? 115  GLU A C     1 
ATOM   843  O  O     . GLU A 1 128 ? -4.771  1.559   -13.094 1.00 31.43 ? 115  GLU A O     1 
ATOM   844  C  CB    . GLU A 1 128 ? -4.688  4.056   -15.043 1.00 34.32 ? 115  GLU A CB    1 
ATOM   845  C  CG    . GLU A 1 128 ? -4.962  5.457   -15.591 1.00 40.53 ? 115  GLU A CG    1 
ATOM   846  C  CD    . GLU A 1 128 ? -6.107  5.485   -16.571 1.00 43.79 ? 115  GLU A CD    1 
ATOM   847  O  OE1   . GLU A 1 128 ? -5.948  4.954   -17.686 1.00 47.35 ? 115  GLU A OE1   1 
ATOM   848  O  OE2   . GLU A 1 128 ? -7.177  6.039   -16.220 1.00 48.34 ? 115  GLU A OE2   1 
ATOM   849  N  N     . ALA A 1 129 ? -5.946  1.113   -15.002 1.00 31.96 ? 116  ALA A N     1 
ATOM   850  C  CA    . ALA A 1 129 ? -5.899  -0.314  -14.885 1.00 28.97 ? 116  ALA A CA    1 
ATOM   851  C  C     . ALA A 1 129 ? -4.469  -0.870  -14.776 1.00 29.11 ? 116  ALA A C     1 
ATOM   852  O  O     . ALA A 1 129 ? -4.278  -1.939  -14.207 1.00 29.03 ? 116  ALA A O     1 
ATOM   853  C  CB    . ALA A 1 129 ? -6.663  -0.946  -16.041 1.00 31.54 ? 116  ALA A CB    1 
ATOM   854  N  N     . THR A 1 130 ? -3.488  -0.113  -15.296 1.00 24.41 ? 117  THR A N     1 
ATOM   855  C  CA    . THR A 1 130 ? -2.058  -0.421  -15.204 1.00 26.30 ? 117  THR A CA    1 
ATOM   856  C  C     . THR A 1 130 ? -1.459  -0.240  -13.778 1.00 29.45 ? 117  THR A C     1 
ATOM   857  O  O     . THR A 1 130 ? -0.296  -0.554  -13.560 1.00 30.96 ? 117  THR A O     1 
ATOM   858  C  CB    . THR A 1 130 ? -1.249  0.510   -16.151 1.00 24.06 ? 117  THR A CB    1 
ATOM   859  O  OG1   . THR A 1 130 ? -1.647  1.839   -15.897 1.00 30.23 ? 117  THR A OG1   1 
ATOM   860  C  CG2   . THR A 1 130 ? -1.516  0.218   -17.636 1.00 24.86 ? 117  THR A CG2   1 
ATOM   861  N  N     . ILE A 1 131 ? -2.219  0.337   -12.835 1.00 30.69 ? 118  ILE A N     1 
ATOM   862  C  CA    . ILE A 1 131 ? -1.731  0.478   -11.457 1.00 28.41 ? 118  ILE A CA    1 
ATOM   863  C  C     . ILE A 1 131 ? -1.307  -0.910  -10.944 1.00 28.96 ? 118  ILE A C     1 
ATOM   864  O  O     . ILE A 1 131 ? -2.021  -1.906  -11.134 1.00 29.12 ? 118  ILE A O     1 
ATOM   865  C  CB    . ILE A 1 131 ? -2.803  1.123   -10.506 1.00 24.29 ? 118  ILE A CB    1 
ATOM   866  C  CG1   . ILE A 1 131 ? -2.201  1.543   -9.168  1.00 24.21 ? 118  ILE A CG1   1 
ATOM   867  C  CG2   . ILE A 1 131 ? -3.965  0.184   -10.284 1.00 24.93 ? 118  ILE A CG2   1 
ATOM   868  C  CD1   . ILE A 1 131 ? -3.130  2.363   -8.261  1.00 20.53 ? 118  ILE A CD1   1 
ATOM   869  N  N     . VAL A 1 132 ? -0.138  -0.957  -10.316 1.00 26.18 ? 119  VAL A N     1 
ATOM   870  C  CA    . VAL A 1 132 ? 0.334   -2.145  -9.616  1.00 25.45 ? 119  VAL A CA    1 
ATOM   871  C  C     . VAL A 1 132 ? -0.231  -2.162  -8.195  1.00 24.78 ? 119  VAL A C     1 
ATOM   872  O  O     . VAL A 1 132 ? 0.012   -1.243  -7.399  1.00 28.10 ? 119  VAL A O     1 
ATOM   873  C  CB    . VAL A 1 132 ? 1.851   -2.146  -9.574  1.00 24.08 ? 119  VAL A CB    1 
ATOM   874  C  CG1   . VAL A 1 132 ? 2.384   -3.336  -8.739  1.00 24.40 ? 119  VAL A CG1   1 
ATOM   875  C  CG2   . VAL A 1 132 ? 2.391   -2.168  -10.992 1.00 23.70 ? 119  VAL A CG2   1 
ATOM   876  N  N     . VAL A 1 133 ? -0.981  -3.210  -7.888  1.00 27.37 ? 120  VAL A N     1 
ATOM   877  C  CA    . VAL A 1 133 ? -1.649  -3.372  -6.598  1.00 27.12 ? 120  VAL A CA    1 
ATOM   878  C  C     . VAL A 1 133 ? -1.022  -4.538  -5.845  1.00 30.87 ? 120  VAL A C     1 
ATOM   879  O  O     . VAL A 1 133 ? -0.925  -5.651  -6.372  1.00 32.36 ? 120  VAL A O     1 
ATOM   880  C  CB    . VAL A 1 133 ? -3.174  -3.637  -6.783  1.00 28.27 ? 120  VAL A CB    1 
ATOM   881  C  CG1   . VAL A 1 133 ? -3.917  -3.710  -5.436  1.00 25.73 ? 120  VAL A CG1   1 
ATOM   882  C  CG2   . VAL A 1 133 ? -3.811  -2.580  -7.679  1.00 30.09 ? 120  VAL A CG2   1 
ATOM   883  N  N     . MET A 1 134 ? -0.571  -4.278  -4.620  1.00 32.32 ? 121  MET A N     1 
ATOM   884  C  CA    . MET A 1 134 ? -0.245  -5.350  -3.690  1.00 27.99 ? 121  MET A CA    1 
ATOM   885  C  C     . MET A 1 134 ? -1.242  -5.408  -2.541  1.00 28.40 ? 121  MET A C     1 
ATOM   886  O  O     . MET A 1 134 ? -1.510  -4.407  -1.859  1.00 23.49 ? 121  MET A O     1 
ATOM   887  C  CB    . MET A 1 134 ? 1.168   -5.220  -3.133  1.00 31.30 ? 121  MET A CB    1 
ATOM   888  C  CG    . MET A 1 134 ? 1.554   -6.364  -2.110  1.00 31.69 ? 121  MET A CG    1 
ATOM   889  S  SD    . MET A 1 134 ? 3.191   -6.107  -1.412  1.00 30.71 ? 121  MET A SD    1 
ATOM   890  C  CE    . MET A 1 134 ? 4.185   -6.599  -2.820  1.00 22.45 ? 121  MET A CE    1 
ATOM   891  N  N     . LEU A 1 135 ? -1.781  -6.609  -2.355  1.00 28.02 ? 122  LEU A N     1 
ATOM   892  C  CA    . LEU A 1 135 ? -2.574  -6.954  -1.211  1.00 26.32 ? 122  LEU A CA    1 
ATOM   893  C  C     . LEU A 1 135 ? -1.604  -7.236  -0.035  1.00 26.91 ? 122  LEU A C     1 
ATOM   894  O  O     . LEU A 1 135 ? -0.715  -8.113  -0.121  1.00 27.00 ? 122  LEU A O     1 
ATOM   895  C  CB    . LEU A 1 135 ? -3.450  -8.179  -1.544  1.00 23.90 ? 122  LEU A CB    1 
ATOM   896  C  CG    . LEU A 1 135 ? -4.398  -8.594  -0.414  1.00 25.44 ? 122  LEU A CG    1 
ATOM   897  C  CD1   . LEU A 1 135 ? -5.462  -7.507  -0.150  1.00 23.60 ? 122  LEU A CD1   1 
ATOM   898  C  CD2   . LEU A 1 135 ? -5.035  -9.934  -0.686  1.00 22.22 ? 122  LEU A CD2   1 
ATOM   899  N  N     . VAL A 1 136 ? -1.751  -6.462  1.027   1.00 24.91 ? 123  VAL A N     1 
ATOM   900  C  CA    . VAL A 1 136 ? -0.866  -6.568  2.187   1.00 27.57 ? 123  VAL A CA    1 
ATOM   901  C  C     . VAL A 1 136 ? -1.631  -7.024  3.428   1.00 28.84 ? 123  VAL A C     1 
ATOM   902  O  O     . VAL A 1 136 ? -2.561  -6.346  3.866   1.00 28.58 ? 123  VAL A O     1 
ATOM   903  C  CB    . VAL A 1 136 ? -0.178  -5.208  2.478   1.00 26.07 ? 123  VAL A CB    1 
ATOM   904  C  CG1   . VAL A 1 136 ? 0.759   -5.256  3.771   1.00 22.98 ? 123  VAL A CG1   1 
ATOM   905  C  CG2   . VAL A 1 136 ? 0.578   -4.776  1.290   1.00 23.15 ? 123  VAL A CG2   1 
ATOM   906  N  N     . GLY A 1 137 ? -1.250  -8.177  3.974   1.00 26.25 ? 124  GLY A N     1 
ATOM   907  C  CA    . GLY A 1 137 ? -1.749  -8.597  5.292   1.00 22.49 ? 124  GLY A CA    1 
ATOM   908  C  C     . GLY A 1 137 ? -0.814  -8.072  6.366   1.00 25.22 ? 124  GLY A C     1 
ATOM   909  O  O     . GLY A 1 137 ? 0.293   -8.593  6.559   1.00 27.86 ? 124  GLY A O     1 
ATOM   910  N  N     . ASN A 1 138 ? -1.240  -7.025  7.056   1.00 22.01 ? 125  ASN A N     1 
ATOM   911  C  CA    . ASN A 1 138 ? -0.410  -6.421  8.058   1.00 25.78 ? 125  ASN A CA    1 
ATOM   912  C  C     . ASN A 1 138 ? -0.685  -6.934  9.476   1.00 28.41 ? 125  ASN A C     1 
ATOM   913  O  O     . ASN A 1 138 ? -1.744  -7.538  9.730   1.00 31.03 ? 125  ASN A O     1 
ATOM   914  C  CB    . ASN A 1 138 ? -0.531  -4.891  8.036   1.00 25.12 ? 125  ASN A CB    1 
ATOM   915  C  CG    . ASN A 1 138 ? 0.543   -4.238  8.851   1.00 25.59 ? 125  ASN A CG    1 
ATOM   916  O  OD1   . ASN A 1 138 ? 1.716   -4.573  8.715   1.00 28.36 ? 125  ASN A OD1   1 
ATOM   917  N  ND2   . ASN A 1 138 ? 0.157   -3.332  9.729   1.00 29.42 ? 125  ASN A ND2   1 
ATOM   918  N  N     . LYS A 1 139 ? 0.266   -6.659  10.388  1.00 26.95 ? 126  LYS A N     1 
ATOM   919  C  CA    . LYS A 1 139 ? 0.192   -7.077  11.795  1.00 30.77 ? 126  LYS A CA    1 
ATOM   920  C  C     . LYS A 1 139 ? 0.549   -8.574  11.939  1.00 30.75 ? 126  LYS A C     1 
ATOM   921  O  O     . LYS A 1 139 ? -0.052  -9.311  12.742  1.00 32.17 ? 126  LYS A O     1 
ATOM   922  C  CB    . LYS A 1 139 ? -1.181  -6.754  12.418  1.00 28.85 ? 126  LYS A CB    1 
ATOM   923  C  CG    . LYS A 1 139 ? -1.561  -5.269  12.307  1.00 31.60 ? 126  LYS A CG    1 
ATOM   924  C  CD    . LYS A 1 139 ? -2.648  -4.873  13.267  1.00 28.30 ? 126  LYS A CD    1 
ATOM   925  C  CE    . LYS A 1 139 ? -3.132  -3.492  12.958  1.00 27.42 ? 126  LYS A CE    1 
ATOM   926  N  NZ    . LYS A 1 139 ? -4.237  -3.043  13.866  1.00 25.99 ? 126  LYS A NZ    1 
ATOM   927  N  N     . SER A 1 140 ? 1.534   -9.005  11.157  1.00 29.15 ? 127  SER A N     1 
ATOM   928  C  CA    . SER A 1 140 ? 1.979   -10.392 11.161  1.00 33.69 ? 127  SER A CA    1 
ATOM   929  C  C     . SER A 1 140 ? 2.682   -10.813 12.476  1.00 34.37 ? 127  SER A C     1 
ATOM   930  O  O     . SER A 1 140 ? 2.763   -11.998 12.788  1.00 35.50 ? 127  SER A O     1 
ATOM   931  C  CB    . SER A 1 140 ? 2.864   -10.682 9.946   1.00 32.24 ? 127  SER A CB    1 
ATOM   932  O  OG    . SER A 1 140 ? 4.115   -10.048 10.069  1.00 28.41 ? 127  SER A OG    1 
ATOM   933  N  N     . ASP A 1 141 ? 3.157   -9.831  13.235  1.00 39.40 ? 128  ASP A N     1 
ATOM   934  C  CA    . ASP A 1 141 ? 3.710   -10.056 14.583  1.00 39.41 ? 128  ASP A CA    1 
ATOM   935  C  C     . ASP A 1 141 ? 2.620   -10.606 15.538  1.00 38.10 ? 128  ASP A C     1 
ATOM   936  O  O     . ASP A 1 141 ? 2.928   -11.104 16.628  1.00 34.56 ? 128  ASP A O     1 
ATOM   937  C  CB    . ASP A 1 141 ? 4.280   -8.746  15.145  1.00 39.37 ? 128  ASP A CB    1 
ATOM   938  C  CG    . ASP A 1 141 ? 3.270   -7.597  15.088  1.00 43.32 ? 128  ASP A CG    1 
ATOM   939  O  OD1   . ASP A 1 141 ? 2.991   -7.128  13.949  1.00 41.24 ? 128  ASP A OD1   1 
ATOM   940  O  OD2   . ASP A 1 141 ? 2.745   -7.173  16.163  1.00 40.29 ? 128  ASP A OD2   1 
ATOM   941  N  N     . LEU A 1 142 ? 1.353   -10.489 15.124  1.00 33.05 ? 129  LEU A N     1 
ATOM   942  C  CA    . LEU A 1 142 ? 0.237   -10.978 15.913  1.00 33.26 ? 129  LEU A CA    1 
ATOM   943  C  C     . LEU A 1 142 ? -0.400  -12.177 15.227  1.00 34.48 ? 129  LEU A C     1 
ATOM   944  O  O     . LEU A 1 142 ? -1.586  -12.450 15.423  1.00 38.47 ? 129  LEU A O     1 
ATOM   945  C  CB    . LEU A 1 142 ? -0.800  -9.854  16.150  1.00 35.56 ? 129  LEU A CB    1 
ATOM   946  C  CG    . LEU A 1 142 ? -0.396  -8.421  16.582  1.00 34.12 ? 129  LEU A CG    1 
ATOM   947  C  CD1   . LEU A 1 142 ? -1.543  -7.471  16.379  1.00 33.82 ? 129  LEU A CD1   1 
ATOM   948  C  CD2   . LEU A 1 142 ? 0.038   -8.364  18.055  1.00 35.45 ? 129  LEU A CD2   1 
ATOM   949  N  N     . SER A 1 143 ? 0.389   -12.901 14.428  1.00 39.09 ? 130  SER A N     1 
ATOM   950  C  CA    . SER A 1 143 ? -0.111  -14.098 13.689  1.00 44.89 ? 130  SER A CA    1 
ATOM   951  C  C     . SER A 1 143 ? -0.732  -15.174 14.606  1.00 46.08 ? 130  SER A C     1 
ATOM   952  O  O     . SER A 1 143 ? -1.450  -16.060 14.125  1.00 48.47 ? 130  SER A O     1 
ATOM   953  C  CB    . SER A 1 143 ? 0.978   -14.720 12.789  1.00 43.26 ? 130  SER A CB    1 
ATOM   954  O  OG    . SER A 1 143 ? 2.144   -15.017 13.539  1.00 42.15 ? 130  SER A OG    1 
ATOM   955  N  N     . GLN A 1 144 ? -0.456  -15.093 15.910  1.00 42.57 ? 131  GLN A N     1 
ATOM   956  C  CA    . GLN A 1 144 ? -1.109  -15.970 16.891  1.00 45.75 ? 131  GLN A CA    1 
ATOM   957  C  C     . GLN A 1 144 ? -2.626  -15.722 16.914  1.00 45.42 ? 131  GLN A C     1 
ATOM   958  O  O     . GLN A 1 144 ? -3.412  -16.655 17.103  1.00 45.08 ? 131  GLN A O     1 
ATOM   959  C  CB    . GLN A 1 144 ? -0.510  -15.775 18.298  1.00 47.71 ? 131  GLN A CB    1 
ATOM   960  C  CG    . GLN A 1 144 ? -1.061  -16.715 19.371  1.00 48.78 ? 131  GLN A CG    1 
ATOM   961  N  N     . ALA A 1 145 ? -3.006  -14.460 16.684  1.00 40.55 ? 132  ALA A N     1 
ATOM   962  C  CA    . ALA A 1 145 ? -4.393  -14.015 16.685  1.00 37.60 ? 132  ALA A CA    1 
ATOM   963  C  C     . ALA A 1 145 ? -5.023  -13.868 15.263  1.00 34.87 ? 132  ALA A C     1 
ATOM   964  O  O     . ALA A 1 145 ? -6.014  -13.160 15.083  1.00 36.52 ? 132  ALA A O     1 
ATOM   965  C  CB    . ALA A 1 145 ? -4.485  -12.703 17.461  1.00 34.13 ? 132  ALA A CB    1 
ATOM   966  N  N     . ARG A 1 146 ? -4.442  -14.573 14.291  1.00 32.68 ? 133  ARG A N     1 
ATOM   967  C  CA    . ARG A 1 146 ? -4.783  -14.509 12.869  1.00 33.35 ? 133  ARG A CA    1 
ATOM   968  C  C     . ARG A 1 146 ? -6.203  -14.959 12.589  1.00 36.21 ? 133  ARG A C     1 
ATOM   969  O  O     . ARG A 1 146 ? -6.675  -15.933 13.165  1.00 40.52 ? 133  ARG A O     1 
ATOM   970  C  CB    . ARG A 1 146 ? -3.773  -15.382 12.084  1.00 35.85 ? 133  ARG A CB    1 
ATOM   971  C  CG    . ARG A 1 146 ? -4.172  -15.801 10.666  1.00 35.07 ? 133  ARG A CG    1 
ATOM   972  C  CD    . ARG A 1 146 ? -3.198  -16.776 10.028  1.00 29.87 ? 133  ARG A CD    1 
ATOM   973  N  NE    . ARG A 1 146 ? -1.822  -16.263 9.917   1.00 32.79 ? 133  ARG A NE    1 
ATOM   974  C  CZ    . ARG A 1 146 ? -1.373  -15.419 8.970   1.00 37.63 ? 133  ARG A CZ    1 
ATOM   975  N  NH1   . ARG A 1 146 ? -2.200  -14.910 8.030   1.00 36.21 ? 133  ARG A NH1   1 
ATOM   976  N  NH2   . ARG A 1 146 ? -0.088  -15.073 8.957   1.00 33.01 ? 133  ARG A NH2   1 
ATOM   977  N  N     . GLU A 1 147 ? -6.880  -14.244 11.697  1.00 34.59 ? 134  GLU A N     1 
ATOM   978  C  CA    . GLU A 1 147 ? -8.248  -14.583 11.288  1.00 33.56 ? 134  GLU A CA    1 
ATOM   979  C  C     . GLU A 1 147 ? -8.356  -14.792 9.790   1.00 35.19 ? 134  GLU A C     1 
ATOM   980  O  O     . GLU A 1 147 ? -9.372  -15.267 9.312   1.00 41.43 ? 134  GLU A O     1 
ATOM   981  C  CB    . GLU A 1 147 ? -9.229  -13.495 11.717  1.00 35.61 ? 134  GLU A CB    1 
ATOM   982  C  CG    . GLU A 1 147 ? -9.375  -13.329 13.247  1.00 37.27 ? 134  GLU A CG    1 
ATOM   983  C  CD    . GLU A 1 147 ? -10.576 -12.486 13.657  1.00 36.69 ? 134  GLU A CD    1 
ATOM   984  O  OE1   . GLU A 1 147 ? -11.262 -11.940 12.771  1.00 39.78 ? 134  GLU A OE1   1 
ATOM   985  O  OE2   . GLU A 1 147 ? -10.829 -12.378 14.878  1.00 36.48 ? 134  GLU A OE2   1 
ATOM   986  N  N     . VAL A 1 148 ? -7.311  -14.410 9.048   1.00 33.71 ? 135  VAL A N     1 
ATOM   987  C  CA    . VAL A 1 148 ? -7.256  -14.604 7.601   1.00 30.98 ? 135  VAL A CA    1 
ATOM   988  C  C     . VAL A 1 148 ? -6.108  -15.552 7.221   1.00 30.90 ? 135  VAL A C     1 
ATOM   989  O  O     . VAL A 1 148 ? -4.937  -15.173 7.286   1.00 28.47 ? 135  VAL A O     1 
ATOM   990  C  CB    . VAL A 1 148 ? -7.075  -13.252 6.838   1.00 32.91 ? 135  VAL A CB    1 
ATOM   991  C  CG1   . VAL A 1 148 ? -7.247  -13.474 5.353   1.00 28.36 ? 135  VAL A CG1   1 
ATOM   992  C  CG2   . VAL A 1 148 ? -8.070  -12.152 7.392   1.00 26.01 ? 135  VAL A CG2   1 
ATOM   993  N  N     . PRO A 1 149 ? -6.442  -16.805 6.843   1.00 32.10 ? 136  PRO A N     1 
ATOM   994  C  CA    . PRO A 1 149 ? -5.347  -17.702 6.445   1.00 31.25 ? 136  PRO A CA    1 
ATOM   995  C  C     . PRO A 1 149 ? -4.529  -17.090 5.318   1.00 28.77 ? 136  PRO A C     1 
ATOM   996  O  O     . PRO A 1 149 ? -5.084  -16.584 4.363   1.00 33.91 ? 136  PRO A O     1 
ATOM   997  C  CB    . PRO A 1 149 ? -6.057  -18.976 5.963   1.00 28.96 ? 136  PRO A CB    1 
ATOM   998  C  CG    . PRO A 1 149 ? -7.458  -18.904 6.480   1.00 31.97 ? 136  PRO A CG    1 
ATOM   999  C  CD    . PRO A 1 149 ? -7.776  -17.438 6.742   1.00 31.61 ? 136  PRO A CD    1 
ATOM   1000 N  N     . THR A 1 150 ? -3.213  -17.116 5.448   1.00 31.45 ? 137  THR A N     1 
ATOM   1001 C  CA    . THR A 1 150 ? -2.326  -16.688 4.375   1.00 35.39 ? 137  THR A CA    1 
ATOM   1002 C  C     . THR A 1 150 ? -2.697  -17.281 3.015   1.00 38.16 ? 137  THR A C     1 
ATOM   1003 O  O     . THR A 1 150 ? -2.741  -16.547 2.013   1.00 38.45 ? 137  THR A O     1 
ATOM   1004 C  CB    . THR A 1 150 ? -0.895  -17.048 4.700   1.00 36.56 ? 137  THR A CB    1 
ATOM   1005 O  OG1   . THR A 1 150 ? -0.585  -16.502 5.994   1.00 37.56 ? 137  THR A OG1   1 
ATOM   1006 C  CG2   . THR A 1 150 ? 0.051   -16.476 3.641   1.00 32.21 ? 137  THR A CG2   1 
ATOM   1007 N  N     . GLU A 1 151 ? -2.975  -18.594 2.974   1.00 38.98 ? 138  GLU A N     1 
ATOM   1008 C  CA    . GLU A 1 151 ? -3.261  -19.289 1.693   1.00 37.52 ? 138  GLU A CA    1 
ATOM   1009 C  C     . GLU A 1 151 ? -4.474  -18.688 0.979   1.00 36.24 ? 138  GLU A C     1 
ATOM   1010 O  O     . GLU A 1 151 ? -4.407  -18.427 -0.235  1.00 36.17 ? 138  GLU A O     1 
ATOM   1011 C  CB    . GLU A 1 151 ? -3.423  -20.799 1.888   1.00 35.54 ? 138  GLU A CB    1 
ATOM   1012 N  N     . GLU A 1 152 ? -5.550  -18.448 1.750   1.00 32.17 ? 139  GLU A N     1 
ATOM   1013 C  CA    . GLU A 1 152 ? -6.772  -17.813 1.264   1.00 35.02 ? 139  GLU A CA    1 
ATOM   1014 C  C     . GLU A 1 152 ? -6.511  -16.436 0.663   1.00 33.12 ? 139  GLU A C     1 
ATOM   1015 O  O     . GLU A 1 152 ? -6.914  -16.164 -0.471  1.00 32.71 ? 139  GLU A O     1 
ATOM   1016 C  CB    . GLU A 1 152 ? -7.818  -17.671 2.369   1.00 35.00 ? 139  GLU A CB    1 
ATOM   1017 C  CG    . GLU A 1 152 ? -9.072  -16.949 1.882   1.00 40.88 ? 139  GLU A CG    1 
ATOM   1018 C  CD    . GLU A 1 152 ? -10.208 -16.908 2.906   1.00 42.56 ? 139  GLU A CD    1 
ATOM   1019 O  OE1   . GLU A 1 152 ? -10.067 -17.524 3.978   1.00 45.46 ? 139  GLU A OE1   1 
ATOM   1020 O  OE2   . GLU A 1 152 ? -11.255 -16.256 2.623   1.00 46.33 ? 139  GLU A OE2   1 
ATOM   1021 N  N     . ALA A 1 153 ? -5.837  -15.571 1.421   1.00 31.53 ? 140  ALA A N     1 
ATOM   1022 C  CA    . ALA A 1 153 ? -5.474  -14.240 0.897   1.00 28.67 ? 140  ALA A CA    1 
ATOM   1023 C  C     . ALA A 1 153 ? -4.595  -14.310 -0.369  1.00 28.77 ? 140  ALA A C     1 
ATOM   1024 O  O     . ALA A 1 153 ? -4.799  -13.528 -1.327  1.00 28.19 ? 140  ALA A O     1 
ATOM   1025 C  CB    . ALA A 1 153 ? -4.826  -13.409 1.966   1.00 27.90 ? 140  ALA A CB    1 
ATOM   1026 N  N     . ARG A 1 154 ? -3.642  -15.252 -0.383  1.00 29.10 ? 141  ARG A N     1 
ATOM   1027 C  CA    . ARG A 1 154 ? -2.743  -15.455 -1.541  1.00 31.99 ? 141  ARG A CA    1 
ATOM   1028 C  C     . ARG A 1 154 ? -3.487  -15.847 -2.833  1.00 33.82 ? 141  ARG A C     1 
ATOM   1029 O  O     . ARG A 1 154 ? -3.276  -15.222 -3.877  1.00 34.62 ? 141  ARG A O     1 
ATOM   1030 C  CB    . ARG A 1 154 ? -1.630  -16.462 -1.219  1.00 28.83 ? 141  ARG A CB    1 
ATOM   1031 C  CG    . ARG A 1 154 ? -0.502  -16.511 -2.236  1.00 30.07 ? 141  ARG A CG    1 
ATOM   1032 C  CD    . ARG A 1 154 ? 0.278   -17.808 -2.088  1.00 35.34 ? 141  ARG A CD    1 
ATOM   1033 N  N     . MET A 1 155 ? -4.360  -16.848 -2.752  1.00 35.97 ? 142  MET A N     1 
ATOM   1034 C  CA    . MET A 1 155 ? -5.189  -17.240 -3.892  1.00 43.38 ? 142  MET A CA    1 
ATOM   1035 C  C     . MET A 1 155 ? -6.055  -16.064 -4.380  1.00 39.73 ? 142  MET A C     1 
ATOM   1036 O  O     . MET A 1 155 ? -6.141  -15.807 -5.573  1.00 38.21 ? 142  MET A O     1 
ATOM   1037 C  CB    . MET A 1 155 ? -6.083  -18.441 -3.530  1.00 53.58 ? 142  MET A CB    1 
ATOM   1038 C  CG    . MET A 1 155 ? -6.665  -19.230 -4.756  1.00 67.01 ? 142  MET A CG    1 
ATOM   1039 S  SD    . MET A 1 155 ? -5.517  -20.377 -5.646  1.00 78.80 ? 142  MET A SD    1 
ATOM   1040 C  CE    . MET A 1 155 ? -4.982  -21.485 -4.315  1.00 76.78 ? 142  MET A CE    1 
ATOM   1041 N  N     . PHE A 1 156 ? -6.686  -15.349 -3.456  1.00 37.67 ? 143  PHE A N     1 
ATOM   1042 C  CA    . PHE A 1 156 ? -7.437  -14.169 -3.836  1.00 35.66 ? 143  PHE A CA    1 
ATOM   1043 C  C     . PHE A 1 156 ? -6.590  -13.215 -4.693  1.00 34.26 ? 143  PHE A C     1 
ATOM   1044 O  O     . PHE A 1 156 ? -7.022  -12.819 -5.762  1.00 37.52 ? 143  PHE A O     1 
ATOM   1045 C  CB    . PHE A 1 156 ? -8.022  -13.448 -2.634  1.00 34.07 ? 143  PHE A CB    1 
ATOM   1046 C  CG    . PHE A 1 156 ? -8.879  -12.255 -3.015  1.00 35.07 ? 143  PHE A CG    1 
ATOM   1047 C  CD1   . PHE A 1 156 ? -10.238 -12.419 -3.320  1.00 33.30 ? 143  PHE A CD1   1 
ATOM   1048 C  CD2   . PHE A 1 156 ? -8.319  -10.971 -3.092  1.00 32.91 ? 143  PHE A CD2   1 
ATOM   1049 C  CE1   . PHE A 1 156 ? -11.024 -11.320 -3.708  1.00 33.03 ? 143  PHE A CE1   1 
ATOM   1050 C  CE2   . PHE A 1 156 ? -9.108  -9.860  -3.474  1.00 32.98 ? 143  PHE A CE2   1 
ATOM   1051 C  CZ    . PHE A 1 156 ? -10.458 -10.040 -3.772  1.00 31.82 ? 143  PHE A CZ    1 
ATOM   1052 N  N     . ALA A 1 157 ? -5.389  -12.883 -4.222  1.00 32.11 ? 144  ALA A N     1 
ATOM   1053 C  CA    . ALA A 1 157 ? -4.494  -11.970 -4.917  1.00 32.71 ? 144  ALA A CA    1 
ATOM   1054 C  C     . ALA A 1 157 ? -4.128  -12.480 -6.304  1.00 35.00 ? 144  ALA A C     1 
ATOM   1055 O  O     . ALA A 1 157 ? -4.189  -11.725 -7.272  1.00 33.65 ? 144  ALA A O     1 
ATOM   1056 C  CB    . ALA A 1 157 ? -3.247  -11.690 -4.085  1.00 26.35 ? 144  ALA A CB    1 
ATOM   1057 N  N     . GLU A 1 158 ? -3.762  -13.754 -6.401  1.00 38.26 ? 145  GLU A N     1 
ATOM   1058 C  CA    . GLU A 1 158 ? -3.546  -14.417 -7.706  1.00 43.12 ? 145  GLU A CA    1 
ATOM   1059 C  C     . GLU A 1 158 ? -4.789  -14.387 -8.642  1.00 39.26 ? 145  GLU A C     1 
ATOM   1060 O  O     . GLU A 1 158 ? -4.662  -14.164 -9.838  1.00 39.02 ? 145  GLU A O     1 
ATOM   1061 C  CB    . GLU A 1 158 ? -3.087  -15.873 -7.511  1.00 46.63 ? 145  GLU A CB    1 
ATOM   1062 C  CG    . GLU A 1 158 ? -3.446  -16.792 -8.728  1.00 55.31 ? 145  GLU A CG    1 
ATOM   1063 C  CD    . GLU A 1 158 ? -3.058  -18.272 -8.563  1.00 56.04 ? 145  GLU A CD    1 
ATOM   1064 O  OE1   . GLU A 1 158 ? -1.845  -18.561 -8.374  1.00 59.64 ? 145  GLU A OE1   1 
ATOM   1065 O  OE2   . GLU A 1 158 ? -3.970  -19.131 -8.653  1.00 57.04 ? 145  GLU A OE2   1 
ATOM   1066 N  N     . ASN A 1 159 ? -5.979  -14.628 -8.108  1.00 35.91 ? 146  ASN A N     1 
ATOM   1067 C  CA    . ASN A 1 159 ? -7.166  -14.581 -8.937  1.00 38.07 ? 146  ASN A CA    1 
ATOM   1068 C  C     . ASN A 1 159 ? -7.512  -13.168 -9.407  1.00 41.80 ? 146  ASN A C     1 
ATOM   1069 O  O     . ASN A 1 159 ? -8.353  -12.988 -10.314 1.00 42.99 ? 146  ASN A O     1 
ATOM   1070 C  CB    . ASN A 1 159 ? -8.369  -15.182 -8.214  1.00 39.98 ? 146  ASN A CB    1 
ATOM   1071 C  CG    . ASN A 1 159 ? -8.245  -16.685 -8.004  1.00 43.36 ? 146  ASN A CG    1 
ATOM   1072 O  OD1   . ASN A 1 159 ? -7.539  -17.397 -8.750  1.00 45.68 ? 146  ASN A OD1   1 
ATOM   1073 N  ND2   . ASN A 1 159 ? -8.939  -17.182 -6.985  1.00 42.98 ? 146  ASN A ND2   1 
ATOM   1074 N  N     . ASN A 1 160 ? -6.872  -12.168 -8.794  1.00 38.41 ? 147  ASN A N     1 
ATOM   1075 C  CA    . ASN A 1 160 ? -7.258  -10.774 -9.013  1.00 38.07 ? 147  ASN A CA    1 
ATOM   1076 C  C     . ASN A 1 160 ? -6.143  -9.882  -9.500  1.00 35.74 ? 147  ASN A C     1 
ATOM   1077 O  O     . ASN A 1 160 ? -6.271  -8.673  -9.489  1.00 42.26 ? 147  ASN A O     1 
ATOM   1078 C  CB    . ASN A 1 160 ? -7.943  -10.199 -7.766  1.00 35.40 ? 147  ASN A CB    1 
ATOM   1079 C  CG    . ASN A 1 160 ? -9.313  -10.754 -7.579  1.00 36.85 ? 147  ASN A CG    1 
ATOM   1080 O  OD1   . ASN A 1 160 ? -10.287 -10.189 -8.063  1.00 42.70 ? 147  ASN A OD1   1 
ATOM   1081 N  ND2   . ASN A 1 160 ? -9.405  -11.903 -6.933  1.00 41.30 ? 147  ASN A ND2   1 
ATOM   1082 N  N     . GLY A 1 161 ? -5.059  -10.491 -9.961  1.00 33.26 ? 148  GLY A N     1 
ATOM   1083 C  CA    . GLY A 1 161 ? -3.938  -9.737  -10.524 1.00 31.95 ? 148  GLY A CA    1 
ATOM   1084 C  C     . GLY A 1 161 ? -3.227  -8.847  -9.526  1.00 31.50 ? 148  GLY A C     1 
ATOM   1085 O  O     . GLY A 1 161 ? -2.736  -7.785  -9.885  1.00 35.66 ? 148  GLY A O     1 
ATOM   1086 N  N     . LEU A 1 162 ? -3.180  -9.278  -8.270  1.00 29.43 ? 149  LEU A N     1 
ATOM   1087 C  CA    . LEU A 1 162 ? -2.571  -8.493  -7.194  1.00 30.12 ? 149  LEU A CA    1 
ATOM   1088 C  C     . LEU A 1 162 ? -1.364  -9.230  -6.724  1.00 29.91 ? 149  LEU A C     1 
ATOM   1089 O  O     . LEU A 1 162 ? -1.392  -10.444 -6.668  1.00 30.84 ? 149  LEU A O     1 
ATOM   1090 C  CB    . LEU A 1 162 ? -3.521  -8.325  -6.005  1.00 23.18 ? 149  LEU A CB    1 
ATOM   1091 C  CG    . LEU A 1 162 ? -5.006  -8.081  -6.289  1.00 27.08 ? 149  LEU A CG    1 
ATOM   1092 C  CD1   . LEU A 1 162 ? -5.819  -7.997  -5.002  1.00 22.91 ? 149  LEU A CD1   1 
ATOM   1093 C  CD2   . LEU A 1 162 ? -5.221  -6.870  -7.187  1.00 24.24 ? 149  LEU A CD2   1 
ATOM   1094 N  N     . LEU A 1 163 ? -0.299  -8.489  -6.403  1.00 31.16 ? 150  LEU A N     1 
ATOM   1095 C  CA    . LEU A 1 163 ? 0.838   -9.038  -5.675  1.00 29.12 ? 150  LEU A CA    1 
ATOM   1096 C  C     . LEU A 1 163 ? 0.361   -9.248  -4.244  1.00 28.37 ? 150  LEU A C     1 
ATOM   1097 O  O     . LEU A 1 163 ? -0.692  -8.738  -3.843  1.00 31.57 ? 150  LEU A O     1 
ATOM   1098 C  CB    . LEU A 1 163 ? 2.050   -8.088  -5.738  1.00 28.63 ? 150  LEU A CB    1 
ATOM   1099 C  CG    . LEU A 1 163 ? 2.644   -7.658  -7.107  1.00 30.15 ? 150  LEU A CG    1 
ATOM   1100 C  CD1   . LEU A 1 163 ? 3.538   -6.434  -7.007  1.00 26.94 ? 150  LEU A CD1   1 
ATOM   1101 C  CD2   . LEU A 1 163 ? 3.414   -8.783  -7.805  1.00 26.80 ? 150  LEU A CD2   1 
ATOM   1102 N  N     . PHE A 1 164 ? 1.121   -10.010 -3.474  1.00 32.00 ? 151  PHE A N     1 
ATOM   1103 C  CA    . PHE A 1 164 ? 0.720   -10.370 -2.117  1.00 30.24 ? 151  PHE A CA    1 
ATOM   1104 C  C     . PHE A 1 164 ? 1.892   -10.467 -1.178  1.00 27.92 ? 151  PHE A C     1 
ATOM   1105 O  O     . PHE A 1 164 ? 2.919   -11.005 -1.536  1.00 30.10 ? 151  PHE A O     1 
ATOM   1106 C  CB    . PHE A 1 164 ? -0.078  -11.685 -2.081  1.00 30.65 ? 151  PHE A CB    1 
ATOM   1107 C  CG    . PHE A 1 164 ? -0.498  -12.082 -0.680  1.00 29.91 ? 151  PHE A CG    1 
ATOM   1108 C  CD1   . PHE A 1 164 ? -1.412  -11.291 0.036   1.00 30.34 ? 151  PHE A CD1   1 
ATOM   1109 C  CD2   . PHE A 1 164 ? 0.063   -13.186 -0.058  1.00 27.36 ? 151  PHE A CD2   1 
ATOM   1110 C  CE1   . PHE A 1 164 ? -1.780  -11.612 1.339   1.00 31.41 ? 151  PHE A CE1   1 
ATOM   1111 C  CE2   . PHE A 1 164 ? -0.304  -13.529 1.245   1.00 29.28 ? 151  PHE A CE2   1 
ATOM   1112 C  CZ    . PHE A 1 164 ? -1.226  -12.749 1.945   1.00 31.15 ? 151  PHE A CZ    1 
ATOM   1113 N  N     . LEU A 1 165 ? 1.731   -9.932  0.030   1.00 28.67 ? 152  LEU A N     1 
ATOM   1114 C  CA    . LEU A 1 165 ? 2.690   -10.179 1.130   1.00 31.58 ? 152  LEU A CA    1 
ATOM   1115 C  C     . LEU A 1 165 ? 1.995   -9.932  2.457   1.00 32.11 ? 152  LEU A C     1 
ATOM   1116 O  O     . LEU A 1 165 ? 1.009   -9.181  2.526   1.00 30.62 ? 152  LEU A O     1 
ATOM   1117 C  CB    . LEU A 1 165 ? 3.934   -9.267  1.062   1.00 29.04 ? 152  LEU A CB    1 
ATOM   1118 C  CG    . LEU A 1 165 ? 5.192   -9.528  0.237   1.00 32.76 ? 152  LEU A CG    1 
ATOM   1119 C  CD1   . LEU A 1 165 ? 6.189   -8.395  0.474   1.00 34.37 ? 152  LEU A CD1   1 
ATOM   1120 C  CD2   . LEU A 1 165 ? 5.839   -10.822 0.555   1.00 28.42 ? 152  LEU A CD2   1 
ATOM   1121 N  N     . GLU A 1 166 ? 2.526   -10.561 3.503   1.00 31.73 ? 153  GLU A N     1 
ATOM   1122 C  CA    . GLU A 1 166 ? 2.183   -10.217 4.869   1.00 30.21 ? 153  GLU A CA    1 
ATOM   1123 C  C     . GLU A 1 166 ? 3.341   -9.433  5.435   1.00 30.82 ? 153  GLU A C     1 
ATOM   1124 O  O     . GLU A 1 166 ? 4.494   -9.754  5.182   1.00 28.63 ? 153  GLU A O     1 
ATOM   1125 C  CB    . GLU A 1 166 ? 1.937   -11.481 5.686   1.00 30.88 ? 153  GLU A CB    1 
ATOM   1126 C  CG    . GLU A 1 166 ? 0.773   -12.322 5.173   1.00 30.18 ? 153  GLU A CG    1 
ATOM   1127 C  CD    . GLU A 1 166 ? 0.397   -13.438 6.140   1.00 37.77 ? 153  GLU A CD    1 
ATOM   1128 O  OE1   . GLU A 1 166 ? 1.220   -13.760 7.042   1.00 37.20 ? 153  GLU A OE1   1 
ATOM   1129 O  OE2   . GLU A 1 166 ? -0.733  -13.977 6.026   1.00 40.20 ? 153  GLU A OE2   1 
ATOM   1130 N  N     . THR A 1 167 ? 3.028   -8.390  6.184   1.00 31.50 ? 154  THR A N     1 
ATOM   1131 C  CA    . THR A 1 167 ? 4.032   -7.507  6.749   1.00 30.91 ? 154  THR A CA    1 
ATOM   1132 C  C     . THR A 1 167 ? 3.787   -7.298  8.244   1.00 31.22 ? 154  THR A C     1 
ATOM   1133 O  O     . THR A 1 167 ? 2.707   -7.595  8.754   1.00 31.09 ? 154  THR A O     1 
ATOM   1134 C  CB    . THR A 1 167 ? 3.906   -6.096  6.152   1.00 31.87 ? 154  THR A CB    1 
ATOM   1135 O  OG1   . THR A 1 167 ? 2.574   -5.606  6.411   1.00 30.93 ? 154  THR A OG1   1 
ATOM   1136 C  CG2   . THR A 1 167 ? 4.214   -6.088  4.657   1.00 27.98 ? 154  THR A CG2   1 
ATOM   1137 N  N     . SER A 1 168 ? 4.778   -6.750  8.941   1.00 30.03 ? 155  SER A N     1 
ATOM   1138 C  CA    . SER A 1 168 ? 4.513   -6.148  10.246  1.00 31.64 ? 155  SER A CA    1 
ATOM   1139 C  C     . SER A 1 168 ? 5.168   -4.802  10.256  1.00 31.98 ? 155  SER A C     1 
ATOM   1140 O  O     . SER A 1 168 ? 6.382   -4.730  10.172  1.00 34.26 ? 155  SER A O     1 
ATOM   1141 C  CB    . SER A 1 168 ? 5.069   -7.009  11.388  1.00 32.25 ? 155  SER A CB    1 
ATOM   1142 O  OG    . SER A 1 168 ? 5.145   -6.238  12.578  1.00 33.78 ? 155  SER A OG    1 
ATOM   1143 N  N     . ALA A 1 169 ? 4.377   -3.726  10.320  1.00 31.69 ? 156  ALA A N     1 
ATOM   1144 C  CA    . ALA A 1 169 ? 4.948   -2.384  10.455  1.00 32.71 ? 156  ALA A CA    1 
ATOM   1145 C  C     . ALA A 1 169 ? 5.664   -2.220  11.812  1.00 37.50 ? 156  ALA A C     1 
ATOM   1146 O  O     . ALA A 1 169 ? 6.610   -1.433  11.927  1.00 36.78 ? 156  ALA A O     1 
ATOM   1147 C  CB    . ALA A 1 169 ? 3.877   -1.292  10.264  1.00 25.24 ? 156  ALA A CB    1 
ATOM   1148 N  N     . LEU A 1 170 ? 5.182   -2.960  12.824  1.00 40.19 ? 157  LEU A N     1 
ATOM   1149 C  CA    . LEU A 1 170 ? 5.741   -2.977  14.168  1.00 37.68 ? 157  LEU A CA    1 
ATOM   1150 C  C     . LEU A 1 170 ? 7.107   -3.669  14.204  1.00 40.01 ? 157  LEU A C     1 
ATOM   1151 O  O     . LEU A 1 170 ? 8.058   -3.107  14.709  1.00 41.63 ? 157  LEU A O     1 
ATOM   1152 C  CB    . LEU A 1 170 ? 4.743   -3.601  15.159  1.00 39.77 ? 157  LEU A CB    1 
ATOM   1153 C  CG    . LEU A 1 170 ? 5.109   -3.803  16.652  1.00 41.04 ? 157  LEU A CG    1 
ATOM   1154 C  CD1   . LEU A 1 170 ? 3.900   -3.716  17.585  1.00 39.69 ? 157  LEU A CD1   1 
ATOM   1155 C  CD2   . LEU A 1 170 ? 5.843   -5.141  16.875  1.00 45.46 ? 157  LEU A CD2   1 
ATOM   1156 N  N     . ASP A 1 171 ? 7.232   -4.869  13.651  1.00 43.92 ? 158  ASP A N     1 
ATOM   1157 C  CA    . ASP A 1 171 ? 8.550   -5.529  13.679  1.00 44.08 ? 158  ASP A CA    1 
ATOM   1158 C  C     . ASP A 1 171 ? 9.403   -5.406  12.378  1.00 44.73 ? 158  ASP A C     1 
ATOM   1159 O  O     . ASP A 1 171 ? 10.456  -6.047  12.268  1.00 46.40 ? 158  ASP A O     1 
ATOM   1160 C  CB    . ASP A 1 171 ? 8.462   -6.976  14.261  1.00 46.26 ? 158  ASP A CB    1 
ATOM   1161 C  CG    . ASP A 1 171 ? 8.078   -8.044  13.224  1.00 51.03 ? 158  ASP A CG    1 
ATOM   1162 O  OD1   . ASP A 1 171 ? 8.245   -7.813  12.003  1.00 51.08 ? 158  ASP A OD1   1 
ATOM   1163 O  OD2   . ASP A 1 171 ? 7.630   -9.150  13.648  1.00 49.27 ? 158  ASP A OD2   1 
ATOM   1164 N  N     . SER A 1 172 ? 8.932   -4.582  11.419  1.00 42.84 ? 159  SER A N     1 
ATOM   1165 C  CA    . SER A 1 172 ? 9.595   -4.316  10.090  1.00 40.70 ? 159  SER A CA    1 
ATOM   1166 C  C     . SER A 1 172 ? 9.527   -5.455  9.070   1.00 38.44 ? 159  SER A C     1 
ATOM   1167 O  O     . SER A 1 172 ? 9.849   -5.243  7.902   1.00 40.05 ? 159  SER A O     1 
ATOM   1168 C  CB    . SER A 1 172 ? 11.064  -3.880  10.246  1.00 41.05 ? 159  SER A CB    1 
ATOM   1169 O  OG    . SER A 1 172 ? 11.169  -2.727  11.042  1.00 44.44 ? 159  SER A OG    1 
ATOM   1170 N  N     . THR A 1 173 ? 9.115   -6.648  9.502   1.00 33.95 ? 160  THR A N     1 
ATOM   1171 C  CA    . THR A 1 173 ? 9.020   -7.798  8.611   1.00 35.76 ? 160  THR A CA    1 
ATOM   1172 C  C     . THR A 1 173 ? 8.336   -7.422  7.263   1.00 38.61 ? 160  THR A C     1 
ATOM   1173 O  O     . THR A 1 173 ? 7.155   -7.016  7.233   1.00 36.85 ? 160  THR A O     1 
ATOM   1174 C  CB    . THR A 1 173 ? 8.311   -9.035  9.301   1.00 40.29 ? 160  THR A CB    1 
ATOM   1175 O  OG1   . THR A 1 173 ? 9.053   -9.441  10.458  1.00 44.48 ? 160  THR A OG1   1 
ATOM   1176 C  CG2   . THR A 1 173 ? 8.235   -10.232 8.384   1.00 42.49 ? 160  THR A CG2   1 
ATOM   1177 N  N     . ASN A 1 174 ? 9.117   -7.532  6.174   1.00 37.24 ? 161  ASN A N     1 
ATOM   1178 C  CA    . ASN A 1 174 ? 8.626   -7.415  4.796   1.00 37.38 ? 161  ASN A CA    1 
ATOM   1179 C  C     . ASN A 1 174 ? 8.167   -6.029  4.372   1.00 35.03 ? 161  ASN A C     1 
ATOM   1180 O  O     . ASN A 1 174 ? 7.605   -5.889  3.293   1.00 36.28 ? 161  ASN A O     1 
ATOM   1181 C  CB    . ASN A 1 174 ? 7.488   -8.417  4.490   1.00 37.28 ? 161  ASN A CB    1 
ATOM   1182 C  CG    . ASN A 1 174 ? 7.962   -9.858  4.419   1.00 37.61 ? 161  ASN A CG    1 
ATOM   1183 O  OD1   . ASN A 1 174 ? 9.158   -10.133 4.217   1.00 39.01 ? 161  ASN A OD1   1 
ATOM   1184 N  ND2   . ASN A 1 174 ? 7.022   -10.793 4.580   1.00 32.20 ? 161  ASN A ND2   1 
ATOM   1185 N  N     . VAL A 1 175 ? 8.415   -5.019  5.191   1.00 30.60 ? 162  VAL A N     1 
ATOM   1186 C  CA    . VAL A 1 175 ? 7.965   -3.691  4.852   1.00 33.99 ? 162  VAL A CA    1 
ATOM   1187 C  C     . VAL A 1 175 ? 8.752   -3.117  3.666   1.00 35.65 ? 162  VAL A C     1 
ATOM   1188 O  O     . VAL A 1 175 ? 8.171   -2.606  2.706   1.00 36.93 ? 162  VAL A O     1 
ATOM   1189 C  CB    . VAL A 1 175 ? 7.967   -2.742  6.071   1.00 34.50 ? 162  VAL A CB    1 
ATOM   1190 C  CG1   . VAL A 1 175 ? 7.727   -1.241  5.630   1.00 30.76 ? 162  VAL A CG1   1 
ATOM   1191 C  CG2   . VAL A 1 175 ? 6.916   -3.214  7.098   1.00 31.11 ? 162  VAL A CG2   1 
ATOM   1192 N  N     . GLU A 1 176 ? 10.062  -3.208  3.725   1.00 33.58 ? 163  GLU A N     1 
ATOM   1193 C  CA    . GLU A 1 176 ? 10.852  -2.698  2.651   1.00 37.88 ? 163  GLU A CA    1 
ATOM   1194 C  C     . GLU A 1 176 ? 10.591  -3.515  1.404   1.00 37.57 ? 163  GLU A C     1 
ATOM   1195 O  O     . GLU A 1 176 ? 10.422  -2.959  0.318   1.00 39.54 ? 163  GLU A O     1 
ATOM   1196 C  CB    . GLU A 1 176 ? 12.333  -2.648  3.033   1.00 42.31 ? 163  GLU A CB    1 
ATOM   1197 C  CG    . GLU A 1 176 ? 12.704  -1.275  3.523   1.00 49.15 ? 163  GLU A CG    1 
ATOM   1198 C  CD    . GLU A 1 176 ? 14.171  -1.119  3.700   1.00 56.01 ? 163  GLU A CD    1 
ATOM   1199 O  OE1   . GLU A 1 176 ? 14.664  -1.410  4.811   1.00 58.77 ? 163  GLU A OE1   1 
ATOM   1200 O  OE2   . GLU A 1 176 ? 14.848  -0.698  2.726   1.00 58.27 ? 163  GLU A OE2   1 
ATOM   1201 N  N     . LEU A 1 177 ? 10.499  -4.829  1.581   1.00 36.16 ? 164  LEU A N     1 
ATOM   1202 C  CA    . LEU A 1 177 ? 10.209  -5.752  0.511   1.00 34.08 ? 164  LEU A CA    1 
ATOM   1203 C  C     . LEU A 1 177 ? 8.860   -5.477  -0.168  1.00 35.58 ? 164  LEU A C     1 
ATOM   1204 O  O     . LEU A 1 177 ? 8.762   -5.497  -1.416  1.00 35.37 ? 164  LEU A O     1 
ATOM   1205 C  CB    . LEU A 1 177 ? 10.238  -7.182  1.059   1.00 35.25 ? 164  LEU A CB    1 
ATOM   1206 C  CG    . LEU A 1 177 ? 10.083  -8.320  0.046   1.00 36.01 ? 164  LEU A CG    1 
ATOM   1207 C  CD1   . LEU A 1 177 ? 11.328  -8.449  -0.852  1.00 36.18 ? 164  LEU A CD1   1 
ATOM   1208 C  CD2   . LEU A 1 177 ? 9.792   -9.617  0.769   1.00 36.17 ? 164  LEU A CD2   1 
ATOM   1209 N  N     . ALA A 1 178 ? 7.824   -5.254  0.648   1.00 29.17 ? 165  ALA A N     1 
ATOM   1210 C  CA    . ALA A 1 178 ? 6.517   -4.850  0.141   1.00 30.35 ? 165  ALA A CA    1 
ATOM   1211 C  C     . ALA A 1 178 ? 6.669   -3.680  -0.835  1.00 31.76 ? 165  ALA A C     1 
ATOM   1212 O  O     . ALA A 1 178 ? 6.344   -3.804  -2.012  1.00 33.34 ? 165  ALA A O     1 
ATOM   1213 C  CB    . ALA A 1 178 ? 5.551   -4.488  1.311   1.00 26.89 ? 165  ALA A CB    1 
ATOM   1214 N  N     . PHE A 1 179 ? 7.205   -2.563  -0.348  1.00 33.08 ? 166  PHE A N     1 
ATOM   1215 C  CA    . PHE A 1 179 ? 7.389   -1.371  -1.190  1.00 33.79 ? 166  PHE A CA    1 
ATOM   1216 C  C     . PHE A 1 179 ? 8.308   -1.588  -2.388  1.00 33.43 ? 166  PHE A C     1 
ATOM   1217 O  O     . PHE A 1 179 ? 7.977   -1.199  -3.498  1.00 34.33 ? 166  PHE A O     1 
ATOM   1218 C  CB    . PHE A 1 179 ? 7.814   -0.149  -0.348  1.00 31.44 ? 166  PHE A CB    1 
ATOM   1219 C  CG    . PHE A 1 179 ? 6.702   0.406   0.523   1.00 30.24 ? 166  PHE A CG    1 
ATOM   1220 C  CD1   . PHE A 1 179 ? 5.806   1.331   0.013   1.00 28.25 ? 166  PHE A CD1   1 
ATOM   1221 C  CD2   . PHE A 1 179 ? 6.543   -0.021  1.853   1.00 31.92 ? 166  PHE A CD2   1 
ATOM   1222 C  CE1   . PHE A 1 179 ? 4.758   1.835   0.808   1.00 30.04 ? 166  PHE A CE1   1 
ATOM   1223 C  CE2   . PHE A 1 179 ? 5.498   0.471   2.670   1.00 30.18 ? 166  PHE A CE2   1 
ATOM   1224 C  CZ    . PHE A 1 179 ? 4.612   1.412   2.153   1.00 30.52 ? 166  PHE A CZ    1 
ATOM   1225 N  N     . GLU A 1 180 ? 9.433   -2.248  -2.187  1.00 34.97 ? 167  GLU A N     1 
ATOM   1226 C  CA    . GLU A 1 180 ? 10.366  -2.472  -3.293  1.00 38.16 ? 167  GLU A CA    1 
ATOM   1227 C  C     . GLU A 1 180 ? 9.831   -3.357  -4.401  1.00 31.58 ? 167  GLU A C     1 
ATOM   1228 O  O     . GLU A 1 180 ? 10.185  -3.166  -5.566  1.00 32.43 ? 167  GLU A O     1 
ATOM   1229 C  CB    . GLU A 1 180 ? 11.717  -2.975  -2.779  1.00 37.97 ? 167  GLU A CB    1 
ATOM   1230 C  CG    . GLU A 1 180 ? 12.511  -1.836  -2.128  1.00 47.54 ? 167  GLU A CG    1 
ATOM   1231 C  CD    . GLU A 1 180 ? 13.706  -2.295  -1.289  1.00 51.24 ? 167  GLU A CD    1 
ATOM   1232 O  OE1   . GLU A 1 180 ? 13.963  -3.532  -1.175  1.00 54.80 ? 167  GLU A OE1   1 
ATOM   1233 O  OE2   . GLU A 1 180 ? 14.387  -1.400  -0.733  1.00 57.19 ? 167  GLU A OE2   1 
ATOM   1234 N  N     . THR A 1 181 ? 8.992   -4.323  -4.045  1.00 31.80 ? 168  THR A N     1 
ATOM   1235 C  CA    . THR A 1 181 ? 8.365   -5.237  -5.014  1.00 28.12 ? 168  THR A CA    1 
ATOM   1236 C  C     . THR A 1 181 ? 7.352   -4.457  -5.855  1.00 28.90 ? 168  THR A C     1 
ATOM   1237 O  O     . THR A 1 181 ? 7.300   -4.608  -7.079  1.00 33.00 ? 168  THR A O     1 
ATOM   1238 C  CB    . THR A 1 181 ? 7.664   -6.450  -4.290  1.00 30.25 ? 168  THR A CB    1 
ATOM   1239 O  OG1   . THR A 1 181 ? 8.612   -7.149  -3.497  1.00 26.93 ? 168  THR A OG1   1 
ATOM   1240 C  CG2   . THR A 1 181 ? 7.040   -7.422  -5.257  1.00 25.02 ? 168  THR A CG2   1 
ATOM   1241 N  N     . VAL A 1 182 ? 6.566   -3.597  -5.224  1.00 27.17 ? 169  VAL A N     1 
ATOM   1242 C  CA    . VAL A 1 182 ? 5.631   -2.780  -6.011  1.00 26.63 ? 169  VAL A CA    1 
ATOM   1243 C  C     . VAL A 1 182 ? 6.423   -1.906  -6.963  1.00 27.83 ? 169  VAL A C     1 
ATOM   1244 O  O     . VAL A 1 182 ? 6.187   -1.912  -8.176  1.00 29.62 ? 169  VAL A O     1 
ATOM   1245 C  CB    . VAL A 1 182 ? 4.638   -1.958  -5.097  1.00 28.40 ? 169  VAL A CB    1 
ATOM   1246 C  CG1   . VAL A 1 182 ? 4.003   -0.761  -5.852  1.00 21.57 ? 169  VAL A CG1   1 
ATOM   1247 C  CG2   . VAL A 1 182 ? 3.569   -2.907  -4.477  1.00 18.32 ? 169  VAL A CG2   1 
ATOM   1248 N  N     . LEU A 1 183 ? 7.413   -1.214  -6.428  1.00 29.51 ? 170  LEU A N     1 
ATOM   1249 C  CA    . LEU A 1 183 ? 8.223   -0.281  -7.222  1.00 30.55 ? 170  LEU A CA    1 
ATOM   1250 C  C     . LEU A 1 183 ? 8.955   -0.930  -8.392  1.00 30.63 ? 170  LEU A C     1 
ATOM   1251 O  O     . LEU A 1 183 ? 9.022   -0.332  -9.453  1.00 32.74 ? 170  LEU A O     1 
ATOM   1252 C  CB    . LEU A 1 183 ? 9.184   0.509   -6.329  1.00 30.66 ? 170  LEU A CB    1 
ATOM   1253 C  CG    . LEU A 1 183 ? 8.515   1.315   -5.196  1.00 32.44 ? 170  LEU A CG    1 
ATOM   1254 C  CD1   . LEU A 1 183 ? 9.572   1.746   -4.135  1.00 34.91 ? 170  LEU A CD1   1 
ATOM   1255 C  CD2   . LEU A 1 183 ? 7.694   2.524   -5.679  1.00 28.85 ? 170  LEU A CD2   1 
ATOM   1256 N  N     . LYS A 1 184 ? 9.475   -2.146  -8.216  1.00 29.46 ? 171  LYS A N     1 
ATOM   1257 C  CA    . LYS A 1 184 ? 10.118  -2.886  -9.322  1.00 32.05 ? 171  LYS A CA    1 
ATOM   1258 C  C     . LYS A 1 184 ? 9.114   -3.255  -10.369 1.00 31.51 ? 171  LYS A C     1 
ATOM   1259 O  O     . LYS A 1 184 ? 9.407   -3.155  -11.548 1.00 33.01 ? 171  LYS A O     1 
ATOM   1260 C  CB    . LYS A 1 184 ? 10.867  -4.157  -8.858  1.00 32.90 ? 171  LYS A CB    1 
ATOM   1261 C  CG    . LYS A 1 184 ? 12.100  -3.895  -8.014  1.00 34.19 ? 171  LYS A CG    1 
ATOM   1262 C  CD    . LYS A 1 184 ? 12.713  -5.186  -7.464  1.00 37.10 ? 171  LYS A CD    1 
ATOM   1263 N  N     . GLU A 1 185 ? 7.920   -3.676  -9.944  1.00 32.53 ? 172  GLU A N     1 
ATOM   1264 C  CA    . GLU A 1 185 ? 6.860   -3.993  -10.890 1.00 29.74 ? 172  GLU A CA    1 
ATOM   1265 C  C     . GLU A 1 185 ? 6.411   -2.754  -11.720 1.00 32.89 ? 172  GLU A C     1 
ATOM   1266 O  O     . GLU A 1 185 ? 6.293   -2.843  -12.947 1.00 31.57 ? 172  GLU A O     1 
ATOM   1267 C  CB    . GLU A 1 185 ? 5.682   -4.665  -10.181 1.00 31.12 ? 172  GLU A CB    1 
ATOM   1268 C  CG    . GLU A 1 185 ? 4.700   -5.406  -11.130 1.00 34.77 ? 172  GLU A CG    1 
ATOM   1269 C  CD    . GLU A 1 185 ? 5.250   -6.764  -11.708 1.00 39.47 ? 172  GLU A CD    1 
ATOM   1270 O  OE1   . GLU A 1 185 ? 6.382   -7.195  -11.356 1.00 41.63 ? 172  GLU A OE1   1 
ATOM   1271 O  OE2   . GLU A 1 185 ? 4.543   -7.396  -12.519 1.00 40.22 ? 172  GLU A OE2   1 
ATOM   1272 N  N     . ILE A 1 186 ? 6.154   -1.618  -11.047 1.00 31.53 ? 173  ILE A N     1 
ATOM   1273 C  CA    . ILE A 1 186 ? 5.911   -0.366  -11.738 1.00 32.05 ? 173  ILE A CA    1 
ATOM   1274 C  C     . ILE A 1 186 ? 7.022   -0.044  -12.769 1.00 38.21 ? 173  ILE A C     1 
ATOM   1275 O  O     . ILE A 1 186 ? 6.739   0.232   -13.936 1.00 37.96 ? 173  ILE A O     1 
ATOM   1276 C  CB    . ILE A 1 186 ? 5.774   0.825   -10.779 1.00 27.21 ? 173  ILE A CB    1 
ATOM   1277 C  CG1   . ILE A 1 186 ? 4.612   0.590   -9.807  1.00 27.65 ? 173  ILE A CG1   1 
ATOM   1278 C  CG2   . ILE A 1 186 ? 5.546   2.092   -11.605 1.00 28.48 ? 173  ILE A CG2   1 
ATOM   1279 C  CD1   . ILE A 1 186 ? 4.523   1.516   -8.680  1.00 22.66 ? 173  ILE A CD1   1 
ATOM   1280 N  N     . PHE A 1 187 ? 8.274   -0.072  -12.333 1.00 40.01 ? 174  PHE A N     1 
ATOM   1281 C  CA    . PHE A 1 187 ? 9.390   0.270   -13.221 1.00 42.16 ? 174  PHE A CA    1 
ATOM   1282 C  C     . PHE A 1 187 ? 9.421   -0.643  -14.461 1.00 40.87 ? 174  PHE A C     1 
ATOM   1283 O  O     . PHE A 1 187 ? 9.486   -0.151  -15.607 1.00 37.71 ? 174  PHE A O     1 
ATOM   1284 C  CB    . PHE A 1 187 ? 10.704  0.195   -12.448 1.00 45.65 ? 174  PHE A CB    1 
ATOM   1285 C  CG    . PHE A 1 187 ? 11.899  0.578   -13.237 1.00 47.60 ? 174  PHE A CG    1 
ATOM   1286 C  CD1   . PHE A 1 187 ? 12.347  1.892   -13.249 1.00 49.77 ? 174  PHE A CD1   1 
ATOM   1287 C  CD2   . PHE A 1 187 ? 12.608  -0.387  -13.964 1.00 50.52 ? 174  PHE A CD2   1 
ATOM   1288 C  CE1   . PHE A 1 187 ? 13.490  2.244   -13.976 1.00 51.57 ? 174  PHE A CE1   1 
ATOM   1289 C  CE2   . PHE A 1 187 ? 13.756  -0.039  -14.710 1.00 51.26 ? 174  PHE A CE2   1 
ATOM   1290 C  CZ    . PHE A 1 187 ? 14.196  1.269   -14.707 1.00 49.83 ? 174  PHE A CZ    1 
ATOM   1291 N  N     . ALA A 1 188 ? 9.365   -1.957  -14.227 1.00 35.44 ? 175  ALA A N     1 
ATOM   1292 C  CA    . ALA A 1 188 ? 9.205   -2.920  -15.314 1.00 39.73 ? 175  ALA A CA    1 
ATOM   1293 C  C     . ALA A 1 188 ? 8.128   -2.444  -16.276 1.00 42.69 ? 175  ALA A C     1 
ATOM   1294 O  O     . ALA A 1 188 ? 8.396   -2.248  -17.473 1.00 47.33 ? 175  ALA A O     1 
ATOM   1295 C  CB    . ALA A 1 188 ? 8.871   -4.353  -14.769 1.00 35.86 ? 175  ALA A CB    1 
ATOM   1296 N  N     . LYS A 1 189 ? 6.920   -2.236  -15.735 1.00 42.56 ? 176  LYS A N     1 
ATOM   1297 C  CA    . LYS A 1 189 ? 5.750   -1.809  -16.493 1.00 39.93 ? 176  LYS A CA    1 
ATOM   1298 C  C     . LYS A 1 189 ? 5.954   -0.510  -17.293 1.00 41.69 ? 176  LYS A C     1 
ATOM   1299 O  O     . LYS A 1 189 ? 5.782   -0.505  -18.527 1.00 38.77 ? 176  LYS A O     1 
ATOM   1300 C  CB    . LYS A 1 189 ? 4.571   -1.674  -15.550 1.00 40.96 ? 176  LYS A CB    1 
ATOM   1301 C  CG    . LYS A 1 189 ? 3.224   -1.607  -16.224 1.00 40.78 ? 176  LYS A CG    1 
ATOM   1302 C  CD    . LYS A 1 189 ? 2.111   -1.745  -15.228 1.00 40.63 ? 176  LYS A CD    1 
ATOM   1303 C  CE    . LYS A 1 189 ? 2.126   -3.112  -14.591 1.00 42.90 ? 176  LYS A CE    1 
ATOM   1304 N  NZ    . LYS A 1 189 ? 0.790   -3.549  -14.231 1.00 44.21 ? 176  LYS A NZ    1 
ATOM   1305 N  N     . VAL A 1 190 ? 6.348   0.573   -16.611 1.00 41.59 ? 177  VAL A N     1 
ATOM   1306 C  CA    . VAL A 1 190 ? 6.509   1.873   -17.278 1.00 46.12 ? 177  VAL A CA    1 
ATOM   1307 C  C     . VAL A 1 190 ? 7.629   1.927   -18.328 1.00 50.78 ? 177  VAL A C     1 
ATOM   1308 O  O     . VAL A 1 190 ? 7.586   2.772   -19.235 1.00 54.14 ? 177  VAL A O     1 
ATOM   1309 C  CB    . VAL A 1 190 ? 6.639   3.084   -16.291 1.00 46.93 ? 177  VAL A CB    1 
ATOM   1310 C  CG1   . VAL A 1 190 ? 5.513   3.071   -15.236 1.00 46.08 ? 177  VAL A CG1   1 
ATOM   1311 C  CG2   . VAL A 1 190 ? 8.006   3.134   -15.651 1.00 47.78 ? 177  VAL A CG2   1 
ATOM   1312 N  N     . SER A 1 191 ? 8.614   1.029   -18.206 1.00 53.46 ? 178  SER A N     1 
ATOM   1313 C  CA    . SER A 1 191 ? 9.684   0.875   -19.214 1.00 55.10 ? 178  SER A CA    1 
ATOM   1314 C  C     . SER A 1 191 ? 9.127   0.396   -20.587 1.00 57.09 ? 178  SER A C     1 
ATOM   1315 O  O     . SER A 1 191 ? 9.739   0.617   -21.638 1.00 55.90 ? 178  SER A O     1 
ATOM   1316 C  CB    . SER A 1 191 ? 10.758  -0.105  -18.706 1.00 56.60 ? 178  SER A CB    1 
ATOM   1317 O  OG    . SER A 1 191 ? 11.471  0.405   -17.576 1.00 56.70 ? 178  SER A OG    1 
ATOM   1318 N  N     . LYS A 1 192 ? 7.967   -0.260  -20.555 1.00 56.02 ? 179  LYS A N     1 
ATOM   1319 C  CA    . LYS A 1 192 ? 7.359   -0.814  -21.743 1.00 57.64 ? 179  LYS A CA    1 
ATOM   1320 C  C     . LYS A 1 192 ? 6.244   0.078   -22.285 1.00 57.88 ? 179  LYS A C     1 
ATOM   1321 O  O     . LYS A 1 192 ? 5.627   -0.255  -23.312 1.00 55.68 ? 179  LYS A O     1 
ATOM   1322 C  CB    . LYS A 1 192 ? 6.800   -2.198  -21.456 1.00 59.91 ? 179  LYS A CB    1 
ATOM   1323 C  CG    . LYS A 1 192 ? 7.832   -3.279  -21.357 1.00 62.11 ? 179  LYS A CG    1 
ATOM   1324 C  CD    . LYS A 1 192 ? 7.207   -4.624  -21.723 1.00 66.53 ? 179  LYS A CD    1 
ATOM   1325 C  CE    . LYS A 1 192 ? 6.230   -5.118  -20.654 1.00 66.87 ? 179  LYS A CE    1 
ATOM   1326 N  NZ    . LYS A 1 192 ? 5.520   -6.339  -21.123 1.00 67.89 ? 179  LYS A NZ    1 
ATOM   1327 N  N     . GLN A 1 193 ? 5.997   1.201   -21.600 1.00 57.29 ? 180  GLN A N     1 
ATOM   1328 C  CA    . GLN A 1 193 ? 4.970   2.156   -22.012 1.00 57.94 ? 180  GLN A CA    1 
ATOM   1329 C  C     . GLN A 1 193 ? 5.448   3.041   -23.162 1.00 61.57 ? 180  GLN A C     1 
ATOM   1330 O  O     . GLN A 1 193 ? 6.648   3.276   -23.348 1.00 62.36 ? 180  GLN A O     1 
ATOM   1331 C  CB    . GLN A 1 193 ? 4.486   3.003   -20.820 1.00 56.20 ? 180  GLN A CB    1 
ATOM   1332 C  CG    . GLN A 1 193 ? 3.491   2.265   -19.924 1.00 55.00 ? 180  GLN A CG    1 
ATOM   1333 C  CD    . GLN A 1 193 ? 3.106   3.029   -18.632 1.00 57.26 ? 180  GLN A CD    1 
ATOM   1334 O  OE1   . GLN A 1 193 ? 3.392   4.235   -18.479 1.00 57.37 ? 180  GLN A OE1   1 
ATOM   1335 N  NE2   . GLN A 1 193 ? 2.447   2.317   -17.702 1.00 52.18 ? 180  GLN A NE2   1 
ATOM   1336 O  OXT   . GLN A 1 193 ? 4.636   3.525   -23.955 1.00 63.20 ? 180  GLN A OXT   1 
HETATM 1337 MG MG    . MG  B 2 .   ? -3.833  6.283   9.026   1.00 35.57 ? 301  MG  A MG    1 
HETATM 1338 P  PB    . GDP C 3 .   ? -4.306  3.176   9.702   1.00 27.68 ? 201  GDP A PB    1 
HETATM 1339 O  O1B   . GDP C 3 .   ? -4.646  2.168   8.627   1.00 28.89 ? 201  GDP A O1B   1 
HETATM 1340 O  O2B   . GDP C 3 .   ? -5.585  3.625   10.381  1.00 28.79 ? 201  GDP A O2B   1 
HETATM 1341 O  O3B   . GDP C 3 .   ? -3.572  4.341   9.092   1.00 25.55 ? 201  GDP A O3B   1 
HETATM 1342 O  O3A   . GDP C 3 .   ? -3.427  2.361   10.761  1.00 29.19 ? 201  GDP A O3A   1 
HETATM 1343 P  PA    . GDP C 3 .   ? -2.341  2.904   11.818  1.00 26.83 ? 201  GDP A PA    1 
HETATM 1344 O  O1A   . GDP C 3 .   ? -2.800  4.236   12.399  1.00 30.20 ? 201  GDP A O1A   1 
HETATM 1345 O  O2A   . GDP C 3 .   ? -0.986  2.934   11.184  1.00 26.42 ? 201  GDP A O2A   1 
HETATM 1346 O  "O5'" . GDP C 3 .   ? -2.435  1.688   12.875  1.00 31.73 ? 201  GDP A "O5'" 1 
HETATM 1347 C  "C5'" . GDP C 3 .   ? -3.544  1.574   13.763  1.00 34.45 ? 201  GDP A "C5'" 1 
HETATM 1348 C  "C4'" . GDP C 3 .   ? -3.143  0.882   15.060  1.00 33.36 ? 201  GDP A "C4'" 1 
HETATM 1349 O  "O4'" . GDP C 3 .   ? -2.555  -0.377  14.735  1.00 30.98 ? 201  GDP A "O4'" 1 
HETATM 1350 C  "C3'" . GDP C 3 .   ? -2.087  1.616   15.890  1.00 34.60 ? 201  GDP A "C3'" 1 
HETATM 1351 O  "O3'" . GDP C 3 .   ? -2.206  1.116   17.231  1.00 34.98 ? 201  GDP A "O3'" 1 
HETATM 1352 C  "C2'" . GDP C 3 .   ? -0.817  1.053   15.331  1.00 33.15 ? 201  GDP A "C2'" 1 
HETATM 1353 O  "O2'" . GDP C 3 .   ? 0.263   1.156   16.234  1.00 39.23 ? 201  GDP A "O2'" 1 
HETATM 1354 C  "C1'" . GDP C 3 .   ? -1.199  -0.398  15.190  1.00 32.83 ? 201  GDP A "C1'" 1 
HETATM 1355 N  N9    . GDP C 3 .   ? -0.371  -1.115  14.209  1.00 32.91 ? 201  GDP A N9    1 
HETATM 1356 C  C8    . GDP C 3 .   ? -0.080  -0.702  12.951  1.00 34.88 ? 201  GDP A C8    1 
HETATM 1357 N  N7    . GDP C 3 .   ? 0.690   -1.620  12.301  1.00 35.37 ? 201  GDP A N7    1 
HETATM 1358 C  C5    . GDP C 3 .   ? 0.890   -2.627  13.156  1.00 31.11 ? 201  GDP A C5    1 
HETATM 1359 C  C6    . GDP C 3 .   ? 1.599   -3.887  13.095  1.00 32.79 ? 201  GDP A C6    1 
HETATM 1360 O  O6    . GDP C 3 .   ? 2.219   -4.242  12.057  1.00 33.97 ? 201  GDP A O6    1 
HETATM 1361 N  N1    . GDP C 3 .   ? 1.566   -4.655  14.196  1.00 34.65 ? 201  GDP A N1    1 
HETATM 1362 C  C2    . GDP C 3 .   ? 0.904   -4.329  15.327  1.00 34.10 ? 201  GDP A C2    1 
HETATM 1363 N  N2    . GDP C 3 .   ? 0.962   -5.201  16.364  1.00 34.84 ? 201  GDP A N2    1 
HETATM 1364 N  N3    . GDP C 3 .   ? 0.225   -3.167  15.462  1.00 33.33 ? 201  GDP A N3    1 
HETATM 1365 C  C4    . GDP C 3 .   ? 0.192   -2.297  14.411  1.00 32.93 ? 201  GDP A C4    1 
HETATM 1366 X  UNK   . UNX D 4 .   ? -15.330 -0.611  1.366   0.01 2.00  ? 1001 UNX A UNK   1 
HETATM 1367 O  O     . HOH E 5 .   ? -4.210  6.287   7.047   1.00 21.07 ? 401  HOH A O     1 
HETATM 1368 O  O     . HOH E 5 .   ? -8.824  -3.160  4.579   1.00 23.49 ? 402  HOH A O     1 
HETATM 1369 O  O     . HOH E 5 .   ? -7.573  2.433   -16.888 1.00 30.12 ? 403  HOH A O     1 
HETATM 1370 O  O     . HOH E 5 .   ? 1.810   0.940   -12.985 1.00 24.05 ? 404  HOH A O     1 
HETATM 1371 O  O     . HOH E 5 .   ? -3.438  6.515   11.195  1.00 29.96 ? 405  HOH A O     1 
HETATM 1372 O  O     . HOH E 5 .   ? -4.210  8.192   9.017   1.00 26.24 ? 406  HOH A O     1 
HETATM 1373 O  O     . HOH E 5 .   ? -7.706  5.073   7.521   1.00 30.73 ? 407  HOH A O     1 
HETATM 1374 O  O     . HOH E 5 .   ? -3.143  10.435  7.578   1.00 35.04 ? 408  HOH A O     1 
HETATM 1375 O  O     . HOH E 5 .   ? 3.086   -1.012  -19.709 1.00 50.33 ? 409  HOH A O     1 
HETATM 1376 O  O     . HOH E 5 .   ? -6.078  5.798   9.408   1.00 34.00 ? 410  HOH A O     1 
HETATM 1377 O  O     . HOH E 5 .   ? -7.527  4.470   -19.386 1.00 43.94 ? 411  HOH A O     1 
HETATM 1378 O  O     . HOH E 5 .   ? -3.834  -3.640  -10.779 1.00 43.85 ? 412  HOH A O     1 
HETATM 1379 O  O     . HOH E 5 .   ? -1.710  -5.498  -9.861  1.00 28.54 ? 413  HOH A O     1 
HETATM 1380 O  O     . HOH E 5 .   ? -4.221  -6.505  -12.098 1.00 33.92 ? 414  HOH A O     1 
HETATM 1381 O  O     . HOH E 5 .   ? -3.713  5.588   -11.976 1.00 31.29 ? 415  HOH A O     1 
HETATM 1382 O  O     . HOH E 5 .   ? 5.346   -10.825 7.951   1.00 40.32 ? 416  HOH A O     1 
HETATM 1383 O  O     . HOH E 5 .   ? -4.340  5.884   3.207   1.00 33.85 ? 417  HOH A O     1 
HETATM 1384 O  O     . HOH E 5 .   ? -6.283  4.646   13.173  1.00 28.98 ? 418  HOH A O     1 
# 
loop_
_pdbx_poly_seq_scheme.asym_id 
_pdbx_poly_seq_scheme.entity_id 
_pdbx_poly_seq_scheme.seq_id 
_pdbx_poly_seq_scheme.mon_id 
_pdbx_poly_seq_scheme.ndb_seq_num 
_pdbx_poly_seq_scheme.pdb_seq_num 
_pdbx_poly_seq_scheme.auth_seq_num 
_pdbx_poly_seq_scheme.pdb_mon_id 
_pdbx_poly_seq_scheme.auth_mon_id 
_pdbx_poly_seq_scheme.pdb_strand_id 
_pdbx_poly_seq_scheme.pdb_ins_code 
_pdbx_poly_seq_scheme.hetero 
A 1 1   MET 1   -12 ?   ?   ?   A . n 
A 1 2   GLY 2   -11 ?   ?   ?   A . n 
A 1 3   SER 3   -10 ?   ?   ?   A . n 
A 1 4   SER 4   -9  ?   ?   ?   A . n 
A 1 5   HIS 5   -8  ?   ?   ?   A . n 
A 1 6   HIS 6   -7  ?   ?   ?   A . n 
A 1 7   HIS 7   -6  ?   ?   ?   A . n 
A 1 8   HIS 8   -5  ?   ?   ?   A . n 
A 1 9   HIS 9   -4  ?   ?   ?   A . n 
A 1 10  HIS 10  -3  ?   ?   ?   A . n 
A 1 11  SER 11  -2  ?   ?   ?   A . n 
A 1 12  SER 12  -1  ?   ?   ?   A . n 
A 1 13  GLY 13  0   ?   ?   ?   A . n 
A 1 14  LEU 14  1   ?   ?   ?   A . n 
A 1 15  VAL 15  2   ?   ?   ?   A . n 
A 1 16  PRO 16  3   ?   ?   ?   A . n 
A 1 17  ARG 17  4   ?   ?   ?   A . n 
A 1 18  GLY 18  5   ?   ?   ?   A . n 
A 1 19  SER 19  6   ?   ?   ?   A . n 
A 1 20  GLU 20  7   7   GLU GLU A . n 
A 1 21  ASP 21  8   8   ASP ASP A . n 
A 1 22  TYR 22  9   9   TYR TYR A . n 
A 1 23  ASN 23  10  10  ASN ASN A . n 
A 1 24  PHE 24  11  11  PHE PHE A . n 
A 1 25  VAL 25  12  12  VAL VAL A . n 
A 1 26  PHE 26  13  13  PHE PHE A . n 
A 1 27  LYS 27  14  14  LYS LYS A . n 
A 1 28  VAL 28  15  15  VAL VAL A . n 
A 1 29  VAL 29  16  16  VAL VAL A . n 
A 1 30  LEU 30  17  17  LEU LEU A . n 
A 1 31  ILE 31  18  18  ILE ILE A . n 
A 1 32  GLY 32  19  19  GLY GLY A . n 
A 1 33  GLU 33  20  20  GLU GLU A . n 
A 1 34  SER 34  21  21  SER SER A . n 
A 1 35  GLY 35  22  22  GLY GLY A . n 
A 1 36  VAL 36  23  23  VAL VAL A . n 
A 1 37  GLY 37  24  24  GLY GLY A . n 
A 1 38  LYS 38  25  25  LYS LYS A . n 
A 1 39  THR 39  26  26  THR THR A . n 
A 1 40  ASN 40  27  27  ASN ASN A . n 
A 1 41  LEU 41  28  28  LEU LEU A . n 
A 1 42  LEU 42  29  29  LEU LEU A . n 
A 1 43  SER 43  30  30  SER SER A . n 
A 1 44  ARG 44  31  31  ARG ARG A . n 
A 1 45  PHE 45  32  32  PHE PHE A . n 
A 1 46  THR 46  33  33  THR THR A . n 
A 1 47  ARG 47  34  34  ARG ARG A . n 
A 1 48  ASN 48  35  35  ASN ASN A . n 
A 1 49  GLU 49  36  36  GLU GLU A . n 
A 1 50  PHE 50  37  37  PHE PHE A . n 
A 1 51  SER 51  38  38  SER SER A . n 
A 1 52  HIS 52  39  39  HIS HIS A . n 
A 1 53  ASP 53  40  40  ASP ASP A . n 
A 1 54  SER 54  41  41  SER SER A . n 
A 1 55  ARG 55  42  42  ARG ARG A . n 
A 1 56  THR 56  43  43  THR THR A . n 
A 1 57  THR 57  44  44  THR THR A . n 
A 1 58  ILE 58  45  45  ILE ILE A . n 
A 1 59  GLY 59  46  46  GLY GLY A . n 
A 1 60  VAL 60  47  47  VAL VAL A . n 
A 1 61  GLU 61  48  48  GLU GLU A . n 
A 1 62  PHE 62  49  49  PHE PHE A . n 
A 1 63  SER 63  50  50  SER SER A . n 
A 1 64  THR 64  51  51  THR THR A . n 
A 1 65  ARG 65  52  52  ARG ARG A . n 
A 1 66  THR 66  53  53  THR THR A . n 
A 1 67  VAL 67  54  54  VAL VAL A . n 
A 1 68  MET 68  55  55  MET MET A . n 
A 1 69  LEU 69  56  56  LEU LEU A . n 
A 1 70  GLY 70  57  57  GLY GLY A . n 
A 1 71  THR 71  58  58  THR THR A . n 
A 1 72  ALA 72  59  59  ALA ALA A . n 
A 1 73  ALA 73  60  60  ALA ALA A . n 
A 1 74  VAL 74  61  61  VAL VAL A . n 
A 1 75  LYS 75  62  62  LYS LYS A . n 
A 1 76  ALA 76  63  63  ALA ALA A . n 
A 1 77  GLN 77  64  64  GLN GLN A . n 
A 1 78  ILE 78  65  65  ILE ILE A . n 
A 1 79  TRP 79  66  66  TRP TRP A . n 
A 1 80  ASP 80  67  67  ASP ASP A . n 
A 1 81  THR 81  68  68  THR THR A . n 
A 1 82  ALA 82  69  69  ALA ALA A . n 
A 1 83  GLY 83  70  70  GLY GLY A . n 
A 1 84  LEU 84  71  71  LEU LEU A . n 
A 1 85  GLU 85  72  72  GLU GLU A . n 
A 1 86  ARG 86  73  73  ARG ARG A . n 
A 1 87  TYR 87  74  74  TYR TYR A . n 
A 1 88  ARG 88  75  75  ARG ARG A . n 
A 1 89  ALA 89  76  76  ALA ALA A . n 
A 1 90  ILE 90  77  77  ILE ILE A . n 
A 1 91  THR 91  78  78  THR THR A . n 
A 1 92  SER 92  79  79  SER SER A . n 
A 1 93  ALA 93  80  80  ALA ALA A . n 
A 1 94  TYR 94  81  81  TYR TYR A . n 
A 1 95  TYR 95  82  82  TYR TYR A . n 
A 1 96  ARG 96  83  83  ARG ARG A . n 
A 1 97  GLY 97  84  84  GLY GLY A . n 
A 1 98  ALA 98  85  85  ALA ALA A . n 
A 1 99  VAL 99  86  86  VAL VAL A . n 
A 1 100 GLY 100 87  87  GLY GLY A . n 
A 1 101 ALA 101 88  88  ALA ALA A . n 
A 1 102 LEU 102 89  89  LEU LEU A . n 
A 1 103 LEU 103 90  90  LEU LEU A . n 
A 1 104 VAL 104 91  91  VAL VAL A . n 
A 1 105 PHE 105 92  92  PHE PHE A . n 
A 1 106 ASP 106 93  93  ASP ASP A . n 
A 1 107 LEU 107 94  94  LEU LEU A . n 
A 1 108 THR 108 95  95  THR THR A . n 
A 1 109 LYS 109 96  96  LYS LYS A . n 
A 1 110 HIS 110 97  97  HIS HIS A . n 
A 1 111 GLN 111 98  98  GLN GLN A . n 
A 1 112 THR 112 99  99  THR THR A . n 
A 1 113 TYR 113 100 100 TYR TYR A . n 
A 1 114 ALA 114 101 101 ALA ALA A . n 
A 1 115 VAL 115 102 102 VAL VAL A . n 
A 1 116 VAL 116 103 103 VAL VAL A . n 
A 1 117 GLU 117 104 104 GLU GLU A . n 
A 1 118 ARG 118 105 105 ARG ARG A . n 
A 1 119 TRP 119 106 106 TRP TRP A . n 
A 1 120 LEU 120 107 107 LEU LEU A . n 
A 1 121 LYS 121 108 108 LYS LYS A . n 
A 1 122 GLU 122 109 109 GLU GLU A . n 
A 1 123 LEU 123 110 110 LEU LEU A . n 
A 1 124 TYR 124 111 111 TYR TYR A . n 
A 1 125 ASP 125 112 112 ASP ASP A . n 
A 1 126 HIS 126 113 113 HIS HIS A . n 
A 1 127 ALA 127 114 114 ALA ALA A . n 
A 1 128 GLU 128 115 115 GLU GLU A . n 
A 1 129 ALA 129 116 116 ALA ALA A . n 
A 1 130 THR 130 117 117 THR THR A . n 
A 1 131 ILE 131 118 118 ILE ILE A . n 
A 1 132 VAL 132 119 119 VAL VAL A . n 
A 1 133 VAL 133 120 120 VAL VAL A . n 
A 1 134 MET 134 121 121 MET MET A . n 
A 1 135 LEU 135 122 122 LEU LEU A . n 
A 1 136 VAL 136 123 123 VAL VAL A . n 
A 1 137 GLY 137 124 124 GLY GLY A . n 
A 1 138 ASN 138 125 125 ASN ASN A . n 
A 1 139 LYS 139 126 126 LYS LYS A . n 
A 1 140 SER 140 127 127 SER SER A . n 
A 1 141 ASP 141 128 128 ASP ASP A . n 
A 1 142 LEU 142 129 129 LEU LEU A . n 
A 1 143 SER 143 130 130 SER SER A . n 
A 1 144 GLN 144 131 131 GLN GLN A . n 
A 1 145 ALA 145 132 132 ALA ALA A . n 
A 1 146 ARG 146 133 133 ARG ARG A . n 
A 1 147 GLU 147 134 134 GLU GLU A . n 
A 1 148 VAL 148 135 135 VAL VAL A . n 
A 1 149 PRO 149 136 136 PRO PRO A . n 
A 1 150 THR 150 137 137 THR THR A . n 
A 1 151 GLU 151 138 138 GLU GLU A . n 
A 1 152 GLU 152 139 139 GLU GLU A . n 
A 1 153 ALA 153 140 140 ALA ALA A . n 
A 1 154 ARG 154 141 141 ARG ARG A . n 
A 1 155 MET 155 142 142 MET MET A . n 
A 1 156 PHE 156 143 143 PHE PHE A . n 
A 1 157 ALA 157 144 144 ALA ALA A . n 
A 1 158 GLU 158 145 145 GLU GLU A . n 
A 1 159 ASN 159 146 146 ASN ASN A . n 
A 1 160 ASN 160 147 147 ASN ASN A . n 
A 1 161 GLY 161 148 148 GLY GLY A . n 
A 1 162 LEU 162 149 149 LEU LEU A . n 
A 1 163 LEU 163 150 150 LEU LEU A . n 
A 1 164 PHE 164 151 151 PHE PHE A . n 
A 1 165 LEU 165 152 152 LEU LEU A . n 
A 1 166 GLU 166 153 153 GLU GLU A . n 
A 1 167 THR 167 154 154 THR THR A . n 
A 1 168 SER 168 155 155 SER SER A . n 
A 1 169 ALA 169 156 156 ALA ALA A . n 
A 1 170 LEU 170 157 157 LEU LEU A . n 
A 1 171 ASP 171 158 158 ASP ASP A . n 
A 1 172 SER 172 159 159 SER SER A . n 
A 1 173 THR 173 160 160 THR THR A . n 
A 1 174 ASN 174 161 161 ASN ASN A . n 
A 1 175 VAL 175 162 162 VAL VAL A . n 
A 1 176 GLU 176 163 163 GLU GLU A . n 
A 1 177 LEU 177 164 164 LEU LEU A . n 
A 1 178 ALA 178 165 165 ALA ALA A . n 
A 1 179 PHE 179 166 166 PHE PHE A . n 
A 1 180 GLU 180 167 167 GLU GLU A . n 
A 1 181 THR 181 168 168 THR THR A . n 
A 1 182 VAL 182 169 169 VAL VAL A . n 
A 1 183 LEU 183 170 170 LEU LEU A . n 
A 1 184 LYS 184 171 171 LYS LYS A . n 
A 1 185 GLU 185 172 172 GLU GLU A . n 
A 1 186 ILE 186 173 173 ILE ILE A . n 
A 1 187 PHE 187 174 174 PHE PHE A . n 
A 1 188 ALA 188 175 175 ALA ALA A . n 
A 1 189 LYS 189 176 176 LYS LYS A . n 
A 1 190 VAL 190 177 177 VAL VAL A . n 
A 1 191 SER 191 178 178 SER SER A . n 
A 1 192 LYS 192 179 179 LYS LYS A . n 
A 1 193 GLN 193 180 180 GLN GLN A . n 
# 
_pdbx_SG_project.id                    1 
_pdbx_SG_project.project_name          ? 
_pdbx_SG_project.full_name_of_center   'Structural Genomics Consortium' 
_pdbx_SG_project.initial_of_center     SGC 
# 
loop_
_pdbx_nonpoly_scheme.asym_id 
_pdbx_nonpoly_scheme.entity_id 
_pdbx_nonpoly_scheme.mon_id 
_pdbx_nonpoly_scheme.ndb_seq_num 
_pdbx_nonpoly_scheme.pdb_seq_num 
_pdbx_nonpoly_scheme.auth_seq_num 
_pdbx_nonpoly_scheme.pdb_mon_id 
_pdbx_nonpoly_scheme.auth_mon_id 
_pdbx_nonpoly_scheme.pdb_strand_id 
_pdbx_nonpoly_scheme.pdb_ins_code 
B 2 MG  1  301  301  MG  MG  A . 
C 3 GDP 1  201  201  GDP GDP A . 
D 4 UNX 1  1001 1001 UNX UNX A . 
E 5 HOH 1  401  401  HOH HOH A . 
E 5 HOH 2  402  402  HOH HOH A . 
E 5 HOH 3  403  403  HOH HOH A . 
E 5 HOH 4  404  404  HOH HOH A . 
E 5 HOH 5  405  405  HOH HOH A . 
E 5 HOH 6  406  406  HOH HOH A . 
E 5 HOH 7  407  407  HOH HOH A . 
E 5 HOH 8  408  408  HOH HOH A . 
E 5 HOH 9  409  409  HOH HOH A . 
E 5 HOH 10 410  410  HOH HOH A . 
E 5 HOH 11 411  411  HOH HOH A . 
E 5 HOH 12 412  412  HOH HOH A . 
E 5 HOH 13 413  413  HOH HOH A . 
E 5 HOH 14 414  414  HOH HOH A . 
E 5 HOH 15 415  415  HOH HOH A . 
E 5 HOH 16 416  416  HOH HOH A . 
E 5 HOH 17 417  417  HOH HOH A . 
E 5 HOH 18 418  418  HOH HOH A . 
# 
_pdbx_struct_assembly.id                   1 
_pdbx_struct_assembly.details              author_defined_assembly 
_pdbx_struct_assembly.method_details       ? 
_pdbx_struct_assembly.oligomeric_details   monomeric 
_pdbx_struct_assembly.oligomeric_count     1 
# 
_pdbx_struct_assembly_gen.assembly_id       1 
_pdbx_struct_assembly_gen.oper_expression   1 
_pdbx_struct_assembly_gen.asym_id_list      A,B,C,D,E 
# 
_pdbx_struct_oper_list.id                   1 
_pdbx_struct_oper_list.type                 'identity operation' 
_pdbx_struct_oper_list.name                 1_555 
_pdbx_struct_oper_list.symmetry_operation   x,y,z 
_pdbx_struct_oper_list.matrix[1][1]         1.0000000000 
_pdbx_struct_oper_list.matrix[1][2]         0.0000000000 
_pdbx_struct_oper_list.matrix[1][3]         0.0000000000 
_pdbx_struct_oper_list.vector[1]            0.0000000000 
_pdbx_struct_oper_list.matrix[2][1]         0.0000000000 
_pdbx_struct_oper_list.matrix[2][2]         1.0000000000 
_pdbx_struct_oper_list.matrix[2][3]         0.0000000000 
_pdbx_struct_oper_list.vector[2]            0.0000000000 
_pdbx_struct_oper_list.matrix[3][1]         0.0000000000 
_pdbx_struct_oper_list.matrix[3][2]         0.0000000000 
_pdbx_struct_oper_list.matrix[3][3]         1.0000000000 
_pdbx_struct_oper_list.vector[3]            0.0000000000 
# 
loop_
_pdbx_struct_conn_angle.id 
_pdbx_struct_conn_angle.ptnr1_label_atom_id 
_pdbx_struct_conn_angle.ptnr1_label_alt_id 
_pdbx_struct_conn_angle.ptnr1_label_asym_id 
_pdbx_struct_conn_angle.ptnr1_label_comp_id 
_pdbx_struct_conn_angle.ptnr1_label_seq_id 
_pdbx_struct_conn_angle.ptnr1_auth_atom_id 
_pdbx_struct_conn_angle.ptnr1_auth_asym_id 
_pdbx_struct_conn_angle.ptnr1_auth_comp_id 
_pdbx_struct_conn_angle.ptnr1_auth_seq_id 
_pdbx_struct_conn_angle.ptnr1_PDB_ins_code 
_pdbx_struct_conn_angle.ptnr1_symmetry 
_pdbx_struct_conn_angle.ptnr2_label_atom_id 
_pdbx_struct_conn_angle.ptnr2_label_alt_id 
_pdbx_struct_conn_angle.ptnr2_label_asym_id 
_pdbx_struct_conn_angle.ptnr2_label_comp_id 
_pdbx_struct_conn_angle.ptnr2_label_seq_id 
_pdbx_struct_conn_angle.ptnr2_auth_atom_id 
_pdbx_struct_conn_angle.ptnr2_auth_asym_id 
_pdbx_struct_conn_angle.ptnr2_auth_comp_id 
_pdbx_struct_conn_angle.ptnr2_auth_seq_id 
_pdbx_struct_conn_angle.ptnr2_PDB_ins_code 
_pdbx_struct_conn_angle.ptnr2_symmetry 
_pdbx_struct_conn_angle.ptnr3_label_atom_id 
_pdbx_struct_conn_angle.ptnr3_label_alt_id 
_pdbx_struct_conn_angle.ptnr3_label_asym_id 
_pdbx_struct_conn_angle.ptnr3_label_comp_id 
_pdbx_struct_conn_angle.ptnr3_label_seq_id 
_pdbx_struct_conn_angle.ptnr3_auth_atom_id 
_pdbx_struct_conn_angle.ptnr3_auth_asym_id 
_pdbx_struct_conn_angle.ptnr3_auth_comp_id 
_pdbx_struct_conn_angle.ptnr3_auth_seq_id 
_pdbx_struct_conn_angle.ptnr3_PDB_ins_code 
_pdbx_struct_conn_angle.ptnr3_symmetry 
_pdbx_struct_conn_angle.value 
_pdbx_struct_conn_angle.value_esd 
1  OG1 ? A THR 39 ? A THR 26  ? 1_555 MG ? B MG . ? A MG 301 ? 1_555 O3B ? C GDP . ? A GDP 201 ? 1_555 90.4  ? 
2  OG1 ? A THR 39 ? A THR 26  ? 1_555 MG ? B MG . ? A MG 301 ? 1_555 O   ? E HOH . ? A HOH 401 ? 1_555 92.2  ? 
3  O3B ? C GDP .  ? A GDP 201 ? 1_555 MG ? B MG . ? A MG 301 ? 1_555 O   ? E HOH . ? A HOH 401 ? 1_555 93.4  ? 
4  OG1 ? A THR 39 ? A THR 26  ? 1_555 MG ? B MG . ? A MG 301 ? 1_555 O   ? E HOH . ? A HOH 405 ? 1_555 87.5  ? 
5  O3B ? C GDP .  ? A GDP 201 ? 1_555 MG ? B MG . ? A MG 301 ? 1_555 O   ? E HOH . ? A HOH 405 ? 1_555 92.7  ? 
6  O   ? E HOH .  ? A HOH 401 ? 1_555 MG ? B MG . ? A MG 301 ? 1_555 O   ? E HOH . ? A HOH 405 ? 1_555 173.9 ? 
7  OG1 ? A THR 39 ? A THR 26  ? 1_555 MG ? B MG . ? A MG 301 ? 1_555 O   ? E HOH . ? A HOH 406 ? 1_555 93.3  ? 
8  O3B ? C GDP .  ? A GDP 201 ? 1_555 MG ? B MG . ? A MG 301 ? 1_555 O   ? E HOH . ? A HOH 406 ? 1_555 176.1 ? 
9  O   ? E HOH .  ? A HOH 401 ? 1_555 MG ? B MG . ? A MG 301 ? 1_555 O   ? E HOH . ? A HOH 406 ? 1_555 87.6  ? 
10 O   ? E HOH .  ? A HOH 405 ? 1_555 MG ? B MG . ? A MG 301 ? 1_555 O   ? E HOH . ? A HOH 406 ? 1_555 86.4  ? 
11 OG1 ? A THR 39 ? A THR 26  ? 1_555 MG ? B MG . ? A MG 301 ? 1_555 O   ? E HOH . ? A HOH 410 ? 1_555 175.6 ? 
12 O3B ? C GDP .  ? A GDP 201 ? 1_555 MG ? B MG . ? A MG 301 ? 1_555 O   ? E HOH . ? A HOH 410 ? 1_555 85.2  ? 
13 O   ? E HOH .  ? A HOH 401 ? 1_555 MG ? B MG . ? A MG 301 ? 1_555 O   ? E HOH . ? A HOH 410 ? 1_555 88.9  ? 
14 O   ? E HOH .  ? A HOH 405 ? 1_555 MG ? B MG . ? A MG 301 ? 1_555 O   ? E HOH . ? A HOH 410 ? 1_555 91.9  ? 
15 O   ? E HOH .  ? A HOH 406 ? 1_555 MG ? B MG . ? A MG 301 ? 1_555 O   ? E HOH . ? A HOH 410 ? 1_555 91.1  ? 
# 
loop_
_pdbx_audit_revision_history.ordinal 
_pdbx_audit_revision_history.data_content_type 
_pdbx_audit_revision_history.major_revision 
_pdbx_audit_revision_history.minor_revision 
_pdbx_audit_revision_history.revision_date 
1 'Structure model' 1 0 2007-01-23 
2 'Structure model' 1 1 2008-05-01 
3 'Structure model' 1 2 2011-07-13 
4 'Structure model' 1 3 2017-10-18 
5 'Structure model' 1 4 2023-08-30 
# 
_pdbx_audit_revision_details.ordinal             1 
_pdbx_audit_revision_details.revision_ordinal    1 
_pdbx_audit_revision_details.data_content_type   'Structure model' 
_pdbx_audit_revision_details.provider            repository 
_pdbx_audit_revision_details.type                'Initial release' 
_pdbx_audit_revision_details.description         ? 
_pdbx_audit_revision_details.details             ? 
# 
loop_
_pdbx_audit_revision_group.ordinal 
_pdbx_audit_revision_group.revision_ordinal 
_pdbx_audit_revision_group.data_content_type 
_pdbx_audit_revision_group.group 
1 2 'Structure model' 'Version format compliance' 
2 3 'Structure model' 'Version format compliance' 
3 4 'Structure model' 'Refinement description'    
4 5 'Structure model' 'Data collection'           
5 5 'Structure model' 'Database references'       
6 5 'Structure model' 'Derived calculations'      
7 5 'Structure model' 'Refinement description'    
# 
loop_
_pdbx_audit_revision_category.ordinal 
_pdbx_audit_revision_category.revision_ordinal 
_pdbx_audit_revision_category.data_content_type 
_pdbx_audit_revision_category.category 
1 4 'Structure model' software                      
2 5 'Structure model' chem_comp_atom                
3 5 'Structure model' chem_comp_bond                
4 5 'Structure model' database_2                    
5 5 'Structure model' pdbx_initial_refinement_model 
6 5 'Structure model' pdbx_struct_conn_angle        
7 5 'Structure model' struct_conn                   
8 5 'Structure model' struct_ref_seq_dif            
# 
loop_
_pdbx_audit_revision_item.ordinal 
_pdbx_audit_revision_item.revision_ordinal 
_pdbx_audit_revision_item.data_content_type 
_pdbx_audit_revision_item.item 
1  4 'Structure model' '_software.classification'                  
2  4 'Structure model' '_software.contact_author'                  
3  4 'Structure model' '_software.contact_author_email'            
4  4 'Structure model' '_software.date'                            
5  4 'Structure model' '_software.language'                        
6  4 'Structure model' '_software.location'                        
7  4 'Structure model' '_software.name'                            
8  4 'Structure model' '_software.type'                            
9  4 'Structure model' '_software.version'                         
10 5 'Structure model' '_database_2.pdbx_DOI'                      
11 5 'Structure model' '_database_2.pdbx_database_accession'       
12 5 'Structure model' '_pdbx_struct_conn_angle.ptnr1_auth_seq_id' 
13 5 'Structure model' '_pdbx_struct_conn_angle.ptnr3_auth_seq_id' 
14 5 'Structure model' '_pdbx_struct_conn_angle.value'             
15 5 'Structure model' '_struct_conn.pdbx_dist_value'              
16 5 'Structure model' '_struct_conn.ptnr1_auth_comp_id'           
17 5 'Structure model' '_struct_conn.ptnr1_auth_seq_id'            
18 5 'Structure model' '_struct_conn.ptnr1_label_asym_id'          
19 5 'Structure model' '_struct_conn.ptnr1_label_atom_id'          
20 5 'Structure model' '_struct_conn.ptnr1_label_comp_id'          
21 5 'Structure model' '_struct_conn.ptnr2_auth_comp_id'           
22 5 'Structure model' '_struct_conn.ptnr2_auth_seq_id'            
23 5 'Structure model' '_struct_conn.ptnr2_label_asym_id'          
24 5 'Structure model' '_struct_conn.ptnr2_label_atom_id'          
25 5 'Structure model' '_struct_conn.ptnr2_label_comp_id'          
26 5 'Structure model' '_struct_ref_seq_dif.details'               
# 
_pdbx_phasing_MR.entry_id                     2OIL 
_pdbx_phasing_MR.method_rotation              ? 
_pdbx_phasing_MR.method_translation           ? 
_pdbx_phasing_MR.model_details                ? 
_pdbx_phasing_MR.R_factor                     ? 
_pdbx_phasing_MR.R_rigid_body                 ? 
_pdbx_phasing_MR.correlation_coeff_Fo_to_Fc   ? 
_pdbx_phasing_MR.correlation_coeff_Io_to_Ic   ? 
_pdbx_phasing_MR.d_res_high_rotation          2.500 
_pdbx_phasing_MR.d_res_low_rotation           28.540 
_pdbx_phasing_MR.d_res_high_translation       2.500 
_pdbx_phasing_MR.d_res_low_translation        28.540 
_pdbx_phasing_MR.packing                      ? 
_pdbx_phasing_MR.reflns_percent_rotation      ? 
_pdbx_phasing_MR.reflns_percent_translation   ? 
_pdbx_phasing_MR.sigma_F_rotation             ? 
_pdbx_phasing_MR.sigma_F_translation          ? 
_pdbx_phasing_MR.sigma_I_rotation             ? 
_pdbx_phasing_MR.sigma_I_translation          ? 
# 
_phasing.method   mr 
# 
loop_
_software.name 
_software.version 
_software.date 
_software.type 
_software.contact_author 
_software.contact_author_email 
_software.classification 
_software.location 
_software.language 
_software.citation_id 
_software.pdbx_ordinal 
PHASER      .               ?              ?       'R. J. Read'         cimr-phaser@lists.cam.ac.uk phasing           
http://www-structmed.cimr.cam.ac.uk/phaser/      ?       ? 1 
DENZO       .               ?              package 'Zbyszek Otwinowski' zbyszek@mix.swmed.edu       'data reduction'  
http://www.lnls.br/infra/linhasluz/denzo-hkl.htm ?       ? 2 
SCALEPACK   .               ?              package 'Zbyszek Otwinowski' zbyszek@mix.swmed.edu       'data scaling'    
http://www.lnls.br/infra/linhasluz/denzo-hkl.htm ?       ? 3 
REFMAC      refmac_5.2.0019 24/04/2001     program 'Murshudov, G.N.'    ccp4@dl.ac.uk               refinement        
http://www.ccp4.ac.uk/main.html                  Fortran ? 4 
PDB_EXTRACT 1.701           'Nov. 1, 2005' package PDB                  sw-help@rcsb.rutgers.edu    'data extraction' 
http://pdb.rutgers.edu/software/                 C++     ? 5 
# 
_pdbx_database_remark.id     300 
_pdbx_database_remark.text   
;BIOMOLECULE: 1
THIS ENTRY CONTAINS THE CRYSTALLOGRAPHIC ASYMMETRIC UNIT
WHICH CONSISTS OF 1 CHAIN(S). AUTHORS STATE THAT THE
BIOLOGICAL MOLECULE IS UNKNOWN.
;
# 
loop_
_pdbx_validate_torsion.id 
_pdbx_validate_torsion.PDB_model_num 
_pdbx_validate_torsion.auth_comp_id 
_pdbx_validate_torsion.auth_asym_id 
_pdbx_validate_torsion.auth_seq_id 
_pdbx_validate_torsion.PDB_ins_code 
_pdbx_validate_torsion.label_alt_id 
_pdbx_validate_torsion.phi 
_pdbx_validate_torsion.psi 
1 1 GLU A 72  ? ? -176.08 106.53 
2 1 ARG A 73  ? ? -36.47  -32.06 
3 1 LYS A 126 ? ? 77.51   38.67  
4 1 SER A 159 ? ? 72.60   -11.58 
# 
loop_
_pdbx_unobs_or_zero_occ_atoms.id 
_pdbx_unobs_or_zero_occ_atoms.PDB_model_num 
_pdbx_unobs_or_zero_occ_atoms.polymer_flag 
_pdbx_unobs_or_zero_occ_atoms.occupancy_flag 
_pdbx_unobs_or_zero_occ_atoms.auth_asym_id 
_pdbx_unobs_or_zero_occ_atoms.auth_comp_id 
_pdbx_unobs_or_zero_occ_atoms.auth_seq_id 
_pdbx_unobs_or_zero_occ_atoms.PDB_ins_code 
_pdbx_unobs_or_zero_occ_atoms.auth_atom_id 
_pdbx_unobs_or_zero_occ_atoms.label_alt_id 
_pdbx_unobs_or_zero_occ_atoms.label_asym_id 
_pdbx_unobs_or_zero_occ_atoms.label_comp_id 
_pdbx_unobs_or_zero_occ_atoms.label_seq_id 
_pdbx_unobs_or_zero_occ_atoms.label_atom_id 
1  1 Y 1 A GLU 7   ? CG  ? A GLU 20  CG  
2  1 Y 1 A GLU 7   ? CD  ? A GLU 20  CD  
3  1 Y 1 A GLU 7   ? OE1 ? A GLU 20  OE1 
4  1 Y 1 A GLU 7   ? OE2 ? A GLU 20  OE2 
5  1 Y 1 A ARG 42  ? CG  ? A ARG 55  CG  
6  1 Y 1 A ARG 42  ? CD  ? A ARG 55  CD  
7  1 Y 1 A ARG 42  ? NE  ? A ARG 55  NE  
8  1 Y 1 A ARG 42  ? CZ  ? A ARG 55  CZ  
9  1 Y 1 A ARG 42  ? NH1 ? A ARG 55  NH1 
10 1 Y 1 A ARG 42  ? NH2 ? A ARG 55  NH2 
11 1 Y 1 A LEU 71  ? CG  ? A LEU 84  CG  
12 1 Y 1 A LEU 71  ? CD1 ? A LEU 84  CD1 
13 1 Y 1 A LEU 71  ? CD2 ? A LEU 84  CD2 
14 1 Y 1 A GLN 98  ? CD  ? A GLN 111 CD  
15 1 Y 1 A GLN 98  ? OE1 ? A GLN 111 OE1 
16 1 Y 1 A GLN 98  ? NE2 ? A GLN 111 NE2 
17 1 Y 1 A ARG 105 ? NE  ? A ARG 118 NE  
18 1 Y 1 A ARG 105 ? CZ  ? A ARG 118 CZ  
19 1 Y 1 A ARG 105 ? NH1 ? A ARG 118 NH1 
20 1 Y 1 A ARG 105 ? NH2 ? A ARG 118 NH2 
21 1 Y 1 A LYS 108 ? CG  ? A LYS 121 CG  
22 1 Y 1 A LYS 108 ? CD  ? A LYS 121 CD  
23 1 Y 1 A LYS 108 ? CE  ? A LYS 121 CE  
24 1 Y 1 A LYS 108 ? NZ  ? A LYS 121 NZ  
25 1 Y 1 A GLU 109 ? CD  ? A GLU 122 CD  
26 1 Y 1 A GLU 109 ? OE1 ? A GLU 122 OE1 
27 1 Y 1 A GLU 109 ? OE2 ? A GLU 122 OE2 
28 1 Y 1 A GLN 131 ? CD  ? A GLN 144 CD  
29 1 Y 1 A GLN 131 ? OE1 ? A GLN 144 OE1 
30 1 Y 1 A GLN 131 ? NE2 ? A GLN 144 NE2 
31 1 Y 1 A GLU 138 ? CG  ? A GLU 151 CG  
32 1 Y 1 A GLU 138 ? CD  ? A GLU 151 CD  
33 1 Y 1 A GLU 138 ? OE1 ? A GLU 151 OE1 
34 1 Y 1 A GLU 138 ? OE2 ? A GLU 151 OE2 
35 1 Y 1 A ARG 141 ? NE  ? A ARG 154 NE  
36 1 Y 1 A ARG 141 ? CZ  ? A ARG 154 CZ  
37 1 Y 1 A ARG 141 ? NH1 ? A ARG 154 NH1 
38 1 Y 1 A ARG 141 ? NH2 ? A ARG 154 NH2 
39 1 Y 1 A LYS 171 ? CE  ? A LYS 184 CE  
40 1 Y 1 A LYS 171 ? NZ  ? A LYS 184 NZ  
# 
loop_
_pdbx_unobs_or_zero_occ_residues.id 
_pdbx_unobs_or_zero_occ_residues.PDB_model_num 
_pdbx_unobs_or_zero_occ_residues.polymer_flag 
_pdbx_unobs_or_zero_occ_residues.occupancy_flag 
_pdbx_unobs_or_zero_occ_residues.auth_asym_id 
_pdbx_unobs_or_zero_occ_residues.auth_comp_id 
_pdbx_unobs_or_zero_occ_residues.auth_seq_id 
_pdbx_unobs_or_zero_occ_residues.PDB_ins_code 
_pdbx_unobs_or_zero_occ_residues.label_asym_id 
_pdbx_unobs_or_zero_occ_residues.label_comp_id 
_pdbx_unobs_or_zero_occ_residues.label_seq_id 
1  1 Y 1 A MET -12 ? A MET 1  
2  1 Y 1 A GLY -11 ? A GLY 2  
3  1 Y 1 A SER -10 ? A SER 3  
4  1 Y 1 A SER -9  ? A SER 4  
5  1 Y 1 A HIS -8  ? A HIS 5  
6  1 Y 1 A HIS -7  ? A HIS 6  
7  1 Y 1 A HIS -6  ? A HIS 7  
8  1 Y 1 A HIS -5  ? A HIS 8  
9  1 Y 1 A HIS -4  ? A HIS 9  
10 1 Y 1 A HIS -3  ? A HIS 10 
11 1 Y 1 A SER -2  ? A SER 11 
12 1 Y 1 A SER -1  ? A SER 12 
13 1 Y 1 A GLY 0   ? A GLY 13 
14 1 Y 1 A LEU 1   ? A LEU 14 
15 1 Y 1 A VAL 2   ? A VAL 15 
16 1 Y 1 A PRO 3   ? A PRO 16 
17 1 Y 1 A ARG 4   ? A ARG 17 
18 1 Y 1 A GLY 5   ? A GLY 18 
19 1 Y 1 A SER 6   ? A SER 19 
# 
loop_
_chem_comp_atom.comp_id 
_chem_comp_atom.atom_id 
_chem_comp_atom.type_symbol 
_chem_comp_atom.pdbx_aromatic_flag 
_chem_comp_atom.pdbx_stereo_config 
_chem_comp_atom.pdbx_ordinal 
ALA N      N  N N 1   
ALA CA     C  N S 2   
ALA C      C  N N 3   
ALA O      O  N N 4   
ALA CB     C  N N 5   
ALA OXT    O  N N 6   
ALA H      H  N N 7   
ALA H2     H  N N 8   
ALA HA     H  N N 9   
ALA HB1    H  N N 10  
ALA HB2    H  N N 11  
ALA HB3    H  N N 12  
ALA HXT    H  N N 13  
ARG N      N  N N 14  
ARG CA     C  N S 15  
ARG C      C  N N 16  
ARG O      O  N N 17  
ARG CB     C  N N 18  
ARG CG     C  N N 19  
ARG CD     C  N N 20  
ARG NE     N  N N 21  
ARG CZ     C  N N 22  
ARG NH1    N  N N 23  
ARG NH2    N  N N 24  
ARG OXT    O  N N 25  
ARG H      H  N N 26  
ARG H2     H  N N 27  
ARG HA     H  N N 28  
ARG HB2    H  N N 29  
ARG HB3    H  N N 30  
ARG HG2    H  N N 31  
ARG HG3    H  N N 32  
ARG HD2    H  N N 33  
ARG HD3    H  N N 34  
ARG HE     H  N N 35  
ARG HH11   H  N N 36  
ARG HH12   H  N N 37  
ARG HH21   H  N N 38  
ARG HH22   H  N N 39  
ARG HXT    H  N N 40  
ASN N      N  N N 41  
ASN CA     C  N S 42  
ASN C      C  N N 43  
ASN O      O  N N 44  
ASN CB     C  N N 45  
ASN CG     C  N N 46  
ASN OD1    O  N N 47  
ASN ND2    N  N N 48  
ASN OXT    O  N N 49  
ASN H      H  N N 50  
ASN H2     H  N N 51  
ASN HA     H  N N 52  
ASN HB2    H  N N 53  
ASN HB3    H  N N 54  
ASN HD21   H  N N 55  
ASN HD22   H  N N 56  
ASN HXT    H  N N 57  
ASP N      N  N N 58  
ASP CA     C  N S 59  
ASP C      C  N N 60  
ASP O      O  N N 61  
ASP CB     C  N N 62  
ASP CG     C  N N 63  
ASP OD1    O  N N 64  
ASP OD2    O  N N 65  
ASP OXT    O  N N 66  
ASP H      H  N N 67  
ASP H2     H  N N 68  
ASP HA     H  N N 69  
ASP HB2    H  N N 70  
ASP HB3    H  N N 71  
ASP HD2    H  N N 72  
ASP HXT    H  N N 73  
GDP PB     P  N N 74  
GDP O1B    O  N N 75  
GDP O2B    O  N N 76  
GDP O3B    O  N N 77  
GDP O3A    O  N N 78  
GDP PA     P  N N 79  
GDP O1A    O  N N 80  
GDP O2A    O  N N 81  
GDP "O5'"  O  N N 82  
GDP "C5'"  C  N N 83  
GDP "C4'"  C  N R 84  
GDP "O4'"  O  N N 85  
GDP "C3'"  C  N S 86  
GDP "O3'"  O  N N 87  
GDP "C2'"  C  N R 88  
GDP "O2'"  O  N N 89  
GDP "C1'"  C  N R 90  
GDP N9     N  Y N 91  
GDP C8     C  Y N 92  
GDP N7     N  Y N 93  
GDP C5     C  Y N 94  
GDP C6     C  N N 95  
GDP O6     O  N N 96  
GDP N1     N  N N 97  
GDP C2     C  N N 98  
GDP N2     N  N N 99  
GDP N3     N  N N 100 
GDP C4     C  Y N 101 
GDP HOB2   H  N N 102 
GDP HOB3   H  N N 103 
GDP HOA2   H  N N 104 
GDP "H5'"  H  N N 105 
GDP "H5''" H  N N 106 
GDP "H4'"  H  N N 107 
GDP "H3'"  H  N N 108 
GDP "HO3'" H  N N 109 
GDP "H2'"  H  N N 110 
GDP "HO2'" H  N N 111 
GDP "H1'"  H  N N 112 
GDP H8     H  N N 113 
GDP HN1    H  N N 114 
GDP HN21   H  N N 115 
GDP HN22   H  N N 116 
GLN N      N  N N 117 
GLN CA     C  N S 118 
GLN C      C  N N 119 
GLN O      O  N N 120 
GLN CB     C  N N 121 
GLN CG     C  N N 122 
GLN CD     C  N N 123 
GLN OE1    O  N N 124 
GLN NE2    N  N N 125 
GLN OXT    O  N N 126 
GLN H      H  N N 127 
GLN H2     H  N N 128 
GLN HA     H  N N 129 
GLN HB2    H  N N 130 
GLN HB3    H  N N 131 
GLN HG2    H  N N 132 
GLN HG3    H  N N 133 
GLN HE21   H  N N 134 
GLN HE22   H  N N 135 
GLN HXT    H  N N 136 
GLU N      N  N N 137 
GLU CA     C  N S 138 
GLU C      C  N N 139 
GLU O      O  N N 140 
GLU CB     C  N N 141 
GLU CG     C  N N 142 
GLU CD     C  N N 143 
GLU OE1    O  N N 144 
GLU OE2    O  N N 145 
GLU OXT    O  N N 146 
GLU H      H  N N 147 
GLU H2     H  N N 148 
GLU HA     H  N N 149 
GLU HB2    H  N N 150 
GLU HB3    H  N N 151 
GLU HG2    H  N N 152 
GLU HG3    H  N N 153 
GLU HE2    H  N N 154 
GLU HXT    H  N N 155 
GLY N      N  N N 156 
GLY CA     C  N N 157 
GLY C      C  N N 158 
GLY O      O  N N 159 
GLY OXT    O  N N 160 
GLY H      H  N N 161 
GLY H2     H  N N 162 
GLY HA2    H  N N 163 
GLY HA3    H  N N 164 
GLY HXT    H  N N 165 
HIS N      N  N N 166 
HIS CA     C  N S 167 
HIS C      C  N N 168 
HIS O      O  N N 169 
HIS CB     C  N N 170 
HIS CG     C  Y N 171 
HIS ND1    N  Y N 172 
HIS CD2    C  Y N 173 
HIS CE1    C  Y N 174 
HIS NE2    N  Y N 175 
HIS OXT    O  N N 176 
HIS H      H  N N 177 
HIS H2     H  N N 178 
HIS HA     H  N N 179 
HIS HB2    H  N N 180 
HIS HB3    H  N N 181 
HIS HD1    H  N N 182 
HIS HD2    H  N N 183 
HIS HE1    H  N N 184 
HIS HE2    H  N N 185 
HIS HXT    H  N N 186 
HOH O      O  N N 187 
HOH H1     H  N N 188 
HOH H2     H  N N 189 
ILE N      N  N N 190 
ILE CA     C  N S 191 
ILE C      C  N N 192 
ILE O      O  N N 193 
ILE CB     C  N S 194 
ILE CG1    C  N N 195 
ILE CG2    C  N N 196 
ILE CD1    C  N N 197 
ILE OXT    O  N N 198 
ILE H      H  N N 199 
ILE H2     H  N N 200 
ILE HA     H  N N 201 
ILE HB     H  N N 202 
ILE HG12   H  N N 203 
ILE HG13   H  N N 204 
ILE HG21   H  N N 205 
ILE HG22   H  N N 206 
ILE HG23   H  N N 207 
ILE HD11   H  N N 208 
ILE HD12   H  N N 209 
ILE HD13   H  N N 210 
ILE HXT    H  N N 211 
LEU N      N  N N 212 
LEU CA     C  N S 213 
LEU C      C  N N 214 
LEU O      O  N N 215 
LEU CB     C  N N 216 
LEU CG     C  N N 217 
LEU CD1    C  N N 218 
LEU CD2    C  N N 219 
LEU OXT    O  N N 220 
LEU H      H  N N 221 
LEU H2     H  N N 222 
LEU HA     H  N N 223 
LEU HB2    H  N N 224 
LEU HB3    H  N N 225 
LEU HG     H  N N 226 
LEU HD11   H  N N 227 
LEU HD12   H  N N 228 
LEU HD13   H  N N 229 
LEU HD21   H  N N 230 
LEU HD22   H  N N 231 
LEU HD23   H  N N 232 
LEU HXT    H  N N 233 
LYS N      N  N N 234 
LYS CA     C  N S 235 
LYS C      C  N N 236 
LYS O      O  N N 237 
LYS CB     C  N N 238 
LYS CG     C  N N 239 
LYS CD     C  N N 240 
LYS CE     C  N N 241 
LYS NZ     N  N N 242 
LYS OXT    O  N N 243 
LYS H      H  N N 244 
LYS H2     H  N N 245 
LYS HA     H  N N 246 
LYS HB2    H  N N 247 
LYS HB3    H  N N 248 
LYS HG2    H  N N 249 
LYS HG3    H  N N 250 
LYS HD2    H  N N 251 
LYS HD3    H  N N 252 
LYS HE2    H  N N 253 
LYS HE3    H  N N 254 
LYS HZ1    H  N N 255 
LYS HZ2    H  N N 256 
LYS HZ3    H  N N 257 
LYS HXT    H  N N 258 
MET N      N  N N 259 
MET CA     C  N S 260 
MET C      C  N N 261 
MET O      O  N N 262 
MET CB     C  N N 263 
MET CG     C  N N 264 
MET SD     S  N N 265 
MET CE     C  N N 266 
MET OXT    O  N N 267 
MET H      H  N N 268 
MET H2     H  N N 269 
MET HA     H  N N 270 
MET HB2    H  N N 271 
MET HB3    H  N N 272 
MET HG2    H  N N 273 
MET HG3    H  N N 274 
MET HE1    H  N N 275 
MET HE2    H  N N 276 
MET HE3    H  N N 277 
MET HXT    H  N N 278 
MG  MG     MG N N 279 
PHE N      N  N N 280 
PHE CA     C  N S 281 
PHE C      C  N N 282 
PHE O      O  N N 283 
PHE CB     C  N N 284 
PHE CG     C  Y N 285 
PHE CD1    C  Y N 286 
PHE CD2    C  Y N 287 
PHE CE1    C  Y N 288 
PHE CE2    C  Y N 289 
PHE CZ     C  Y N 290 
PHE OXT    O  N N 291 
PHE H      H  N N 292 
PHE H2     H  N N 293 
PHE HA     H  N N 294 
PHE HB2    H  N N 295 
PHE HB3    H  N N 296 
PHE HD1    H  N N 297 
PHE HD2    H  N N 298 
PHE HE1    H  N N 299 
PHE HE2    H  N N 300 
PHE HZ     H  N N 301 
PHE HXT    H  N N 302 
PRO N      N  N N 303 
PRO CA     C  N S 304 
PRO C      C  N N 305 
PRO O      O  N N 306 
PRO CB     C  N N 307 
PRO CG     C  N N 308 
PRO CD     C  N N 309 
PRO OXT    O  N N 310 
PRO H      H  N N 311 
PRO HA     H  N N 312 
PRO HB2    H  N N 313 
PRO HB3    H  N N 314 
PRO HG2    H  N N 315 
PRO HG3    H  N N 316 
PRO HD2    H  N N 317 
PRO HD3    H  N N 318 
PRO HXT    H  N N 319 
SER N      N  N N 320 
SER CA     C  N S 321 
SER C      C  N N 322 
SER O      O  N N 323 
SER CB     C  N N 324 
SER OG     O  N N 325 
SER OXT    O  N N 326 
SER H      H  N N 327 
SER H2     H  N N 328 
SER HA     H  N N 329 
SER HB2    H  N N 330 
SER HB3    H  N N 331 
SER HG     H  N N 332 
SER HXT    H  N N 333 
THR N      N  N N 334 
THR CA     C  N S 335 
THR C      C  N N 336 
THR O      O  N N 337 
THR CB     C  N R 338 
THR OG1    O  N N 339 
THR CG2    C  N N 340 
THR OXT    O  N N 341 
THR H      H  N N 342 
THR H2     H  N N 343 
THR HA     H  N N 344 
THR HB     H  N N 345 
THR HG1    H  N N 346 
THR HG21   H  N N 347 
THR HG22   H  N N 348 
THR HG23   H  N N 349 
THR HXT    H  N N 350 
TRP N      N  N N 351 
TRP CA     C  N S 352 
TRP C      C  N N 353 
TRP O      O  N N 354 
TRP CB     C  N N 355 
TRP CG     C  Y N 356 
TRP CD1    C  Y N 357 
TRP CD2    C  Y N 358 
TRP NE1    N  Y N 359 
TRP CE2    C  Y N 360 
TRP CE3    C  Y N 361 
TRP CZ2    C  Y N 362 
TRP CZ3    C  Y N 363 
TRP CH2    C  Y N 364 
TRP OXT    O  N N 365 
TRP H      H  N N 366 
TRP H2     H  N N 367 
TRP HA     H  N N 368 
TRP HB2    H  N N 369 
TRP HB3    H  N N 370 
TRP HD1    H  N N 371 
TRP HE1    H  N N 372 
TRP HE3    H  N N 373 
TRP HZ2    H  N N 374 
TRP HZ3    H  N N 375 
TRP HH2    H  N N 376 
TRP HXT    H  N N 377 
TYR N      N  N N 378 
TYR CA     C  N S 379 
TYR C      C  N N 380 
TYR O      O  N N 381 
TYR CB     C  N N 382 
TYR CG     C  Y N 383 
TYR CD1    C  Y N 384 
TYR CD2    C  Y N 385 
TYR CE1    C  Y N 386 
TYR CE2    C  Y N 387 
TYR CZ     C  Y N 388 
TYR OH     O  N N 389 
TYR OXT    O  N N 390 
TYR H      H  N N 391 
TYR H2     H  N N 392 
TYR HA     H  N N 393 
TYR HB2    H  N N 394 
TYR HB3    H  N N 395 
TYR HD1    H  N N 396 
TYR HD2    H  N N 397 
TYR HE1    H  N N 398 
TYR HE2    H  N N 399 
TYR HH     H  N N 400 
TYR HXT    H  N N 401 
VAL N      N  N N 402 
VAL CA     C  N S 403 
VAL C      C  N N 404 
VAL O      O  N N 405 
VAL CB     C  N N 406 
VAL CG1    C  N N 407 
VAL CG2    C  N N 408 
VAL OXT    O  N N 409 
VAL H      H  N N 410 
VAL H2     H  N N 411 
VAL HA     H  N N 412 
VAL HB     H  N N 413 
VAL HG11   H  N N 414 
VAL HG12   H  N N 415 
VAL HG13   H  N N 416 
VAL HG21   H  N N 417 
VAL HG22   H  N N 418 
VAL HG23   H  N N 419 
VAL HXT    H  N N 420 
# 
loop_
_chem_comp_bond.comp_id 
_chem_comp_bond.atom_id_1 
_chem_comp_bond.atom_id_2 
_chem_comp_bond.value_order 
_chem_comp_bond.pdbx_aromatic_flag 
_chem_comp_bond.pdbx_stereo_config 
_chem_comp_bond.pdbx_ordinal 
ALA N     CA     sing N N 1   
ALA N     H      sing N N 2   
ALA N     H2     sing N N 3   
ALA CA    C      sing N N 4   
ALA CA    CB     sing N N 5   
ALA CA    HA     sing N N 6   
ALA C     O      doub N N 7   
ALA C     OXT    sing N N 8   
ALA CB    HB1    sing N N 9   
ALA CB    HB2    sing N N 10  
ALA CB    HB3    sing N N 11  
ALA OXT   HXT    sing N N 12  
ARG N     CA     sing N N 13  
ARG N     H      sing N N 14  
ARG N     H2     sing N N 15  
ARG CA    C      sing N N 16  
ARG CA    CB     sing N N 17  
ARG CA    HA     sing N N 18  
ARG C     O      doub N N 19  
ARG C     OXT    sing N N 20  
ARG CB    CG     sing N N 21  
ARG CB    HB2    sing N N 22  
ARG CB    HB3    sing N N 23  
ARG CG    CD     sing N N 24  
ARG CG    HG2    sing N N 25  
ARG CG    HG3    sing N N 26  
ARG CD    NE     sing N N 27  
ARG CD    HD2    sing N N 28  
ARG CD    HD3    sing N N 29  
ARG NE    CZ     sing N N 30  
ARG NE    HE     sing N N 31  
ARG CZ    NH1    sing N N 32  
ARG CZ    NH2    doub N N 33  
ARG NH1   HH11   sing N N 34  
ARG NH1   HH12   sing N N 35  
ARG NH2   HH21   sing N N 36  
ARG NH2   HH22   sing N N 37  
ARG OXT   HXT    sing N N 38  
ASN N     CA     sing N N 39  
ASN N     H      sing N N 40  
ASN N     H2     sing N N 41  
ASN CA    C      sing N N 42  
ASN CA    CB     sing N N 43  
ASN CA    HA     sing N N 44  
ASN C     O      doub N N 45  
ASN C     OXT    sing N N 46  
ASN CB    CG     sing N N 47  
ASN CB    HB2    sing N N 48  
ASN CB    HB3    sing N N 49  
ASN CG    OD1    doub N N 50  
ASN CG    ND2    sing N N 51  
ASN ND2   HD21   sing N N 52  
ASN ND2   HD22   sing N N 53  
ASN OXT   HXT    sing N N 54  
ASP N     CA     sing N N 55  
ASP N     H      sing N N 56  
ASP N     H2     sing N N 57  
ASP CA    C      sing N N 58  
ASP CA    CB     sing N N 59  
ASP CA    HA     sing N N 60  
ASP C     O      doub N N 61  
ASP C     OXT    sing N N 62  
ASP CB    CG     sing N N 63  
ASP CB    HB2    sing N N 64  
ASP CB    HB3    sing N N 65  
ASP CG    OD1    doub N N 66  
ASP CG    OD2    sing N N 67  
ASP OD2   HD2    sing N N 68  
ASP OXT   HXT    sing N N 69  
GDP PB    O1B    doub N N 70  
GDP PB    O2B    sing N N 71  
GDP PB    O3B    sing N N 72  
GDP PB    O3A    sing N N 73  
GDP O2B   HOB2   sing N N 74  
GDP O3B   HOB3   sing N N 75  
GDP O3A   PA     sing N N 76  
GDP PA    O1A    doub N N 77  
GDP PA    O2A    sing N N 78  
GDP PA    "O5'"  sing N N 79  
GDP O2A   HOA2   sing N N 80  
GDP "O5'" "C5'"  sing N N 81  
GDP "C5'" "C4'"  sing N N 82  
GDP "C5'" "H5'"  sing N N 83  
GDP "C5'" "H5''" sing N N 84  
GDP "C4'" "O4'"  sing N N 85  
GDP "C4'" "C3'"  sing N N 86  
GDP "C4'" "H4'"  sing N N 87  
GDP "O4'" "C1'"  sing N N 88  
GDP "C3'" "O3'"  sing N N 89  
GDP "C3'" "C2'"  sing N N 90  
GDP "C3'" "H3'"  sing N N 91  
GDP "O3'" "HO3'" sing N N 92  
GDP "C2'" "O2'"  sing N N 93  
GDP "C2'" "C1'"  sing N N 94  
GDP "C2'" "H2'"  sing N N 95  
GDP "O2'" "HO2'" sing N N 96  
GDP "C1'" N9     sing N N 97  
GDP "C1'" "H1'"  sing N N 98  
GDP N9    C8     sing Y N 99  
GDP N9    C4     sing Y N 100 
GDP C8    N7     doub Y N 101 
GDP C8    H8     sing N N 102 
GDP N7    C5     sing Y N 103 
GDP C5    C6     sing N N 104 
GDP C5    C4     doub Y N 105 
GDP C6    O6     doub N N 106 
GDP C6    N1     sing N N 107 
GDP N1    C2     sing N N 108 
GDP N1    HN1    sing N N 109 
GDP C2    N2     sing N N 110 
GDP C2    N3     doub N N 111 
GDP N2    HN21   sing N N 112 
GDP N2    HN22   sing N N 113 
GDP N3    C4     sing N N 114 
GLN N     CA     sing N N 115 
GLN N     H      sing N N 116 
GLN N     H2     sing N N 117 
GLN CA    C      sing N N 118 
GLN CA    CB     sing N N 119 
GLN CA    HA     sing N N 120 
GLN C     O      doub N N 121 
GLN C     OXT    sing N N 122 
GLN CB    CG     sing N N 123 
GLN CB    HB2    sing N N 124 
GLN CB    HB3    sing N N 125 
GLN CG    CD     sing N N 126 
GLN CG    HG2    sing N N 127 
GLN CG    HG3    sing N N 128 
GLN CD    OE1    doub N N 129 
GLN CD    NE2    sing N N 130 
GLN NE2   HE21   sing N N 131 
GLN NE2   HE22   sing N N 132 
GLN OXT   HXT    sing N N 133 
GLU N     CA     sing N N 134 
GLU N     H      sing N N 135 
GLU N     H2     sing N N 136 
GLU CA    C      sing N N 137 
GLU CA    CB     sing N N 138 
GLU CA    HA     sing N N 139 
GLU C     O      doub N N 140 
GLU C     OXT    sing N N 141 
GLU CB    CG     sing N N 142 
GLU CB    HB2    sing N N 143 
GLU CB    HB3    sing N N 144 
GLU CG    CD     sing N N 145 
GLU CG    HG2    sing N N 146 
GLU CG    HG3    sing N N 147 
GLU CD    OE1    doub N N 148 
GLU CD    OE2    sing N N 149 
GLU OE2   HE2    sing N N 150 
GLU OXT   HXT    sing N N 151 
GLY N     CA     sing N N 152 
GLY N     H      sing N N 153 
GLY N     H2     sing N N 154 
GLY CA    C      sing N N 155 
GLY CA    HA2    sing N N 156 
GLY CA    HA3    sing N N 157 
GLY C     O      doub N N 158 
GLY C     OXT    sing N N 159 
GLY OXT   HXT    sing N N 160 
HIS N     CA     sing N N 161 
HIS N     H      sing N N 162 
HIS N     H2     sing N N 163 
HIS CA    C      sing N N 164 
HIS CA    CB     sing N N 165 
HIS CA    HA     sing N N 166 
HIS C     O      doub N N 167 
HIS C     OXT    sing N N 168 
HIS CB    CG     sing N N 169 
HIS CB    HB2    sing N N 170 
HIS CB    HB3    sing N N 171 
HIS CG    ND1    sing Y N 172 
HIS CG    CD2    doub Y N 173 
HIS ND1   CE1    doub Y N 174 
HIS ND1   HD1    sing N N 175 
HIS CD2   NE2    sing Y N 176 
HIS CD2   HD2    sing N N 177 
HIS CE1   NE2    sing Y N 178 
HIS CE1   HE1    sing N N 179 
HIS NE2   HE2    sing N N 180 
HIS OXT   HXT    sing N N 181 
HOH O     H1     sing N N 182 
HOH O     H2     sing N N 183 
ILE N     CA     sing N N 184 
ILE N     H      sing N N 185 
ILE N     H2     sing N N 186 
ILE CA    C      sing N N 187 
ILE CA    CB     sing N N 188 
ILE CA    HA     sing N N 189 
ILE C     O      doub N N 190 
ILE C     OXT    sing N N 191 
ILE CB    CG1    sing N N 192 
ILE CB    CG2    sing N N 193 
ILE CB    HB     sing N N 194 
ILE CG1   CD1    sing N N 195 
ILE CG1   HG12   sing N N 196 
ILE CG1   HG13   sing N N 197 
ILE CG2   HG21   sing N N 198 
ILE CG2   HG22   sing N N 199 
ILE CG2   HG23   sing N N 200 
ILE CD1   HD11   sing N N 201 
ILE CD1   HD12   sing N N 202 
ILE CD1   HD13   sing N N 203 
ILE OXT   HXT    sing N N 204 
LEU N     CA     sing N N 205 
LEU N     H      sing N N 206 
LEU N     H2     sing N N 207 
LEU CA    C      sing N N 208 
LEU CA    CB     sing N N 209 
LEU CA    HA     sing N N 210 
LEU C     O      doub N N 211 
LEU C     OXT    sing N N 212 
LEU CB    CG     sing N N 213 
LEU CB    HB2    sing N N 214 
LEU CB    HB3    sing N N 215 
LEU CG    CD1    sing N N 216 
LEU CG    CD2    sing N N 217 
LEU CG    HG     sing N N 218 
LEU CD1   HD11   sing N N 219 
LEU CD1   HD12   sing N N 220 
LEU CD1   HD13   sing N N 221 
LEU CD2   HD21   sing N N 222 
LEU CD2   HD22   sing N N 223 
LEU CD2   HD23   sing N N 224 
LEU OXT   HXT    sing N N 225 
LYS N     CA     sing N N 226 
LYS N     H      sing N N 227 
LYS N     H2     sing N N 228 
LYS CA    C      sing N N 229 
LYS CA    CB     sing N N 230 
LYS CA    HA     sing N N 231 
LYS C     O      doub N N 232 
LYS C     OXT    sing N N 233 
LYS CB    CG     sing N N 234 
LYS CB    HB2    sing N N 235 
LYS CB    HB3    sing N N 236 
LYS CG    CD     sing N N 237 
LYS CG    HG2    sing N N 238 
LYS CG    HG3    sing N N 239 
LYS CD    CE     sing N N 240 
LYS CD    HD2    sing N N 241 
LYS CD    HD3    sing N N 242 
LYS CE    NZ     sing N N 243 
LYS CE    HE2    sing N N 244 
LYS CE    HE3    sing N N 245 
LYS NZ    HZ1    sing N N 246 
LYS NZ    HZ2    sing N N 247 
LYS NZ    HZ3    sing N N 248 
LYS OXT   HXT    sing N N 249 
MET N     CA     sing N N 250 
MET N     H      sing N N 251 
MET N     H2     sing N N 252 
MET CA    C      sing N N 253 
MET CA    CB     sing N N 254 
MET CA    HA     sing N N 255 
MET C     O      doub N N 256 
MET C     OXT    sing N N 257 
MET CB    CG     sing N N 258 
MET CB    HB2    sing N N 259 
MET CB    HB3    sing N N 260 
MET CG    SD     sing N N 261 
MET CG    HG2    sing N N 262 
MET CG    HG3    sing N N 263 
MET SD    CE     sing N N 264 
MET CE    HE1    sing N N 265 
MET CE    HE2    sing N N 266 
MET CE    HE3    sing N N 267 
MET OXT   HXT    sing N N 268 
PHE N     CA     sing N N 269 
PHE N     H      sing N N 270 
PHE N     H2     sing N N 271 
PHE CA    C      sing N N 272 
PHE CA    CB     sing N N 273 
PHE CA    HA     sing N N 274 
PHE C     O      doub N N 275 
PHE C     OXT    sing N N 276 
PHE CB    CG     sing N N 277 
PHE CB    HB2    sing N N 278 
PHE CB    HB3    sing N N 279 
PHE CG    CD1    doub Y N 280 
PHE CG    CD2    sing Y N 281 
PHE CD1   CE1    sing Y N 282 
PHE CD1   HD1    sing N N 283 
PHE CD2   CE2    doub Y N 284 
PHE CD2   HD2    sing N N 285 
PHE CE1   CZ     doub Y N 286 
PHE CE1   HE1    sing N N 287 
PHE CE2   CZ     sing Y N 288 
PHE CE2   HE2    sing N N 289 
PHE CZ    HZ     sing N N 290 
PHE OXT   HXT    sing N N 291 
PRO N     CA     sing N N 292 
PRO N     CD     sing N N 293 
PRO N     H      sing N N 294 
PRO CA    C      sing N N 295 
PRO CA    CB     sing N N 296 
PRO CA    HA     sing N N 297 
PRO C     O      doub N N 298 
PRO C     OXT    sing N N 299 
PRO CB    CG     sing N N 300 
PRO CB    HB2    sing N N 301 
PRO CB    HB3    sing N N 302 
PRO CG    CD     sing N N 303 
PRO CG    HG2    sing N N 304 
PRO CG    HG3    sing N N 305 
PRO CD    HD2    sing N N 306 
PRO CD    HD3    sing N N 307 
PRO OXT   HXT    sing N N 308 
SER N     CA     sing N N 309 
SER N     H      sing N N 310 
SER N     H2     sing N N 311 
SER CA    C      sing N N 312 
SER CA    CB     sing N N 313 
SER CA    HA     sing N N 314 
SER C     O      doub N N 315 
SER C     OXT    sing N N 316 
SER CB    OG     sing N N 317 
SER CB    HB2    sing N N 318 
SER CB    HB3    sing N N 319 
SER OG    HG     sing N N 320 
SER OXT   HXT    sing N N 321 
THR N     CA     sing N N 322 
THR N     H      sing N N 323 
THR N     H2     sing N N 324 
THR CA    C      sing N N 325 
THR CA    CB     sing N N 326 
THR CA    HA     sing N N 327 
THR C     O      doub N N 328 
THR C     OXT    sing N N 329 
THR CB    OG1    sing N N 330 
THR CB    CG2    sing N N 331 
THR CB    HB     sing N N 332 
THR OG1   HG1    sing N N 333 
THR CG2   HG21   sing N N 334 
THR CG2   HG22   sing N N 335 
THR CG2   HG23   sing N N 336 
THR OXT   HXT    sing N N 337 
TRP N     CA     sing N N 338 
TRP N     H      sing N N 339 
TRP N     H2     sing N N 340 
TRP CA    C      sing N N 341 
TRP CA    CB     sing N N 342 
TRP CA    HA     sing N N 343 
TRP C     O      doub N N 344 
TRP C     OXT    sing N N 345 
TRP CB    CG     sing N N 346 
TRP CB    HB2    sing N N 347 
TRP CB    HB3    sing N N 348 
TRP CG    CD1    doub Y N 349 
TRP CG    CD2    sing Y N 350 
TRP CD1   NE1    sing Y N 351 
TRP CD1   HD1    sing N N 352 
TRP CD2   CE2    doub Y N 353 
TRP CD2   CE3    sing Y N 354 
TRP NE1   CE2    sing Y N 355 
TRP NE1   HE1    sing N N 356 
TRP CE2   CZ2    sing Y N 357 
TRP CE3   CZ3    doub Y N 358 
TRP CE3   HE3    sing N N 359 
TRP CZ2   CH2    doub Y N 360 
TRP CZ2   HZ2    sing N N 361 
TRP CZ3   CH2    sing Y N 362 
TRP CZ3   HZ3    sing N N 363 
TRP CH2   HH2    sing N N 364 
TRP OXT   HXT    sing N N 365 
TYR N     CA     sing N N 366 
TYR N     H      sing N N 367 
TYR N     H2     sing N N 368 
TYR CA    C      sing N N 369 
TYR CA    CB     sing N N 370 
TYR CA    HA     sing N N 371 
TYR C     O      doub N N 372 
TYR C     OXT    sing N N 373 
TYR CB    CG     sing N N 374 
TYR CB    HB2    sing N N 375 
TYR CB    HB3    sing N N 376 
TYR CG    CD1    doub Y N 377 
TYR CG    CD2    sing Y N 378 
TYR CD1   CE1    sing Y N 379 
TYR CD1   HD1    sing N N 380 
TYR CD2   CE2    doub Y N 381 
TYR CD2   HD2    sing N N 382 
TYR CE1   CZ     doub Y N 383 
TYR CE1   HE1    sing N N 384 
TYR CE2   CZ     sing Y N 385 
TYR CE2   HE2    sing N N 386 
TYR CZ    OH     sing N N 387 
TYR OH    HH     sing N N 388 
TYR OXT   HXT    sing N N 389 
VAL N     CA     sing N N 390 
VAL N     H      sing N N 391 
VAL N     H2     sing N N 392 
VAL CA    C      sing N N 393 
VAL CA    CB     sing N N 394 
VAL CA    HA     sing N N 395 
VAL C     O      doub N N 396 
VAL C     OXT    sing N N 397 
VAL CB    CG1    sing N N 398 
VAL CB    CG2    sing N N 399 
VAL CB    HB     sing N N 400 
VAL CG1   HG11   sing N N 401 
VAL CG1   HG12   sing N N 402 
VAL CG1   HG13   sing N N 403 
VAL CG2   HG21   sing N N 404 
VAL CG2   HG22   sing N N 405 
VAL CG2   HG23   sing N N 406 
VAL OXT   HXT    sing N N 407 
# 
loop_
_pdbx_entity_nonpoly.entity_id 
_pdbx_entity_nonpoly.name 
_pdbx_entity_nonpoly.comp_id 
2 'MAGNESIUM ION'            MG  
3 "GUANOSINE-5'-DIPHOSPHATE" GDP 
4 'UNKNOWN ATOM OR ION'      UNX 
5 water                      HOH 
# 
_pdbx_initial_refinement_model.id               1 
_pdbx_initial_refinement_model.entity_id_list   ? 
_pdbx_initial_refinement_model.type             'experimental model' 
_pdbx_initial_refinement_model.source_name      PDB 
_pdbx_initial_refinement_model.accession_code   1OIX 
_pdbx_initial_refinement_model.details          'pdb entry 1OIX' 
# 
